data_1OCS
# 
_entry.id   1OCS 
# 
_audit_conform.dict_name       mmcif_pdbx.dic 
_audit_conform.dict_version    5.397 
_audit_conform.dict_location   http://mmcif.pdb.org/dictionaries/ascii/mmcif_pdbx.dic 
# 
loop_
_database_2.database_id 
_database_2.database_code 
_database_2.pdbx_database_accession 
_database_2.pdbx_DOI 
PDB   1OCS         pdb_00001ocs 10.2210/pdb1ocs/pdb 
PDBE  EBI-12135    ?            ?                   
WWPDB D_1290012135 ?            ?                   
# 
loop_
_pdbx_audit_revision_history.ordinal 
_pdbx_audit_revision_history.data_content_type 
_pdbx_audit_revision_history.major_revision 
_pdbx_audit_revision_history.minor_revision 
_pdbx_audit_revision_history.revision_date 
1 'Structure model' 1 0 2003-12-12 
2 'Structure model' 1 1 2011-05-08 
3 'Structure model' 1 2 2011-07-13 
4 'Structure model' 1 3 2024-10-16 
# 
_pdbx_audit_revision_details.ordinal             1 
_pdbx_audit_revision_details.revision_ordinal    1 
_pdbx_audit_revision_details.data_content_type   'Structure model' 
_pdbx_audit_revision_details.provider            repository 
_pdbx_audit_revision_details.type                'Initial release' 
_pdbx_audit_revision_details.description         ? 
_pdbx_audit_revision_details.details             ? 
# 
loop_
_pdbx_audit_revision_group.ordinal 
_pdbx_audit_revision_group.revision_ordinal 
_pdbx_audit_revision_group.data_content_type 
_pdbx_audit_revision_group.group 
1 2 'Structure model' 'Version format compliance' 
2 3 'Structure model' 'Version format compliance' 
3 4 'Structure model' 'Data collection'           
4 4 'Structure model' 'Database references'       
5 4 'Structure model' 'Derived calculations'      
6 4 'Structure model' Other                       
7 4 'Structure model' 'Structure summary'         
# 
loop_
_pdbx_audit_revision_category.ordinal 
_pdbx_audit_revision_category.revision_ordinal 
_pdbx_audit_revision_category.data_content_type 
_pdbx_audit_revision_category.category 
1 4 'Structure model' chem_comp_atom            
2 4 'Structure model' chem_comp_bond            
3 4 'Structure model' database_2                
4 4 'Structure model' pdbx_database_status      
5 4 'Structure model' pdbx_entry_details        
6 4 'Structure model' pdbx_modification_feature 
7 4 'Structure model' struct_conn               
# 
loop_
_pdbx_audit_revision_item.ordinal 
_pdbx_audit_revision_item.revision_ordinal 
_pdbx_audit_revision_item.data_content_type 
_pdbx_audit_revision_item.item 
1 4 'Structure model' '_database_2.pdbx_DOI'                 
2 4 'Structure model' '_database_2.pdbx_database_accession'  
3 4 'Structure model' '_pdbx_database_status.status_code_sf' 
4 4 'Structure model' '_struct_conn.pdbx_leaving_atom_flag'  
# 
_pdbx_database_status.status_code                     REL 
_pdbx_database_status.entry_id                        1OCS 
_pdbx_database_status.deposit_site                    PDBE 
_pdbx_database_status.process_site                    PDBE 
_pdbx_database_status.SG_entry                        . 
_pdbx_database_status.recvd_initial_deposition_date   2003-02-10 
_pdbx_database_status.pdb_format_compatible           Y 
_pdbx_database_status.status_code_sf                  REL 
_pdbx_database_status.status_code_mr                  ? 
_pdbx_database_status.status_code_cs                  ? 
_pdbx_database_status.methods_development_category    ? 
_pdbx_database_status.status_code_nmr_data            ? 
# 
_pdbx_database_related.db_name        PDB 
_pdbx_database_related.db_id          1OCU 
_pdbx_database_related.content_type   unspecified 
_pdbx_database_related.details        
'CRYSTAL STRUCTURE OF THE YEAST PX-DOAMIN PROTEIN GRD19P (SORTING NEXIN3) COMPLEXED TO PHOSPHATIDYLINOSYTOL-3-PHOSPHATE.' 
# 
loop_
_audit_author.name 
_audit_author.pdbx_ordinal 
'Zhou, C.Z.'                 1  
'Li De La Sierra-Gallay, I.' 2  
'Cheruel, S.'                3  
'Collinet, B.'               4  
'Minard, P.'                 5  
'Blondeau, K.'               6  
'Henkes, G.'                 7  
'Aufrere, R.'                8  
'Leulliot, N.'               9  
'Graille, M.'                10 
'Sorel, I.'                  11 
'Savarin, P.'                12 
'De La Torre, F.'            13 
'Poupon, A.'                 14 
'Janin, J.'                  15 
'Van Tilbeurgh, H.'          16 
# 
_citation.id                        primary 
_citation.title                     
'Crystal Structure of the Yeast Phox Homology (Px) Protein Grd19P (Sorting Nexin 3) Complexed to Phosphatidylinositol-3-Phosphate' 
_citation.journal_abbrev            J.Biol.Chem. 
_citation.journal_volume            278 
_citation.page_first                50371 
_citation.page_last                 ? 
_citation.year                      2003 
_citation.journal_id_ASTM           JBCHA3 
_citation.country                   US 
_citation.journal_id_ISSN           0021-9258 
_citation.journal_id_CSD            0071 
_citation.book_publisher            ? 
_citation.pdbx_database_id_PubMed   14514667 
_citation.pdbx_database_id_DOI      10.1074/JBC.M304392200 
# 
loop_
_citation_author.citation_id 
_citation_author.name 
_citation_author.ordinal 
_citation_author.identifier_ORCID 
primary 'Zhou, C.Z.'                 1  ? 
primary 'Li De La Sierra-Gallay, I.' 2  ? 
primary 'Cheruel, S.'                3  ? 
primary 'Collinet, B.'               4  ? 
primary 'Minard, P.'                 5  ? 
primary 'Blondeau, K.'               6  ? 
primary 'Henkes, G.'                 7  ? 
primary 'Aufrere, R.'                8  ? 
primary 'Leulliot, N.'               9  ? 
primary 'Graille, M.'                10 ? 
primary 'Sorel, I.'                  11 ? 
primary 'Savarin, P.'                12 ? 
primary 'De La Torre, F.'            13 ? 
primary 'Poupon, A.'                 14 ? 
primary 'Janin, J.'                  15 ? 
primary 'Van Tilbeurgh, H.'          16 ? 
# 
loop_
_entity.id 
_entity.type 
_entity.src_method 
_entity.pdbx_description 
_entity.formula_weight 
_entity.pdbx_number_of_molecules 
_entity.pdbx_ec 
_entity.pdbx_mutation 
_entity.pdbx_fragment 
_entity.details 
1 polymer     man 'SORTING NEXIN GRD19' 18876.814 1  ? ? 'PX-DOMAIN, RESIDUES 1-162' 
'CYSTEINE A91 CHEMICALLY MODIFIED BY BETA MERCAPTO-ETHANOL' 
2 non-polymer syn GLYCEROL              92.094    1  ? ? ?                           ? 
3 water       nat water                 18.015    63 ? ? ?                           ? 
# 
_entity_poly.entity_id                      1 
_entity_poly.type                           'polypeptide(L)' 
_entity_poly.nstd_linkage                   no 
_entity_poly.nstd_monomer                   yes 
_entity_poly.pdbx_seq_one_letter_code       
;MPREFKSFGSTEKSLLSKGHGEPSYSEIYAEPENFLEIEVHNPKTHIPNGMDSKGMFTDYEIICRTNLPSFHKRVSKVRR
RYSDFEFFRK(CME)LIKEISMLNHPKVMVPHLPGKILLSNRFSNEVIEERRQGLNTWMQSVAGHPLLQSGSKVLVRFIE
AEKFVG
;
_entity_poly.pdbx_seq_one_letter_code_can   
;MPREFKSFGSTEKSLLSKGHGEPSYSEIYAEPENFLEIEVHNPKTHIPNGMDSKGMFTDYEIICRTNLPSFHKRVSKVRR
RYSDFEFFRKCLIKEISMLNHPKVMVPHLPGKILLSNRFSNEVIEERRQGLNTWMQSVAGHPLLQSGSKVLVRFIEAEKF
VG
;
_entity_poly.pdbx_strand_id                 A 
_entity_poly.pdbx_target_identifier         ? 
# 
loop_
_pdbx_entity_nonpoly.entity_id 
_pdbx_entity_nonpoly.name 
_pdbx_entity_nonpoly.comp_id 
2 GLYCEROL GOL 
3 water    HOH 
# 
loop_
_entity_poly_seq.entity_id 
_entity_poly_seq.num 
_entity_poly_seq.mon_id 
_entity_poly_seq.hetero 
1 1   MET n 
1 2   PRO n 
1 3   ARG n 
1 4   GLU n 
1 5   PHE n 
1 6   LYS n 
1 7   SER n 
1 8   PHE n 
1 9   GLY n 
1 10  SER n 
1 11  THR n 
1 12  GLU n 
1 13  LYS n 
1 14  SER n 
1 15  LEU n 
1 16  LEU n 
1 17  SER n 
1 18  LYS n 
1 19  GLY n 
1 20  HIS n 
1 21  GLY n 
1 22  GLU n 
1 23  PRO n 
1 24  SER n 
1 25  TYR n 
1 26  SER n 
1 27  GLU n 
1 28  ILE n 
1 29  TYR n 
1 30  ALA n 
1 31  GLU n 
1 32  PRO n 
1 33  GLU n 
1 34  ASN n 
1 35  PHE n 
1 36  LEU n 
1 37  GLU n 
1 38  ILE n 
1 39  GLU n 
1 40  VAL n 
1 41  HIS n 
1 42  ASN n 
1 43  PRO n 
1 44  LYS n 
1 45  THR n 
1 46  HIS n 
1 47  ILE n 
1 48  PRO n 
1 49  ASN n 
1 50  GLY n 
1 51  MET n 
1 52  ASP n 
1 53  SER n 
1 54  LYS n 
1 55  GLY n 
1 56  MET n 
1 57  PHE n 
1 58  THR n 
1 59  ASP n 
1 60  TYR n 
1 61  GLU n 
1 62  ILE n 
1 63  ILE n 
1 64  CYS n 
1 65  ARG n 
1 66  THR n 
1 67  ASN n 
1 68  LEU n 
1 69  PRO n 
1 70  SER n 
1 71  PHE n 
1 72  HIS n 
1 73  LYS n 
1 74  ARG n 
1 75  VAL n 
1 76  SER n 
1 77  LYS n 
1 78  VAL n 
1 79  ARG n 
1 80  ARG n 
1 81  ARG n 
1 82  TYR n 
1 83  SER n 
1 84  ASP n 
1 85  PHE n 
1 86  GLU n 
1 87  PHE n 
1 88  PHE n 
1 89  ARG n 
1 90  LYS n 
1 91  CME n 
1 92  LEU n 
1 93  ILE n 
1 94  LYS n 
1 95  GLU n 
1 96  ILE n 
1 97  SER n 
1 98  MET n 
1 99  LEU n 
1 100 ASN n 
1 101 HIS n 
1 102 PRO n 
1 103 LYS n 
1 104 VAL n 
1 105 MET n 
1 106 VAL n 
1 107 PRO n 
1 108 HIS n 
1 109 LEU n 
1 110 PRO n 
1 111 GLY n 
1 112 LYS n 
1 113 ILE n 
1 114 LEU n 
1 115 LEU n 
1 116 SER n 
1 117 ASN n 
1 118 ARG n 
1 119 PHE n 
1 120 SER n 
1 121 ASN n 
1 122 GLU n 
1 123 VAL n 
1 124 ILE n 
1 125 GLU n 
1 126 GLU n 
1 127 ARG n 
1 128 ARG n 
1 129 GLN n 
1 130 GLY n 
1 131 LEU n 
1 132 ASN n 
1 133 THR n 
1 134 TRP n 
1 135 MET n 
1 136 GLN n 
1 137 SER n 
1 138 VAL n 
1 139 ALA n 
1 140 GLY n 
1 141 HIS n 
1 142 PRO n 
1 143 LEU n 
1 144 LEU n 
1 145 GLN n 
1 146 SER n 
1 147 GLY n 
1 148 SER n 
1 149 LYS n 
1 150 VAL n 
1 151 LEU n 
1 152 VAL n 
1 153 ARG n 
1 154 PHE n 
1 155 ILE n 
1 156 GLU n 
1 157 ALA n 
1 158 GLU n 
1 159 LYS n 
1 160 PHE n 
1 161 VAL n 
1 162 GLY n 
# 
_entity_src_gen.entity_id                          1 
_entity_src_gen.pdbx_src_id                        1 
_entity_src_gen.pdbx_alt_source_flag               sample 
_entity_src_gen.pdbx_seq_type                      ? 
_entity_src_gen.pdbx_beg_seq_num                   ? 
_entity_src_gen.pdbx_end_seq_num                   ? 
_entity_src_gen.gene_src_common_name               
;BAKER'S YEAST
;
_entity_src_gen.gene_src_genus                     ? 
_entity_src_gen.pdbx_gene_src_gene                 ? 
_entity_src_gen.gene_src_species                   ? 
_entity_src_gen.gene_src_strain                    S288C 
_entity_src_gen.gene_src_tissue                    ? 
_entity_src_gen.gene_src_tissue_fraction           ? 
_entity_src_gen.gene_src_details                   ? 
_entity_src_gen.pdbx_gene_src_fragment             ? 
_entity_src_gen.pdbx_gene_src_scientific_name      'SACCHAROMYCES CEREVISIAE' 
_entity_src_gen.pdbx_gene_src_ncbi_taxonomy_id     4932 
_entity_src_gen.pdbx_gene_src_variant              ? 
_entity_src_gen.pdbx_gene_src_cell_line            ? 
_entity_src_gen.pdbx_gene_src_atcc                 ? 
_entity_src_gen.pdbx_gene_src_organ                ? 
_entity_src_gen.pdbx_gene_src_organelle            ? 
_entity_src_gen.pdbx_gene_src_cell                 ? 
_entity_src_gen.pdbx_gene_src_cellular_location    ? 
_entity_src_gen.host_org_common_name               ? 
_entity_src_gen.pdbx_host_org_scientific_name      'ESCHERICHIA COLI' 
_entity_src_gen.pdbx_host_org_ncbi_taxonomy_id     469008 
_entity_src_gen.host_org_genus                     ? 
_entity_src_gen.pdbx_host_org_gene                 ? 
_entity_src_gen.pdbx_host_org_organ                ? 
_entity_src_gen.host_org_species                   ? 
_entity_src_gen.pdbx_host_org_tissue               ? 
_entity_src_gen.pdbx_host_org_tissue_fraction      ? 
_entity_src_gen.pdbx_host_org_strain               'BL21(DE3)' 
_entity_src_gen.pdbx_host_org_variant              ? 
_entity_src_gen.pdbx_host_org_cell_line            ? 
_entity_src_gen.pdbx_host_org_atcc                 ? 
_entity_src_gen.pdbx_host_org_culture_collection   ? 
_entity_src_gen.pdbx_host_org_cell                 ? 
_entity_src_gen.pdbx_host_org_organelle            ? 
_entity_src_gen.pdbx_host_org_cellular_location    ? 
_entity_src_gen.pdbx_host_org_vector_type          ? 
_entity_src_gen.pdbx_host_org_vector               ? 
_entity_src_gen.host_org_details                   ? 
_entity_src_gen.expression_system_id               ? 
_entity_src_gen.plasmid_name                       PET9 
_entity_src_gen.plasmid_details                    ? 
_entity_src_gen.pdbx_description                   'CLONED GENE' 
# 
loop_
_chem_comp.id 
_chem_comp.type 
_chem_comp.mon_nstd_flag 
_chem_comp.name 
_chem_comp.pdbx_synonyms 
_chem_comp.formula 
_chem_comp.formula_weight 
ALA 'L-peptide linking' y ALANINE                            ?                               'C3 H7 N O2'     89.093  
ARG 'L-peptide linking' y ARGININE                           ?                               'C6 H15 N4 O2 1' 175.209 
ASN 'L-peptide linking' y ASPARAGINE                         ?                               'C4 H8 N2 O3'    132.118 
ASP 'L-peptide linking' y 'ASPARTIC ACID'                    ?                               'C4 H7 N O4'     133.103 
CME 'L-peptide linking' n 'S,S-(2-HYDROXYETHYL)THIOCYSTEINE' ?                               'C5 H11 N O3 S2' 197.276 
CYS 'L-peptide linking' y CYSTEINE                           ?                               'C3 H7 N O2 S'   121.158 
GLN 'L-peptide linking' y GLUTAMINE                          ?                               'C5 H10 N2 O3'   146.144 
GLU 'L-peptide linking' y 'GLUTAMIC ACID'                    ?                               'C5 H9 N O4'     147.129 
GLY 'peptide linking'   y GLYCINE                            ?                               'C2 H5 N O2'     75.067  
GOL non-polymer         . GLYCEROL                           'GLYCERIN; PROPANE-1,2,3-TRIOL' 'C3 H8 O3'       92.094  
HIS 'L-peptide linking' y HISTIDINE                          ?                               'C6 H10 N3 O2 1' 156.162 
HOH non-polymer         . WATER                              ?                               'H2 O'           18.015  
ILE 'L-peptide linking' y ISOLEUCINE                         ?                               'C6 H13 N O2'    131.173 
LEU 'L-peptide linking' y LEUCINE                            ?                               'C6 H13 N O2'    131.173 
LYS 'L-peptide linking' y LYSINE                             ?                               'C6 H15 N2 O2 1' 147.195 
MET 'L-peptide linking' y METHIONINE                         ?                               'C5 H11 N O2 S'  149.211 
PHE 'L-peptide linking' y PHENYLALANINE                      ?                               'C9 H11 N O2'    165.189 
PRO 'L-peptide linking' y PROLINE                            ?                               'C5 H9 N O2'     115.130 
SER 'L-peptide linking' y SERINE                             ?                               'C3 H7 N O3'     105.093 
THR 'L-peptide linking' y THREONINE                          ?                               'C4 H9 N O3'     119.119 
TRP 'L-peptide linking' y TRYPTOPHAN                         ?                               'C11 H12 N2 O2'  204.225 
TYR 'L-peptide linking' y TYROSINE                           ?                               'C9 H11 N O3'    181.189 
VAL 'L-peptide linking' y VALINE                             ?                               'C5 H11 N O2'    117.146 
# 
loop_
_pdbx_poly_seq_scheme.asym_id 
_pdbx_poly_seq_scheme.entity_id 
_pdbx_poly_seq_scheme.seq_id 
_pdbx_poly_seq_scheme.mon_id 
_pdbx_poly_seq_scheme.ndb_seq_num 
_pdbx_poly_seq_scheme.pdb_seq_num 
_pdbx_poly_seq_scheme.auth_seq_num 
_pdbx_poly_seq_scheme.pdb_mon_id 
_pdbx_poly_seq_scheme.auth_mon_id 
_pdbx_poly_seq_scheme.pdb_strand_id 
_pdbx_poly_seq_scheme.pdb_ins_code 
_pdbx_poly_seq_scheme.hetero 
A 1 1   MET 1   1   ?   ?   ?   A . n 
A 1 2   PRO 2   2   ?   ?   ?   A . n 
A 1 3   ARG 3   3   ?   ?   ?   A . n 
A 1 4   GLU 4   4   ?   ?   ?   A . n 
A 1 5   PHE 5   5   ?   ?   ?   A . n 
A 1 6   LYS 6   6   ?   ?   ?   A . n 
A 1 7   SER 7   7   ?   ?   ?   A . n 
A 1 8   PHE 8   8   ?   ?   ?   A . n 
A 1 9   GLY 9   9   ?   ?   ?   A . n 
A 1 10  SER 10  10  ?   ?   ?   A . n 
A 1 11  THR 11  11  ?   ?   ?   A . n 
A 1 12  GLU 12  12  ?   ?   ?   A . n 
A 1 13  LYS 13  13  ?   ?   ?   A . n 
A 1 14  SER 14  14  ?   ?   ?   A . n 
A 1 15  LEU 15  15  ?   ?   ?   A . n 
A 1 16  LEU 16  16  ?   ?   ?   A . n 
A 1 17  SER 17  17  ?   ?   ?   A . n 
A 1 18  LYS 18  18  ?   ?   ?   A . n 
A 1 19  GLY 19  19  ?   ?   ?   A . n 
A 1 20  HIS 20  20  ?   ?   ?   A . n 
A 1 21  GLY 21  21  ?   ?   ?   A . n 
A 1 22  GLU 22  22  ?   ?   ?   A . n 
A 1 23  PRO 23  23  ?   ?   ?   A . n 
A 1 24  SER 24  24  ?   ?   ?   A . n 
A 1 25  TYR 25  25  ?   ?   ?   A . n 
A 1 26  SER 26  26  ?   ?   ?   A . n 
A 1 27  GLU 27  27  ?   ?   ?   A . n 
A 1 28  ILE 28  28  ?   ?   ?   A . n 
A 1 29  TYR 29  29  ?   ?   ?   A . n 
A 1 30  ALA 30  30  30  ALA ALA A . n 
A 1 31  GLU 31  31  31  GLU GLU A . n 
A 1 32  PRO 32  32  32  PRO PRO A . n 
A 1 33  GLU 33  33  33  GLU GLU A . n 
A 1 34  ASN 34  34  34  ASN ASN A . n 
A 1 35  PHE 35  35  35  PHE PHE A . n 
A 1 36  LEU 36  36  36  LEU LEU A . n 
A 1 37  GLU 37  37  37  GLU GLU A . n 
A 1 38  ILE 38  38  38  ILE ILE A . n 
A 1 39  GLU 39  39  39  GLU GLU A . n 
A 1 40  VAL 40  40  40  VAL VAL A . n 
A 1 41  HIS 41  41  41  HIS HIS A . n 
A 1 42  ASN 42  42  42  ASN ASN A . n 
A 1 43  PRO 43  43  43  PRO PRO A . n 
A 1 44  LYS 44  44  44  LYS LYS A . n 
A 1 45  THR 45  45  45  THR THR A . n 
A 1 46  HIS 46  46  46  HIS HIS A . n 
A 1 47  ILE 47  47  47  ILE ILE A . n 
A 1 48  PRO 48  48  48  PRO PRO A . n 
A 1 49  ASN 49  49  49  ASN ASN A . n 
A 1 50  GLY 50  50  50  GLY GLY A . n 
A 1 51  MET 51  51  51  MET MET A . n 
A 1 52  ASP 52  52  52  ASP ASP A . n 
A 1 53  SER 53  53  53  SER SER A . n 
A 1 54  LYS 54  54  54  LYS LYS A . n 
A 1 55  GLY 55  55  55  GLY GLY A . n 
A 1 56  MET 56  56  56  MET MET A . n 
A 1 57  PHE 57  57  57  PHE PHE A . n 
A 1 58  THR 58  58  58  THR THR A . n 
A 1 59  ASP 59  59  59  ASP ASP A . n 
A 1 60  TYR 60  60  60  TYR TYR A . n 
A 1 61  GLU 61  61  61  GLU GLU A . n 
A 1 62  ILE 62  62  62  ILE ILE A . n 
A 1 63  ILE 63  63  63  ILE ILE A . n 
A 1 64  CYS 64  64  64  CYS CYS A . n 
A 1 65  ARG 65  65  65  ARG ARG A . n 
A 1 66  THR 66  66  66  THR THR A . n 
A 1 67  ASN 67  67  67  ASN ASN A . n 
A 1 68  LEU 68  68  68  LEU LEU A . n 
A 1 69  PRO 69  69  69  PRO PRO A . n 
A 1 70  SER 70  70  70  SER SER A . n 
A 1 71  PHE 71  71  71  PHE PHE A . n 
A 1 72  HIS 72  72  72  HIS HIS A . n 
A 1 73  LYS 73  73  73  LYS LYS A . n 
A 1 74  ARG 74  74  74  ARG ARG A . n 
A 1 75  VAL 75  75  75  VAL VAL A . n 
A 1 76  SER 76  76  76  SER SER A . n 
A 1 77  LYS 77  77  77  LYS LYS A . n 
A 1 78  VAL 78  78  78  VAL VAL A . n 
A 1 79  ARG 79  79  79  ARG ARG A . n 
A 1 80  ARG 80  80  80  ARG ARG A . n 
A 1 81  ARG 81  81  81  ARG ARG A . n 
A 1 82  TYR 82  82  82  TYR TYR A . n 
A 1 83  SER 83  83  83  SER SER A . n 
A 1 84  ASP 84  84  84  ASP ASP A . n 
A 1 85  PHE 85  85  85  PHE PHE A . n 
A 1 86  GLU 86  86  86  GLU GLU A . n 
A 1 87  PHE 87  87  87  PHE PHE A . n 
A 1 88  PHE 88  88  88  PHE PHE A . n 
A 1 89  ARG 89  89  89  ARG ARG A . n 
A 1 90  LYS 90  90  90  LYS LYS A . n 
A 1 91  CME 91  91  91  CME CME A . n 
A 1 92  LEU 92  92  92  LEU LEU A . n 
A 1 93  ILE 93  93  93  ILE ILE A . n 
A 1 94  LYS 94  94  94  LYS LYS A . n 
A 1 95  GLU 95  95  95  GLU GLU A . n 
A 1 96  ILE 96  96  96  ILE ILE A . n 
A 1 97  SER 97  97  97  SER SER A . n 
A 1 98  MET 98  98  98  MET MET A . n 
A 1 99  LEU 99  99  99  LEU LEU A . n 
A 1 100 ASN 100 100 100 ASN ASN A . n 
A 1 101 HIS 101 101 101 HIS HIS A . n 
A 1 102 PRO 102 102 102 PRO PRO A . n 
A 1 103 LYS 103 103 103 LYS LYS A . n 
A 1 104 VAL 104 104 104 VAL VAL A . n 
A 1 105 MET 105 105 105 MET MET A . n 
A 1 106 VAL 106 106 106 VAL VAL A . n 
A 1 107 PRO 107 107 107 PRO PRO A . n 
A 1 108 HIS 108 108 108 HIS HIS A . n 
A 1 109 LEU 109 109 109 LEU LEU A . n 
A 1 110 PRO 110 110 110 PRO PRO A . n 
A 1 111 GLY 111 111 111 GLY GLY A . n 
A 1 112 LYS 112 112 112 LYS LYS A . n 
A 1 113 ILE 113 113 113 ILE ILE A . n 
A 1 114 LEU 114 114 114 LEU LEU A . n 
A 1 115 LEU 115 115 115 LEU LEU A . n 
A 1 116 SER 116 116 116 SER SER A . n 
A 1 117 ASN 117 117 117 ASN ASN A . n 
A 1 118 ARG 118 118 118 ARG ARG A . n 
A 1 119 PHE 119 119 119 PHE PHE A . n 
A 1 120 SER 120 120 120 SER SER A . n 
A 1 121 ASN 121 121 121 ASN ASN A . n 
A 1 122 GLU 122 122 122 GLU GLU A . n 
A 1 123 VAL 123 123 123 VAL VAL A . n 
A 1 124 ILE 124 124 124 ILE ILE A . n 
A 1 125 GLU 125 125 125 GLU GLU A . n 
A 1 126 GLU 126 126 126 GLU GLU A . n 
A 1 127 ARG 127 127 127 ARG ARG A . n 
A 1 128 ARG 128 128 128 ARG ARG A . n 
A 1 129 GLN 129 129 129 GLN GLN A . n 
A 1 130 GLY 130 130 130 GLY GLY A . n 
A 1 131 LEU 131 131 131 LEU LEU A . n 
A 1 132 ASN 132 132 132 ASN ASN A . n 
A 1 133 THR 133 133 133 THR THR A . n 
A 1 134 TRP 134 134 134 TRP TRP A . n 
A 1 135 MET 135 135 135 MET MET A . n 
A 1 136 GLN 136 136 136 GLN GLN A . n 
A 1 137 SER 137 137 137 SER SER A . n 
A 1 138 VAL 138 138 138 VAL VAL A . n 
A 1 139 ALA 139 139 139 ALA ALA A . n 
A 1 140 GLY 140 140 140 GLY GLY A . n 
A 1 141 HIS 141 141 141 HIS HIS A . n 
A 1 142 PRO 142 142 142 PRO PRO A . n 
A 1 143 LEU 143 143 143 LEU LEU A . n 
A 1 144 LEU 144 144 144 LEU LEU A . n 
A 1 145 GLN 145 145 145 GLN GLN A . n 
A 1 146 SER 146 146 146 SER SER A . n 
A 1 147 GLY 147 147 147 GLY GLY A . n 
A 1 148 SER 148 148 148 SER SER A . n 
A 1 149 LYS 149 149 149 LYS LYS A . n 
A 1 150 VAL 150 150 150 VAL VAL A . n 
A 1 151 LEU 151 151 151 LEU LEU A . n 
A 1 152 VAL 152 152 152 VAL VAL A . n 
A 1 153 ARG 153 153 153 ARG ARG A . n 
A 1 154 PHE 154 154 154 PHE PHE A . n 
A 1 155 ILE 155 155 155 ILE ILE A . n 
A 1 156 GLU 156 156 156 GLU GLU A . n 
A 1 157 ALA 157 157 157 ALA ALA A . n 
A 1 158 GLU 158 158 158 GLU GLU A . n 
A 1 159 LYS 159 159 159 LYS LYS A . n 
A 1 160 PHE 160 160 160 PHE PHE A . n 
A 1 161 VAL 161 161 161 VAL VAL A . n 
A 1 162 GLY 162 162 ?   ?   ?   A . n 
# 
loop_
_pdbx_nonpoly_scheme.asym_id 
_pdbx_nonpoly_scheme.entity_id 
_pdbx_nonpoly_scheme.mon_id 
_pdbx_nonpoly_scheme.ndb_seq_num 
_pdbx_nonpoly_scheme.pdb_seq_num 
_pdbx_nonpoly_scheme.auth_seq_num 
_pdbx_nonpoly_scheme.pdb_mon_id 
_pdbx_nonpoly_scheme.auth_mon_id 
_pdbx_nonpoly_scheme.pdb_strand_id 
_pdbx_nonpoly_scheme.pdb_ins_code 
B 2 GOL 1  1163 1163 GOL GOL A . 
C 3 HOH 1  2001 2001 HOH HOH A . 
C 3 HOH 2  2002 2002 HOH HOH A . 
C 3 HOH 3  2003 2003 HOH HOH A . 
C 3 HOH 4  2004 2004 HOH HOH A . 
C 3 HOH 5  2005 2005 HOH HOH A . 
C 3 HOH 6  2006 2006 HOH HOH A . 
C 3 HOH 7  2007 2007 HOH HOH A . 
C 3 HOH 8  2008 2008 HOH HOH A . 
C 3 HOH 9  2009 2009 HOH HOH A . 
C 3 HOH 10 2010 2010 HOH HOH A . 
C 3 HOH 11 2011 2011 HOH HOH A . 
C 3 HOH 12 2012 2012 HOH HOH A . 
C 3 HOH 13 2013 2013 HOH HOH A . 
C 3 HOH 14 2014 2014 HOH HOH A . 
C 3 HOH 15 2015 2015 HOH HOH A . 
C 3 HOH 16 2016 2016 HOH HOH A . 
C 3 HOH 17 2017 2017 HOH HOH A . 
C 3 HOH 18 2018 2018 HOH HOH A . 
C 3 HOH 19 2019 2019 HOH HOH A . 
C 3 HOH 20 2020 2020 HOH HOH A . 
C 3 HOH 21 2021 2021 HOH HOH A . 
C 3 HOH 22 2022 2022 HOH HOH A . 
C 3 HOH 23 2023 2023 HOH HOH A . 
C 3 HOH 24 2024 2024 HOH HOH A . 
C 3 HOH 25 2025 2025 HOH HOH A . 
C 3 HOH 26 2026 2026 HOH HOH A . 
C 3 HOH 27 2027 2027 HOH HOH A . 
C 3 HOH 28 2028 2028 HOH HOH A . 
C 3 HOH 29 2029 2029 HOH HOH A . 
C 3 HOH 30 2030 2030 HOH HOH A . 
C 3 HOH 31 2031 2031 HOH HOH A . 
C 3 HOH 32 2032 2032 HOH HOH A . 
C 3 HOH 33 2033 2033 HOH HOH A . 
C 3 HOH 34 2034 2034 HOH HOH A . 
C 3 HOH 35 2035 2035 HOH HOH A . 
C 3 HOH 36 2036 2036 HOH HOH A . 
C 3 HOH 37 2037 2037 HOH HOH A . 
C 3 HOH 38 2038 2038 HOH HOH A . 
C 3 HOH 39 2039 2039 HOH HOH A . 
C 3 HOH 40 2040 2040 HOH HOH A . 
C 3 HOH 41 2041 2041 HOH HOH A . 
C 3 HOH 42 2042 2042 HOH HOH A . 
C 3 HOH 43 2043 2043 HOH HOH A . 
C 3 HOH 44 2044 2044 HOH HOH A . 
C 3 HOH 45 2045 2045 HOH HOH A . 
C 3 HOH 46 2046 2046 HOH HOH A . 
C 3 HOH 47 2047 2047 HOH HOH A . 
C 3 HOH 48 2048 2048 HOH HOH A . 
C 3 HOH 49 2049 2049 HOH HOH A . 
C 3 HOH 50 2050 2050 HOH HOH A . 
C 3 HOH 51 2051 2051 HOH HOH A . 
C 3 HOH 52 2052 2052 HOH HOH A . 
C 3 HOH 53 2053 2053 HOH HOH A . 
C 3 HOH 54 2054 2054 HOH HOH A . 
C 3 HOH 55 2055 2055 HOH HOH A . 
C 3 HOH 56 2056 2056 HOH HOH A . 
C 3 HOH 57 2057 2057 HOH HOH A . 
C 3 HOH 58 2058 2058 HOH HOH A . 
C 3 HOH 59 2059 2059 HOH HOH A . 
C 3 HOH 60 2060 2060 HOH HOH A . 
C 3 HOH 61 2061 2061 HOH HOH A . 
C 3 HOH 62 2062 2062 HOH HOH A . 
C 3 HOH 63 2063 2063 HOH HOH A . 
# 
loop_
_software.name 
_software.classification 
_software.version 
_software.citation_id 
_software.pdbx_ordinal 
CNS       refinement       1.0 ? 1 
DENZO     'data reduction' .   ? 2 
SCALEPACK 'data scaling'   .   ? 3 
# 
_cell.entry_id           1OCS 
_cell.length_a           55.730 
_cell.length_b           55.730 
_cell.length_c           187.510 
_cell.angle_alpha        90.00 
_cell.angle_beta         90.00 
_cell.angle_gamma        120.00 
_cell.Z_PDB              12 
_cell.pdbx_unique_axis   ? 
# 
_symmetry.entry_id                         1OCS 
_symmetry.space_group_name_H-M             'P 61 2 2' 
_symmetry.pdbx_full_space_group_name_H-M   ? 
_symmetry.cell_setting                     ? 
_symmetry.Int_Tables_number                178 
# 
_exptl.entry_id          1OCS 
_exptl.method            'X-RAY DIFFRACTION' 
_exptl.crystals_number   1 
# 
_exptl_crystal.id                    1 
_exptl_crystal.density_meas          ? 
_exptl_crystal.density_Matthews      2.23 
_exptl_crystal.density_percent_sol   44 
_exptl_crystal.description           ? 
# 
_exptl_crystal_grow.crystal_id      1 
_exptl_crystal_grow.method          ? 
_exptl_crystal_grow.temp            ? 
_exptl_crystal_grow.temp_details    ? 
_exptl_crystal_grow.pH              6.80 
_exptl_crystal_grow.pdbx_pH_range   ? 
_exptl_crystal_grow.pdbx_details    '16% PEG 4000, 0.1M NA-HEPES PH7,5, pH 6.80' 
# 
_diffrn.id                     1 
_diffrn.ambient_temp           100.0 
_diffrn.ambient_temp_details   ? 
_diffrn.crystal_id             1 
# 
_diffrn_detector.diffrn_id              1 
_diffrn_detector.detector               ? 
_diffrn_detector.type                   ? 
_diffrn_detector.pdbx_collection_date   2002-02-15 
_diffrn_detector.details                ? 
# 
_diffrn_radiation.diffrn_id                        1 
_diffrn_radiation.wavelength_id                    1 
_diffrn_radiation.pdbx_monochromatic_or_laue_m_l   M 
_diffrn_radiation.monochromator                    ? 
_diffrn_radiation.pdbx_diffrn_protocol             MAD 
_diffrn_radiation.pdbx_scattering_type             x-ray 
# 
loop_
_diffrn_radiation_wavelength.id 
_diffrn_radiation_wavelength.wavelength 
_diffrn_radiation_wavelength.wt 
1 0.9797 1.0 
2 0.9803 1.0 
3 0.98   1.0 
4 0.9825 1.0 
# 
_diffrn_source.diffrn_id                   1 
_diffrn_source.source                      SYNCHROTRON 
_diffrn_source.type                        'ESRF BEAMLINE BM30A' 
_diffrn_source.pdbx_synchrotron_site       ESRF 
_diffrn_source.pdbx_synchrotron_beamline   BM30A 
_diffrn_source.pdbx_wavelength             ? 
_diffrn_source.pdbx_wavelength_list        0.9797,0.9803,0.98,0.9825 
# 
_reflns.pdbx_diffrn_id               1 
_reflns.pdbx_ordinal                 1 
_reflns.entry_id                     1OCS 
_reflns.observed_criterion_sigma_I   ? 
_reflns.observed_criterion_sigma_F   ? 
_reflns.d_resolution_low             25.000 
_reflns.d_resolution_high            2.030 
_reflns.number_obs                   11970 
_reflns.number_all                   ? 
_reflns.percent_possible_obs         99.7 
_reflns.pdbx_Rmerge_I_obs            0.06500 
_reflns.pdbx_Rsym_value              ? 
_reflns.pdbx_netI_over_sigmaI        13.6000 
_reflns.B_iso_Wilson_estimate        15 
_reflns.pdbx_redundancy              5.100 
# 
_reflns_shell.pdbx_diffrn_id         1 
_reflns_shell.pdbx_ordinal           1 
_reflns_shell.d_res_high             2.03 
_reflns_shell.d_res_low              2.08 
_reflns_shell.percent_possible_all   98.1 
_reflns_shell.Rmerge_I_obs           0.29600 
_reflns_shell.pdbx_Rsym_value        ? 
_reflns_shell.meanI_over_sigI_obs    2.500 
_reflns_shell.pdbx_redundancy        ? 
# 
_refine.pdbx_refine_id                           'X-RAY DIFFRACTION' 
_refine.entry_id                                 1OCS 
_refine.pdbx_diffrn_id                           1 
_refine.pdbx_TLS_residual_ADP_flag               ? 
_refine.ls_number_reflns_obs                     11849 
_refine.ls_number_reflns_all                     ? 
_refine.pdbx_ls_sigma_I                          ? 
_refine.pdbx_ls_sigma_F                          0 
_refine.pdbx_data_cutoff_high_absF               1000 
_refine.pdbx_data_cutoff_low_absF                ? 
_refine.pdbx_data_cutoff_high_rms_absF           ? 
_refine.ls_d_res_low                             20 
_refine.ls_d_res_high                            2.03 
_refine.ls_percent_reflns_obs                    99.6 
_refine.ls_R_factor_obs                          0.2173 
_refine.ls_R_factor_all                          ? 
_refine.ls_R_factor_R_work                       0.2173 
_refine.ls_R_factor_R_free                       0.2474 
_refine.ls_R_factor_R_free_error                 ? 
_refine.ls_R_factor_R_free_error_details         ? 
_refine.ls_percent_reflns_R_free                 5.1 
_refine.ls_number_reflns_R_free                  607 
_refine.ls_number_parameters                     ? 
_refine.ls_number_restraints                     ? 
_refine.occupancy_min                            ? 
_refine.occupancy_max                            ? 
_refine.correlation_coeff_Fo_to_Fc               ? 
_refine.correlation_coeff_Fo_to_Fc_free          ? 
_refine.B_iso_mean                               26 
_refine.aniso_B[1][1]                            -0.631 
_refine.aniso_B[2][2]                            -0.631 
_refine.aniso_B[3][3]                            1.262 
_refine.aniso_B[1][2]                            0.087 
_refine.aniso_B[1][3]                            0 
_refine.aniso_B[2][3]                            0 
_refine.solvent_model_details                    ? 
_refine.solvent_model_param_ksol                 ? 
_refine.solvent_model_param_bsol                 ? 
_refine.pdbx_solvent_vdw_probe_radii             ? 
_refine.pdbx_solvent_ion_probe_radii             ? 
_refine.pdbx_solvent_shrinkage_radii             ? 
_refine.pdbx_ls_cross_valid_method               THROUGHOUT 
_refine.details                                  'REGION 1 A TO 29 A HAS BEEN OMITTED FROM THE FINAL MODEL BECAUSE DISORDERED.' 
_refine.pdbx_starting_model                      ? 
_refine.pdbx_method_to_determine_struct          MAD 
_refine.pdbx_isotropic_thermal_model             ? 
_refine.pdbx_stereochemistry_target_values       ? 
_refine.pdbx_stereochem_target_val_spec_case     ? 
_refine.pdbx_R_Free_selection_details            RANDOM 
_refine.pdbx_overall_ESU_R                       ? 
_refine.pdbx_overall_ESU_R_Free                  ? 
_refine.overall_SU_ML                            ? 
_refine.pdbx_overall_phase_error                 ? 
_refine.overall_SU_B                             ? 
_refine.overall_SU_R_Cruickshank_DPI             ? 
_refine.pdbx_overall_SU_R_free_Cruickshank_DPI   ? 
_refine.pdbx_overall_SU_R_Blow_DPI               ? 
_refine.pdbx_overall_SU_R_free_Blow_DPI          ? 
# 
_refine_analyze.pdbx_refine_id                  'X-RAY DIFFRACTION' 
_refine_analyze.entry_id                        1OCS 
_refine_analyze.Luzzati_coordinate_error_obs    0.22 
_refine_analyze.Luzzati_sigma_a_obs             ? 
_refine_analyze.Luzzati_d_res_low_obs           20 
_refine_analyze.Luzzati_coordinate_error_free   ? 
_refine_analyze.Luzzati_sigma_a_free            0.16 
_refine_analyze.Luzzati_d_res_low_free          ? 
_refine_analyze.number_disordered_residues      ? 
_refine_analyze.occupancy_sum_hydrogen          ? 
_refine_analyze.occupancy_sum_non_hydrogen      ? 
# 
_refine_hist.pdbx_refine_id                   'X-RAY DIFFRACTION' 
_refine_hist.cycle_id                         LAST 
_refine_hist.pdbx_number_atoms_protein        1089 
_refine_hist.pdbx_number_atoms_nucleic_acid   0 
_refine_hist.pdbx_number_atoms_ligand         6 
_refine_hist.number_atoms_solvent             63 
_refine_hist.number_atoms_total               1158 
_refine_hist.d_res_high                       2.03 
_refine_hist.d_res_low                        20 
# 
loop_
_refine_ls_restr.type 
_refine_ls_restr.dev_ideal 
_refine_ls_restr.dev_ideal_target 
_refine_ls_restr.weight 
_refine_ls_restr.number 
_refine_ls_restr.pdbx_refine_id 
_refine_ls_restr.pdbx_restraint_function 
c_bond_d                0.006 ? ? ? 'X-RAY DIFFRACTION' ? 
c_bond_d_na             ?     ? ? ? 'X-RAY DIFFRACTION' ? 
c_bond_d_prot           ?     ? ? ? 'X-RAY DIFFRACTION' ? 
c_angle_d               ?     ? ? ? 'X-RAY DIFFRACTION' ? 
c_angle_d_na            ?     ? ? ? 'X-RAY DIFFRACTION' ? 
c_angle_d_prot          ?     ? ? ? 'X-RAY DIFFRACTION' ? 
c_angle_deg             1.2   ? ? ? 'X-RAY DIFFRACTION' ? 
c_angle_deg_na          ?     ? ? ? 'X-RAY DIFFRACTION' ? 
c_angle_deg_prot        ?     ? ? ? 'X-RAY DIFFRACTION' ? 
c_dihedral_angle_d      22.7  ? ? ? 'X-RAY DIFFRACTION' ? 
c_dihedral_angle_d_na   ?     ? ? ? 'X-RAY DIFFRACTION' ? 
c_dihedral_angle_d_prot ?     ? ? ? 'X-RAY DIFFRACTION' ? 
c_improper_angle_d      0.75  ? ? ? 'X-RAY DIFFRACTION' ? 
c_improper_angle_d_na   ?     ? ? ? 'X-RAY DIFFRACTION' ? 
c_improper_angle_d_prot ?     ? ? ? 'X-RAY DIFFRACTION' ? 
c_mcbond_it             ?     ? ? ? 'X-RAY DIFFRACTION' ? 
c_mcangle_it            ?     ? ? ? 'X-RAY DIFFRACTION' ? 
c_scbond_it             ?     ? ? ? 'X-RAY DIFFRACTION' ? 
c_scangle_it            ?     ? ? ? 'X-RAY DIFFRACTION' ? 
# 
_refine_ls_shell.pdbx_refine_id                   'X-RAY DIFFRACTION' 
_refine_ls_shell.pdbx_total_number_of_bins_used   12 
_refine_ls_shell.d_res_high                       2.03 
_refine_ls_shell.d_res_low                        2.09 
_refine_ls_shell.number_reflns_R_work             896 
_refine_ls_shell.R_factor_R_work                  0.2384 
_refine_ls_shell.percent_reflns_obs               ? 
_refine_ls_shell.R_factor_R_free                  0.2955 
_refine_ls_shell.R_factor_R_free_error            ? 
_refine_ls_shell.percent_reflns_R_free            ? 
_refine_ls_shell.number_reflns_R_free             48 
_refine_ls_shell.number_reflns_all                ? 
_refine_ls_shell.R_factor_all                     ? 
# 
loop_
_pdbx_xplor_file.pdbx_refine_id 
_pdbx_xplor_file.serial_no 
_pdbx_xplor_file.param_file 
_pdbx_xplor_file.topol_file 
'X-RAY DIFFRACTION' 1 PROTEIN_REP.PARAM PROTEIN.TOP 
'X-RAY DIFFRACTION' 2 ION.PARAM         ION.TOP     
'X-RAY DIFFRACTION' 3 WATER_REP.PARAM   WATER.TOP   
'X-RAY DIFFRACTION' 4 CME.PARAM         CME.TOP     
# 
_struct.entry_id                  1OCS 
_struct.title                     
'Crystal structure of the yeast PX-doamin protein Grd19p (sorting nexin3) complexed to phosphatidylinosytol-3-phosphate.' 
_struct.pdbx_model_details        ? 
_struct.pdbx_CASP_flag            ? 
_struct.pdbx_model_type_details   ? 
# 
_struct_keywords.entry_id        1OCS 
_struct_keywords.pdbx_keywords   'SORTING PROTEIN' 
_struct_keywords.text            'SORTING PROTEIN, SORTING NEXIN, PX-DOMAIN, YEAST PROTEIN' 
# 
loop_
_struct_asym.id 
_struct_asym.pdbx_blank_PDB_chainid_flag 
_struct_asym.pdbx_modified 
_struct_asym.entity_id 
_struct_asym.details 
A N N 1 ? 
B N N 2 ? 
C N N 3 ? 
# 
_struct_ref.id                         1 
_struct_ref.db_name                    UNP 
_struct_ref.db_code                    SNX3_YEAST 
_struct_ref.entity_id                  1 
_struct_ref.pdbx_seq_one_letter_code   ? 
_struct_ref.pdbx_align_begin           ? 
_struct_ref.pdbx_db_accession          Q08826 
_struct_ref.pdbx_db_isoform            ? 
# 
_struct_ref_seq.align_id                      1 
_struct_ref_seq.ref_id                        1 
_struct_ref_seq.pdbx_PDB_id_code              1OCS 
_struct_ref_seq.pdbx_strand_id                A 
_struct_ref_seq.seq_align_beg                 1 
_struct_ref_seq.pdbx_seq_align_beg_ins_code   ? 
_struct_ref_seq.seq_align_end                 162 
_struct_ref_seq.pdbx_seq_align_end_ins_code   ? 
_struct_ref_seq.pdbx_db_accession             Q08826 
_struct_ref_seq.db_align_beg                  1 
_struct_ref_seq.pdbx_db_align_beg_ins_code    ? 
_struct_ref_seq.db_align_end                  162 
_struct_ref_seq.pdbx_db_align_end_ins_code    ? 
_struct_ref_seq.pdbx_auth_seq_align_beg       1 
_struct_ref_seq.pdbx_auth_seq_align_end       162 
# 
_pdbx_struct_assembly.id                   1 
_pdbx_struct_assembly.details              author_and_software_defined_assembly 
_pdbx_struct_assembly.method_details       PQS 
_pdbx_struct_assembly.oligomeric_details   monomeric 
_pdbx_struct_assembly.oligomeric_count     1 
# 
_pdbx_struct_assembly_gen.assembly_id       1 
_pdbx_struct_assembly_gen.oper_expression   1 
_pdbx_struct_assembly_gen.asym_id_list      A,B,C 
# 
_pdbx_struct_oper_list.id                   1 
_pdbx_struct_oper_list.type                 'identity operation' 
_pdbx_struct_oper_list.name                 1_555 
_pdbx_struct_oper_list.symmetry_operation   x,y,z 
_pdbx_struct_oper_list.matrix[1][1]         1.0000000000 
_pdbx_struct_oper_list.matrix[1][2]         0.0000000000 
_pdbx_struct_oper_list.matrix[1][3]         0.0000000000 
_pdbx_struct_oper_list.vector[1]            0.0000000000 
_pdbx_struct_oper_list.matrix[2][1]         0.0000000000 
_pdbx_struct_oper_list.matrix[2][2]         1.0000000000 
_pdbx_struct_oper_list.matrix[2][3]         0.0000000000 
_pdbx_struct_oper_list.vector[2]            0.0000000000 
_pdbx_struct_oper_list.matrix[3][1]         0.0000000000 
_pdbx_struct_oper_list.matrix[3][2]         0.0000000000 
_pdbx_struct_oper_list.matrix[3][3]         1.0000000000 
_pdbx_struct_oper_list.vector[3]            0.0000000000 
# 
_struct_biol.id   1 
# 
loop_
_struct_conf.conf_type_id 
_struct_conf.id 
_struct_conf.pdbx_PDB_helix_id 
_struct_conf.beg_label_comp_id 
_struct_conf.beg_label_asym_id 
_struct_conf.beg_label_seq_id 
_struct_conf.pdbx_beg_PDB_ins_code 
_struct_conf.end_label_comp_id 
_struct_conf.end_label_asym_id 
_struct_conf.end_label_seq_id 
_struct_conf.pdbx_end_PDB_ins_code 
_struct_conf.beg_auth_comp_id 
_struct_conf.beg_auth_asym_id 
_struct_conf.beg_auth_seq_id 
_struct_conf.end_auth_comp_id 
_struct_conf.end_auth_asym_id 
_struct_conf.end_auth_seq_id 
_struct_conf.pdbx_PDB_helix_class 
_struct_conf.details 
_struct_conf.pdbx_PDB_helix_length 
HELX_P HELX_P1 1 TYR A 82  ? LYS A 90  ? TYR A 82  LYS A 90  1 ? 9  
HELX_P HELX_P2 2 LEU A 92  ? LEU A 99  ? LEU A 92  LEU A 99  1 ? 8  
HELX_P HELX_P3 3 SER A 120 ? GLY A 140 ? SER A 120 GLY A 140 1 ? 21 
HELX_P HELX_P4 4 HIS A 141 ? SER A 148 ? HIS A 141 SER A 148 1 ? 8  
HELX_P HELX_P5 5 SER A 148 ? ALA A 157 ? SER A 148 ALA A 157 1 ? 10 
# 
_struct_conf_type.id          HELX_P 
_struct_conf_type.criteria    ? 
_struct_conf_type.reference   ? 
# 
loop_
_struct_conn.id 
_struct_conn.conn_type_id 
_struct_conn.pdbx_leaving_atom_flag 
_struct_conn.pdbx_PDB_id 
_struct_conn.ptnr1_label_asym_id 
_struct_conn.ptnr1_label_comp_id 
_struct_conn.ptnr1_label_seq_id 
_struct_conn.ptnr1_label_atom_id 
_struct_conn.pdbx_ptnr1_label_alt_id 
_struct_conn.pdbx_ptnr1_PDB_ins_code 
_struct_conn.pdbx_ptnr1_standard_comp_id 
_struct_conn.ptnr1_symmetry 
_struct_conn.ptnr2_label_asym_id 
_struct_conn.ptnr2_label_comp_id 
_struct_conn.ptnr2_label_seq_id 
_struct_conn.ptnr2_label_atom_id 
_struct_conn.pdbx_ptnr2_label_alt_id 
_struct_conn.pdbx_ptnr2_PDB_ins_code 
_struct_conn.ptnr1_auth_asym_id 
_struct_conn.ptnr1_auth_comp_id 
_struct_conn.ptnr1_auth_seq_id 
_struct_conn.ptnr2_auth_asym_id 
_struct_conn.ptnr2_auth_comp_id 
_struct_conn.ptnr2_auth_seq_id 
_struct_conn.ptnr2_symmetry 
_struct_conn.pdbx_ptnr3_label_atom_id 
_struct_conn.pdbx_ptnr3_label_seq_id 
_struct_conn.pdbx_ptnr3_label_comp_id 
_struct_conn.pdbx_ptnr3_label_asym_id 
_struct_conn.pdbx_ptnr3_label_alt_id 
_struct_conn.pdbx_ptnr3_PDB_ins_code 
_struct_conn.details 
_struct_conn.pdbx_dist_value 
_struct_conn.pdbx_value_order 
_struct_conn.pdbx_role 
covale1 covale both ? A LYS 90 C ? ? ? 1_555 A CME 91 N ? ? A LYS 90 A CME 91 1_555 ? ? ? ? ? ? ? 1.329 ? ? 
covale2 covale both ? A CME 91 C ? ? ? 1_555 A LEU 92 N ? ? A CME 91 A LEU 92 1_555 ? ? ? ? ? ? ? 1.329 ? ? 
# 
_struct_conn_type.id          covale 
_struct_conn_type.criteria    ? 
_struct_conn_type.reference   ? 
# 
_pdbx_modification_feature.ordinal                            1 
_pdbx_modification_feature.label_comp_id                      CME 
_pdbx_modification_feature.label_asym_id                      A 
_pdbx_modification_feature.label_seq_id                       91 
_pdbx_modification_feature.label_alt_id                       ? 
_pdbx_modification_feature.modified_residue_label_comp_id     . 
_pdbx_modification_feature.modified_residue_label_asym_id     . 
_pdbx_modification_feature.modified_residue_label_seq_id      . 
_pdbx_modification_feature.modified_residue_label_alt_id      . 
_pdbx_modification_feature.auth_comp_id                       CME 
_pdbx_modification_feature.auth_asym_id                       A 
_pdbx_modification_feature.auth_seq_id                        91 
_pdbx_modification_feature.PDB_ins_code                       ? 
_pdbx_modification_feature.symmetry                           1_555 
_pdbx_modification_feature.modified_residue_auth_comp_id      . 
_pdbx_modification_feature.modified_residue_auth_asym_id      . 
_pdbx_modification_feature.modified_residue_auth_seq_id       . 
_pdbx_modification_feature.modified_residue_PDB_ins_code      . 
_pdbx_modification_feature.modified_residue_symmetry          . 
_pdbx_modification_feature.comp_id_linking_atom               . 
_pdbx_modification_feature.modified_residue_id_linking_atom   . 
_pdbx_modification_feature.modified_residue_id                CYS 
_pdbx_modification_feature.ref_pcm_id                         1 
_pdbx_modification_feature.ref_comp_id                        CME 
_pdbx_modification_feature.type                               Beta-mercaptoethanol 
_pdbx_modification_feature.category                           'Named protein modification' 
# 
_struct_sheet.id               AA 
_struct_sheet.type             ? 
_struct_sheet.number_strands   3 
_struct_sheet.details          ? 
# 
loop_
_struct_sheet_order.sheet_id 
_struct_sheet_order.range_id_1 
_struct_sheet_order.range_id_2 
_struct_sheet_order.offset 
_struct_sheet_order.sense 
AA 1 2 ? anti-parallel 
AA 2 3 ? anti-parallel 
# 
loop_
_struct_sheet_range.sheet_id 
_struct_sheet_range.id 
_struct_sheet_range.beg_label_comp_id 
_struct_sheet_range.beg_label_asym_id 
_struct_sheet_range.beg_label_seq_id 
_struct_sheet_range.pdbx_beg_PDB_ins_code 
_struct_sheet_range.end_label_comp_id 
_struct_sheet_range.end_label_asym_id 
_struct_sheet_range.end_label_seq_id 
_struct_sheet_range.pdbx_end_PDB_ins_code 
_struct_sheet_range.beg_auth_comp_id 
_struct_sheet_range.beg_auth_asym_id 
_struct_sheet_range.beg_auth_seq_id 
_struct_sheet_range.end_auth_comp_id 
_struct_sheet_range.end_auth_asym_id 
_struct_sheet_range.end_auth_seq_id 
AA 1 LEU A 36 ? HIS A 46 ? LEU A 36 HIS A 46 
AA 2 PHE A 57 ? THR A 66 ? PHE A 57 THR A 66 
AA 3 VAL A 75 ? ARG A 81 ? VAL A 75 ARG A 81 
# 
loop_
_pdbx_struct_sheet_hbond.sheet_id 
_pdbx_struct_sheet_hbond.range_id_1 
_pdbx_struct_sheet_hbond.range_id_2 
_pdbx_struct_sheet_hbond.range_1_label_atom_id 
_pdbx_struct_sheet_hbond.range_1_label_comp_id 
_pdbx_struct_sheet_hbond.range_1_label_asym_id 
_pdbx_struct_sheet_hbond.range_1_label_seq_id 
_pdbx_struct_sheet_hbond.range_1_PDB_ins_code 
_pdbx_struct_sheet_hbond.range_1_auth_atom_id 
_pdbx_struct_sheet_hbond.range_1_auth_comp_id 
_pdbx_struct_sheet_hbond.range_1_auth_asym_id 
_pdbx_struct_sheet_hbond.range_1_auth_seq_id 
_pdbx_struct_sheet_hbond.range_2_label_atom_id 
_pdbx_struct_sheet_hbond.range_2_label_comp_id 
_pdbx_struct_sheet_hbond.range_2_label_asym_id 
_pdbx_struct_sheet_hbond.range_2_label_seq_id 
_pdbx_struct_sheet_hbond.range_2_PDB_ins_code 
_pdbx_struct_sheet_hbond.range_2_auth_atom_id 
_pdbx_struct_sheet_hbond.range_2_auth_comp_id 
_pdbx_struct_sheet_hbond.range_2_auth_asym_id 
_pdbx_struct_sheet_hbond.range_2_auth_seq_id 
AA 1 2 N HIS A 46 ? N HIS A 46 O PHE A 57 ? O PHE A 57 
AA 2 3 N CYS A 64 ? N CYS A 64 O SER A 76 ? O SER A 76 
# 
_struct_site.id                   AC1 
_struct_site.pdbx_evidence_code   Software 
_struct_site.pdbx_auth_asym_id    ? 
_struct_site.pdbx_auth_comp_id    ? 
_struct_site.pdbx_auth_seq_id     ? 
_struct_site.pdbx_auth_ins_code   ? 
_struct_site.pdbx_num_residues    8 
_struct_site.details              'BINDING SITE FOR RESIDUE GOL A1163' 
# 
loop_
_struct_site_gen.id 
_struct_site_gen.site_id 
_struct_site_gen.pdbx_num_res 
_struct_site_gen.label_comp_id 
_struct_site_gen.label_asym_id 
_struct_site_gen.label_seq_id 
_struct_site_gen.pdbx_auth_ins_code 
_struct_site_gen.auth_comp_id 
_struct_site_gen.auth_asym_id 
_struct_site_gen.auth_seq_id 
_struct_site_gen.label_atom_id 
_struct_site_gen.label_alt_id 
_struct_site_gen.symmetry 
_struct_site_gen.details 
1 AC1 8 ASP A 59  ? ASP A 59  . ? 1_555 ? 
2 AC1 8 ARG A 79  ? ARG A 79  . ? 1_555 ? 
3 AC1 8 ARG A 80  ? ARG A 80  . ? 1_555 ? 
4 AC1 8 ARG A 81  ? ARG A 81  . ? 1_555 ? 
5 AC1 8 ASP A 84  ? ASP A 84  . ? 1_555 ? 
6 AC1 8 GLU A 158 ? GLU A 158 . ? 1_555 ? 
7 AC1 8 LYS A 159 ? LYS A 159 . ? 1_555 ? 
8 AC1 8 PHE A 160 ? PHE A 160 . ? 1_555 ? 
# 
_pdbx_entry_details.entry_id                   1OCS 
_pdbx_entry_details.compound_details           ? 
_pdbx_entry_details.source_details             ? 
_pdbx_entry_details.nonpolymer_details         ? 
_pdbx_entry_details.sequence_details           ? 
_pdbx_entry_details.has_ligand_of_interest     ? 
_pdbx_entry_details.has_protein_modification   Y 
# 
loop_
_pdbx_validate_torsion.id 
_pdbx_validate_torsion.PDB_model_num 
_pdbx_validate_torsion.auth_comp_id 
_pdbx_validate_torsion.auth_asym_id 
_pdbx_validate_torsion.auth_seq_id 
_pdbx_validate_torsion.PDB_ins_code 
_pdbx_validate_torsion.label_alt_id 
_pdbx_validate_torsion.phi 
_pdbx_validate_torsion.psi 
1 1 HIS A 41  ? ? -160.91 -161.92 
2 1 PRO A 102 ? ? -56.87  -2.78   
# 
_pdbx_struct_mod_residue.id               1 
_pdbx_struct_mod_residue.label_asym_id    A 
_pdbx_struct_mod_residue.label_comp_id    CME 
_pdbx_struct_mod_residue.label_seq_id     91 
_pdbx_struct_mod_residue.auth_asym_id     A 
_pdbx_struct_mod_residue.auth_comp_id     CME 
_pdbx_struct_mod_residue.auth_seq_id      91 
_pdbx_struct_mod_residue.PDB_ins_code     ? 
_pdbx_struct_mod_residue.parent_comp_id   CYS 
_pdbx_struct_mod_residue.details          'S,S-(2-HYDROXYETHYL)THIOCYSTEINE' 
# 
_pdbx_struct_special_symmetry.id              1 
_pdbx_struct_special_symmetry.PDB_model_num   1 
_pdbx_struct_special_symmetry.auth_asym_id    A 
_pdbx_struct_special_symmetry.auth_comp_id    HOH 
_pdbx_struct_special_symmetry.auth_seq_id     2016 
_pdbx_struct_special_symmetry.PDB_ins_code    ? 
_pdbx_struct_special_symmetry.label_asym_id   C 
_pdbx_struct_special_symmetry.label_comp_id   HOH 
_pdbx_struct_special_symmetry.label_seq_id    . 
# 
loop_
_pdbx_unobs_or_zero_occ_residues.id 
_pdbx_unobs_or_zero_occ_residues.PDB_model_num 
_pdbx_unobs_or_zero_occ_residues.polymer_flag 
_pdbx_unobs_or_zero_occ_residues.occupancy_flag 
_pdbx_unobs_or_zero_occ_residues.auth_asym_id 
_pdbx_unobs_or_zero_occ_residues.auth_comp_id 
_pdbx_unobs_or_zero_occ_residues.auth_seq_id 
_pdbx_unobs_or_zero_occ_residues.PDB_ins_code 
_pdbx_unobs_or_zero_occ_residues.label_asym_id 
_pdbx_unobs_or_zero_occ_residues.label_comp_id 
_pdbx_unobs_or_zero_occ_residues.label_seq_id 
1  1 Y 1 A MET 1   ? A MET 1   
2  1 Y 1 A PRO 2   ? A PRO 2   
3  1 Y 1 A ARG 3   ? A ARG 3   
4  1 Y 1 A GLU 4   ? A GLU 4   
5  1 Y 1 A PHE 5   ? A PHE 5   
6  1 Y 1 A LYS 6   ? A LYS 6   
7  1 Y 1 A SER 7   ? A SER 7   
8  1 Y 1 A PHE 8   ? A PHE 8   
9  1 Y 1 A GLY 9   ? A GLY 9   
10 1 Y 1 A SER 10  ? A SER 10  
11 1 Y 1 A THR 11  ? A THR 11  
12 1 Y 1 A GLU 12  ? A GLU 12  
13 1 Y 1 A LYS 13  ? A LYS 13  
14 1 Y 1 A SER 14  ? A SER 14  
15 1 Y 1 A LEU 15  ? A LEU 15  
16 1 Y 1 A LEU 16  ? A LEU 16  
17 1 Y 1 A SER 17  ? A SER 17  
18 1 Y 1 A LYS 18  ? A LYS 18  
19 1 Y 1 A GLY 19  ? A GLY 19  
20 1 Y 1 A HIS 20  ? A HIS 20  
21 1 Y 1 A GLY 21  ? A GLY 21  
22 1 Y 1 A GLU 22  ? A GLU 22  
23 1 Y 1 A PRO 23  ? A PRO 23  
24 1 Y 1 A SER 24  ? A SER 24  
25 1 Y 1 A TYR 25  ? A TYR 25  
26 1 Y 1 A SER 26  ? A SER 26  
27 1 Y 1 A GLU 27  ? A GLU 27  
28 1 Y 1 A ILE 28  ? A ILE 28  
29 1 Y 1 A TYR 29  ? A TYR 29  
30 1 Y 1 A GLY 162 ? A GLY 162 
# 
loop_
_chem_comp_atom.comp_id 
_chem_comp_atom.atom_id 
_chem_comp_atom.type_symbol 
_chem_comp_atom.pdbx_aromatic_flag 
_chem_comp_atom.pdbx_stereo_config 
_chem_comp_atom.pdbx_ordinal 
ALA N    N N N 1   
ALA CA   C N S 2   
ALA C    C N N 3   
ALA O    O N N 4   
ALA CB   C N N 5   
ALA OXT  O N N 6   
ALA H    H N N 7   
ALA H2   H N N 8   
ALA HA   H N N 9   
ALA HB1  H N N 10  
ALA HB2  H N N 11  
ALA HB3  H N N 12  
ALA HXT  H N N 13  
ARG N    N N N 14  
ARG CA   C N S 15  
ARG C    C N N 16  
ARG O    O N N 17  
ARG CB   C N N 18  
ARG CG   C N N 19  
ARG CD   C N N 20  
ARG NE   N N N 21  
ARG CZ   C N N 22  
ARG NH1  N N N 23  
ARG NH2  N N N 24  
ARG OXT  O N N 25  
ARG H    H N N 26  
ARG H2   H N N 27  
ARG HA   H N N 28  
ARG HB2  H N N 29  
ARG HB3  H N N 30  
ARG HG2  H N N 31  
ARG HG3  H N N 32  
ARG HD2  H N N 33  
ARG HD3  H N N 34  
ARG HE   H N N 35  
ARG HH11 H N N 36  
ARG HH12 H N N 37  
ARG HH21 H N N 38  
ARG HH22 H N N 39  
ARG HXT  H N N 40  
ASN N    N N N 41  
ASN CA   C N S 42  
ASN C    C N N 43  
ASN O    O N N 44  
ASN CB   C N N 45  
ASN CG   C N N 46  
ASN OD1  O N N 47  
ASN ND2  N N N 48  
ASN OXT  O N N 49  
ASN H    H N N 50  
ASN H2   H N N 51  
ASN HA   H N N 52  
ASN HB2  H N N 53  
ASN HB3  H N N 54  
ASN HD21 H N N 55  
ASN HD22 H N N 56  
ASN HXT  H N N 57  
ASP N    N N N 58  
ASP CA   C N S 59  
ASP C    C N N 60  
ASP O    O N N 61  
ASP CB   C N N 62  
ASP CG   C N N 63  
ASP OD1  O N N 64  
ASP OD2  O N N 65  
ASP OXT  O N N 66  
ASP H    H N N 67  
ASP H2   H N N 68  
ASP HA   H N N 69  
ASP HB2  H N N 70  
ASP HB3  H N N 71  
ASP HD2  H N N 72  
ASP HXT  H N N 73  
CME N    N N N 74  
CME CA   C N R 75  
CME CB   C N N 76  
CME SG   S N N 77  
CME SD   S N N 78  
CME CE   C N N 79  
CME CZ   C N N 80  
CME OH   O N N 81  
CME C    C N N 82  
CME O    O N N 83  
CME OXT  O N N 84  
CME H    H N N 85  
CME H2   H N N 86  
CME HA   H N N 87  
CME HB2  H N N 88  
CME HB3  H N N 89  
CME HE2  H N N 90  
CME HE3  H N N 91  
CME HZ2  H N N 92  
CME HZ3  H N N 93  
CME HH   H N N 94  
CME HXT  H N N 95  
CYS N    N N N 96  
CYS CA   C N R 97  
CYS C    C N N 98  
CYS O    O N N 99  
CYS CB   C N N 100 
CYS SG   S N N 101 
CYS OXT  O N N 102 
CYS H    H N N 103 
CYS H2   H N N 104 
CYS HA   H N N 105 
CYS HB2  H N N 106 
CYS HB3  H N N 107 
CYS HG   H N N 108 
CYS HXT  H N N 109 
GLN N    N N N 110 
GLN CA   C N S 111 
GLN C    C N N 112 
GLN O    O N N 113 
GLN CB   C N N 114 
GLN CG   C N N 115 
GLN CD   C N N 116 
GLN OE1  O N N 117 
GLN NE2  N N N 118 
GLN OXT  O N N 119 
GLN H    H N N 120 
GLN H2   H N N 121 
GLN HA   H N N 122 
GLN HB2  H N N 123 
GLN HB3  H N N 124 
GLN HG2  H N N 125 
GLN HG3  H N N 126 
GLN HE21 H N N 127 
GLN HE22 H N N 128 
GLN HXT  H N N 129 
GLU N    N N N 130 
GLU CA   C N S 131 
GLU C    C N N 132 
GLU O    O N N 133 
GLU CB   C N N 134 
GLU CG   C N N 135 
GLU CD   C N N 136 
GLU OE1  O N N 137 
GLU OE2  O N N 138 
GLU OXT  O N N 139 
GLU H    H N N 140 
GLU H2   H N N 141 
GLU HA   H N N 142 
GLU HB2  H N N 143 
GLU HB3  H N N 144 
GLU HG2  H N N 145 
GLU HG3  H N N 146 
GLU HE2  H N N 147 
GLU HXT  H N N 148 
GLY N    N N N 149 
GLY CA   C N N 150 
GLY C    C N N 151 
GLY O    O N N 152 
GLY OXT  O N N 153 
GLY H    H N N 154 
GLY H2   H N N 155 
GLY HA2  H N N 156 
GLY HA3  H N N 157 
GLY HXT  H N N 158 
GOL C1   C N N 159 
GOL O1   O N N 160 
GOL C2   C N N 161 
GOL O2   O N N 162 
GOL C3   C N N 163 
GOL O3   O N N 164 
GOL H11  H N N 165 
GOL H12  H N N 166 
GOL HO1  H N N 167 
GOL H2   H N N 168 
GOL HO2  H N N 169 
GOL H31  H N N 170 
GOL H32  H N N 171 
GOL HO3  H N N 172 
HIS N    N N N 173 
HIS CA   C N S 174 
HIS C    C N N 175 
HIS O    O N N 176 
HIS CB   C N N 177 
HIS CG   C Y N 178 
HIS ND1  N Y N 179 
HIS CD2  C Y N 180 
HIS CE1  C Y N 181 
HIS NE2  N Y N 182 
HIS OXT  O N N 183 
HIS H    H N N 184 
HIS H2   H N N 185 
HIS HA   H N N 186 
HIS HB2  H N N 187 
HIS HB3  H N N 188 
HIS HD1  H N N 189 
HIS HD2  H N N 190 
HIS HE1  H N N 191 
HIS HE2  H N N 192 
HIS HXT  H N N 193 
HOH O    O N N 194 
HOH H1   H N N 195 
HOH H2   H N N 196 
ILE N    N N N 197 
ILE CA   C N S 198 
ILE C    C N N 199 
ILE O    O N N 200 
ILE CB   C N S 201 
ILE CG1  C N N 202 
ILE CG2  C N N 203 
ILE CD1  C N N 204 
ILE OXT  O N N 205 
ILE H    H N N 206 
ILE H2   H N N 207 
ILE HA   H N N 208 
ILE HB   H N N 209 
ILE HG12 H N N 210 
ILE HG13 H N N 211 
ILE HG21 H N N 212 
ILE HG22 H N N 213 
ILE HG23 H N N 214 
ILE HD11 H N N 215 
ILE HD12 H N N 216 
ILE HD13 H N N 217 
ILE HXT  H N N 218 
LEU N    N N N 219 
LEU CA   C N S 220 
LEU C    C N N 221 
LEU O    O N N 222 
LEU CB   C N N 223 
LEU CG   C N N 224 
LEU CD1  C N N 225 
LEU CD2  C N N 226 
LEU OXT  O N N 227 
LEU H    H N N 228 
LEU H2   H N N 229 
LEU HA   H N N 230 
LEU HB2  H N N 231 
LEU HB3  H N N 232 
LEU HG   H N N 233 
LEU HD11 H N N 234 
LEU HD12 H N N 235 
LEU HD13 H N N 236 
LEU HD21 H N N 237 
LEU HD22 H N N 238 
LEU HD23 H N N 239 
LEU HXT  H N N 240 
LYS N    N N N 241 
LYS CA   C N S 242 
LYS C    C N N 243 
LYS O    O N N 244 
LYS CB   C N N 245 
LYS CG   C N N 246 
LYS CD   C N N 247 
LYS CE   C N N 248 
LYS NZ   N N N 249 
LYS OXT  O N N 250 
LYS H    H N N 251 
LYS H2   H N N 252 
LYS HA   H N N 253 
LYS HB2  H N N 254 
LYS HB3  H N N 255 
LYS HG2  H N N 256 
LYS HG3  H N N 257 
LYS HD2  H N N 258 
LYS HD3  H N N 259 
LYS HE2  H N N 260 
LYS HE3  H N N 261 
LYS HZ1  H N N 262 
LYS HZ2  H N N 263 
LYS HZ3  H N N 264 
LYS HXT  H N N 265 
MET N    N N N 266 
MET CA   C N S 267 
MET C    C N N 268 
MET O    O N N 269 
MET CB   C N N 270 
MET CG   C N N 271 
MET SD   S N N 272 
MET CE   C N N 273 
MET OXT  O N N 274 
MET H    H N N 275 
MET H2   H N N 276 
MET HA   H N N 277 
MET HB2  H N N 278 
MET HB3  H N N 279 
MET HG2  H N N 280 
MET HG3  H N N 281 
MET HE1  H N N 282 
MET HE2  H N N 283 
MET HE3  H N N 284 
MET HXT  H N N 285 
PHE N    N N N 286 
PHE CA   C N S 287 
PHE C    C N N 288 
PHE O    O N N 289 
PHE CB   C N N 290 
PHE CG   C Y N 291 
PHE CD1  C Y N 292 
PHE CD2  C Y N 293 
PHE CE1  C Y N 294 
PHE CE2  C Y N 295 
PHE CZ   C Y N 296 
PHE OXT  O N N 297 
PHE H    H N N 298 
PHE H2   H N N 299 
PHE HA   H N N 300 
PHE HB2  H N N 301 
PHE HB3  H N N 302 
PHE HD1  H N N 303 
PHE HD2  H N N 304 
PHE HE1  H N N 305 
PHE HE2  H N N 306 
PHE HZ   H N N 307 
PHE HXT  H N N 308 
PRO N    N N N 309 
PRO CA   C N S 310 
PRO C    C N N 311 
PRO O    O N N 312 
PRO CB   C N N 313 
PRO CG   C N N 314 
PRO CD   C N N 315 
PRO OXT  O N N 316 
PRO H    H N N 317 
PRO HA   H N N 318 
PRO HB2  H N N 319 
PRO HB3  H N N 320 
PRO HG2  H N N 321 
PRO HG3  H N N 322 
PRO HD2  H N N 323 
PRO HD3  H N N 324 
PRO HXT  H N N 325 
SER N    N N N 326 
SER CA   C N S 327 
SER C    C N N 328 
SER O    O N N 329 
SER CB   C N N 330 
SER OG   O N N 331 
SER OXT  O N N 332 
SER H    H N N 333 
SER H2   H N N 334 
SER HA   H N N 335 
SER HB2  H N N 336 
SER HB3  H N N 337 
SER HG   H N N 338 
SER HXT  H N N 339 
THR N    N N N 340 
THR CA   C N S 341 
THR C    C N N 342 
THR O    O N N 343 
THR CB   C N R 344 
THR OG1  O N N 345 
THR CG2  C N N 346 
THR OXT  O N N 347 
THR H    H N N 348 
THR H2   H N N 349 
THR HA   H N N 350 
THR HB   H N N 351 
THR HG1  H N N 352 
THR HG21 H N N 353 
THR HG22 H N N 354 
THR HG23 H N N 355 
THR HXT  H N N 356 
TRP N    N N N 357 
TRP CA   C N S 358 
TRP C    C N N 359 
TRP O    O N N 360 
TRP CB   C N N 361 
TRP CG   C Y N 362 
TRP CD1  C Y N 363 
TRP CD2  C Y N 364 
TRP NE1  N Y N 365 
TRP CE2  C Y N 366 
TRP CE3  C Y N 367 
TRP CZ2  C Y N 368 
TRP CZ3  C Y N 369 
TRP CH2  C Y N 370 
TRP OXT  O N N 371 
TRP H    H N N 372 
TRP H2   H N N 373 
TRP HA   H N N 374 
TRP HB2  H N N 375 
TRP HB3  H N N 376 
TRP HD1  H N N 377 
TRP HE1  H N N 378 
TRP HE3  H N N 379 
TRP HZ2  H N N 380 
TRP HZ3  H N N 381 
TRP HH2  H N N 382 
TRP HXT  H N N 383 
TYR N    N N N 384 
TYR CA   C N S 385 
TYR C    C N N 386 
TYR O    O N N 387 
TYR CB   C N N 388 
TYR CG   C Y N 389 
TYR CD1  C Y N 390 
TYR CD2  C Y N 391 
TYR CE1  C Y N 392 
TYR CE2  C Y N 393 
TYR CZ   C Y N 394 
TYR OH   O N N 395 
TYR OXT  O N N 396 
TYR H    H N N 397 
TYR H2   H N N 398 
TYR HA   H N N 399 
TYR HB2  H N N 400 
TYR HB3  H N N 401 
TYR HD1  H N N 402 
TYR HD2  H N N 403 
TYR HE1  H N N 404 
TYR HE2  H N N 405 
TYR HH   H N N 406 
TYR HXT  H N N 407 
VAL N    N N N 408 
VAL CA   C N S 409 
VAL C    C N N 410 
VAL O    O N N 411 
VAL CB   C N N 412 
VAL CG1  C N N 413 
VAL CG2  C N N 414 
VAL OXT  O N N 415 
VAL H    H N N 416 
VAL H2   H N N 417 
VAL HA   H N N 418 
VAL HB   H N N 419 
VAL HG11 H N N 420 
VAL HG12 H N N 421 
VAL HG13 H N N 422 
VAL HG21 H N N 423 
VAL HG22 H N N 424 
VAL HG23 H N N 425 
VAL HXT  H N N 426 
# 
loop_
_chem_comp_bond.comp_id 
_chem_comp_bond.atom_id_1 
_chem_comp_bond.atom_id_2 
_chem_comp_bond.value_order 
_chem_comp_bond.pdbx_aromatic_flag 
_chem_comp_bond.pdbx_stereo_config 
_chem_comp_bond.pdbx_ordinal 
ALA N   CA   sing N N 1   
ALA N   H    sing N N 2   
ALA N   H2   sing N N 3   
ALA CA  C    sing N N 4   
ALA CA  CB   sing N N 5   
ALA CA  HA   sing N N 6   
ALA C   O    doub N N 7   
ALA C   OXT  sing N N 8   
ALA CB  HB1  sing N N 9   
ALA CB  HB2  sing N N 10  
ALA CB  HB3  sing N N 11  
ALA OXT HXT  sing N N 12  
ARG N   CA   sing N N 13  
ARG N   H    sing N N 14  
ARG N   H2   sing N N 15  
ARG CA  C    sing N N 16  
ARG CA  CB   sing N N 17  
ARG CA  HA   sing N N 18  
ARG C   O    doub N N 19  
ARG C   OXT  sing N N 20  
ARG CB  CG   sing N N 21  
ARG CB  HB2  sing N N 22  
ARG CB  HB3  sing N N 23  
ARG CG  CD   sing N N 24  
ARG CG  HG2  sing N N 25  
ARG CG  HG3  sing N N 26  
ARG CD  NE   sing N N 27  
ARG CD  HD2  sing N N 28  
ARG CD  HD3  sing N N 29  
ARG NE  CZ   sing N N 30  
ARG NE  HE   sing N N 31  
ARG CZ  NH1  sing N N 32  
ARG CZ  NH2  doub N N 33  
ARG NH1 HH11 sing N N 34  
ARG NH1 HH12 sing N N 35  
ARG NH2 HH21 sing N N 36  
ARG NH2 HH22 sing N N 37  
ARG OXT HXT  sing N N 38  
ASN N   CA   sing N N 39  
ASN N   H    sing N N 40  
ASN N   H2   sing N N 41  
ASN CA  C    sing N N 42  
ASN CA  CB   sing N N 43  
ASN CA  HA   sing N N 44  
ASN C   O    doub N N 45  
ASN C   OXT  sing N N 46  
ASN CB  CG   sing N N 47  
ASN CB  HB2  sing N N 48  
ASN CB  HB3  sing N N 49  
ASN CG  OD1  doub N N 50  
ASN CG  ND2  sing N N 51  
ASN ND2 HD21 sing N N 52  
ASN ND2 HD22 sing N N 53  
ASN OXT HXT  sing N N 54  
ASP N   CA   sing N N 55  
ASP N   H    sing N N 56  
ASP N   H2   sing N N 57  
ASP CA  C    sing N N 58  
ASP CA  CB   sing N N 59  
ASP CA  HA   sing N N 60  
ASP C   O    doub N N 61  
ASP C   OXT  sing N N 62  
ASP CB  CG   sing N N 63  
ASP CB  HB2  sing N N 64  
ASP CB  HB3  sing N N 65  
ASP CG  OD1  doub N N 66  
ASP CG  OD2  sing N N 67  
ASP OD2 HD2  sing N N 68  
ASP OXT HXT  sing N N 69  
CME N   CA   sing N N 70  
CME N   H    sing N N 71  
CME N   H2   sing N N 72  
CME CA  CB   sing N N 73  
CME CA  C    sing N N 74  
CME CA  HA   sing N N 75  
CME CB  SG   sing N N 76  
CME CB  HB2  sing N N 77  
CME CB  HB3  sing N N 78  
CME SG  SD   sing N N 79  
CME SD  CE   sing N N 80  
CME CE  CZ   sing N N 81  
CME CE  HE2  sing N N 82  
CME CE  HE3  sing N N 83  
CME CZ  OH   sing N N 84  
CME CZ  HZ2  sing N N 85  
CME CZ  HZ3  sing N N 86  
CME OH  HH   sing N N 87  
CME C   O    doub N N 88  
CME C   OXT  sing N N 89  
CME OXT HXT  sing N N 90  
CYS N   CA   sing N N 91  
CYS N   H    sing N N 92  
CYS N   H2   sing N N 93  
CYS CA  C    sing N N 94  
CYS CA  CB   sing N N 95  
CYS CA  HA   sing N N 96  
CYS C   O    doub N N 97  
CYS C   OXT  sing N N 98  
CYS CB  SG   sing N N 99  
CYS CB  HB2  sing N N 100 
CYS CB  HB3  sing N N 101 
CYS SG  HG   sing N N 102 
CYS OXT HXT  sing N N 103 
GLN N   CA   sing N N 104 
GLN N   H    sing N N 105 
GLN N   H2   sing N N 106 
GLN CA  C    sing N N 107 
GLN CA  CB   sing N N 108 
GLN CA  HA   sing N N 109 
GLN C   O    doub N N 110 
GLN C   OXT  sing N N 111 
GLN CB  CG   sing N N 112 
GLN CB  HB2  sing N N 113 
GLN CB  HB3  sing N N 114 
GLN CG  CD   sing N N 115 
GLN CG  HG2  sing N N 116 
GLN CG  HG3  sing N N 117 
GLN CD  OE1  doub N N 118 
GLN CD  NE2  sing N N 119 
GLN NE2 HE21 sing N N 120 
GLN NE2 HE22 sing N N 121 
GLN OXT HXT  sing N N 122 
GLU N   CA   sing N N 123 
GLU N   H    sing N N 124 
GLU N   H2   sing N N 125 
GLU CA  C    sing N N 126 
GLU CA  CB   sing N N 127 
GLU CA  HA   sing N N 128 
GLU C   O    doub N N 129 
GLU C   OXT  sing N N 130 
GLU CB  CG   sing N N 131 
GLU CB  HB2  sing N N 132 
GLU CB  HB3  sing N N 133 
GLU CG  CD   sing N N 134 
GLU CG  HG2  sing N N 135 
GLU CG  HG3  sing N N 136 
GLU CD  OE1  doub N N 137 
GLU CD  OE2  sing N N 138 
GLU OE2 HE2  sing N N 139 
GLU OXT HXT  sing N N 140 
GLY N   CA   sing N N 141 
GLY N   H    sing N N 142 
GLY N   H2   sing N N 143 
GLY CA  C    sing N N 144 
GLY CA  HA2  sing N N 145 
GLY CA  HA3  sing N N 146 
GLY C   O    doub N N 147 
GLY C   OXT  sing N N 148 
GLY OXT HXT  sing N N 149 
GOL C1  O1   sing N N 150 
GOL C1  C2   sing N N 151 
GOL C1  H11  sing N N 152 
GOL C1  H12  sing N N 153 
GOL O1  HO1  sing N N 154 
GOL C2  O2   sing N N 155 
GOL C2  C3   sing N N 156 
GOL C2  H2   sing N N 157 
GOL O2  HO2  sing N N 158 
GOL C3  O3   sing N N 159 
GOL C3  H31  sing N N 160 
GOL C3  H32  sing N N 161 
GOL O3  HO3  sing N N 162 
HIS N   CA   sing N N 163 
HIS N   H    sing N N 164 
HIS N   H2   sing N N 165 
HIS CA  C    sing N N 166 
HIS CA  CB   sing N N 167 
HIS CA  HA   sing N N 168 
HIS C   O    doub N N 169 
HIS C   OXT  sing N N 170 
HIS CB  CG   sing N N 171 
HIS CB  HB2  sing N N 172 
HIS CB  HB3  sing N N 173 
HIS CG  ND1  sing Y N 174 
HIS CG  CD2  doub Y N 175 
HIS ND1 CE1  doub Y N 176 
HIS ND1 HD1  sing N N 177 
HIS CD2 NE2  sing Y N 178 
HIS CD2 HD2  sing N N 179 
HIS CE1 NE2  sing Y N 180 
HIS CE1 HE1  sing N N 181 
HIS NE2 HE2  sing N N 182 
HIS OXT HXT  sing N N 183 
HOH O   H1   sing N N 184 
HOH O   H2   sing N N 185 
ILE N   CA   sing N N 186 
ILE N   H    sing N N 187 
ILE N   H2   sing N N 188 
ILE CA  C    sing N N 189 
ILE CA  CB   sing N N 190 
ILE CA  HA   sing N N 191 
ILE C   O    doub N N 192 
ILE C   OXT  sing N N 193 
ILE CB  CG1  sing N N 194 
ILE CB  CG2  sing N N 195 
ILE CB  HB   sing N N 196 
ILE CG1 CD1  sing N N 197 
ILE CG1 HG12 sing N N 198 
ILE CG1 HG13 sing N N 199 
ILE CG2 HG21 sing N N 200 
ILE CG2 HG22 sing N N 201 
ILE CG2 HG23 sing N N 202 
ILE CD1 HD11 sing N N 203 
ILE CD1 HD12 sing N N 204 
ILE CD1 HD13 sing N N 205 
ILE OXT HXT  sing N N 206 
LEU N   CA   sing N N 207 
LEU N   H    sing N N 208 
LEU N   H2   sing N N 209 
LEU CA  C    sing N N 210 
LEU CA  CB   sing N N 211 
LEU CA  HA   sing N N 212 
LEU C   O    doub N N 213 
LEU C   OXT  sing N N 214 
LEU CB  CG   sing N N 215 
LEU CB  HB2  sing N N 216 
LEU CB  HB3  sing N N 217 
LEU CG  CD1  sing N N 218 
LEU CG  CD2  sing N N 219 
LEU CG  HG   sing N N 220 
LEU CD1 HD11 sing N N 221 
LEU CD1 HD12 sing N N 222 
LEU CD1 HD13 sing N N 223 
LEU CD2 HD21 sing N N 224 
LEU CD2 HD22 sing N N 225 
LEU CD2 HD23 sing N N 226 
LEU OXT HXT  sing N N 227 
LYS N   CA   sing N N 228 
LYS N   H    sing N N 229 
LYS N   H2   sing N N 230 
LYS CA  C    sing N N 231 
LYS CA  CB   sing N N 232 
LYS CA  HA   sing N N 233 
LYS C   O    doub N N 234 
LYS C   OXT  sing N N 235 
LYS CB  CG   sing N N 236 
LYS CB  HB2  sing N N 237 
LYS CB  HB3  sing N N 238 
LYS CG  CD   sing N N 239 
LYS CG  HG2  sing N N 240 
LYS CG  HG3  sing N N 241 
LYS CD  CE   sing N N 242 
LYS CD  HD2  sing N N 243 
LYS CD  HD3  sing N N 244 
LYS CE  NZ   sing N N 245 
LYS CE  HE2  sing N N 246 
LYS CE  HE3  sing N N 247 
LYS NZ  HZ1  sing N N 248 
LYS NZ  HZ2  sing N N 249 
LYS NZ  HZ3  sing N N 250 
LYS OXT HXT  sing N N 251 
MET N   CA   sing N N 252 
MET N   H    sing N N 253 
MET N   H2   sing N N 254 
MET CA  C    sing N N 255 
MET CA  CB   sing N N 256 
MET CA  HA   sing N N 257 
MET C   O    doub N N 258 
MET C   OXT  sing N N 259 
MET CB  CG   sing N N 260 
MET CB  HB2  sing N N 261 
MET CB  HB3  sing N N 262 
MET CG  SD   sing N N 263 
MET CG  HG2  sing N N 264 
MET CG  HG3  sing N N 265 
MET SD  CE   sing N N 266 
MET CE  HE1  sing N N 267 
MET CE  HE2  sing N N 268 
MET CE  HE3  sing N N 269 
MET OXT HXT  sing N N 270 
PHE N   CA   sing N N 271 
PHE N   H    sing N N 272 
PHE N   H2   sing N N 273 
PHE CA  C    sing N N 274 
PHE CA  CB   sing N N 275 
PHE CA  HA   sing N N 276 
PHE C   O    doub N N 277 
PHE C   OXT  sing N N 278 
PHE CB  CG   sing N N 279 
PHE CB  HB2  sing N N 280 
PHE CB  HB3  sing N N 281 
PHE CG  CD1  doub Y N 282 
PHE CG  CD2  sing Y N 283 
PHE CD1 CE1  sing Y N 284 
PHE CD1 HD1  sing N N 285 
PHE CD2 CE2  doub Y N 286 
PHE CD2 HD2  sing N N 287 
PHE CE1 CZ   doub Y N 288 
PHE CE1 HE1  sing N N 289 
PHE CE2 CZ   sing Y N 290 
PHE CE2 HE2  sing N N 291 
PHE CZ  HZ   sing N N 292 
PHE OXT HXT  sing N N 293 
PRO N   CA   sing N N 294 
PRO N   CD   sing N N 295 
PRO N   H    sing N N 296 
PRO CA  C    sing N N 297 
PRO CA  CB   sing N N 298 
PRO CA  HA   sing N N 299 
PRO C   O    doub N N 300 
PRO C   OXT  sing N N 301 
PRO CB  CG   sing N N 302 
PRO CB  HB2  sing N N 303 
PRO CB  HB3  sing N N 304 
PRO CG  CD   sing N N 305 
PRO CG  HG2  sing N N 306 
PRO CG  HG3  sing N N 307 
PRO CD  HD2  sing N N 308 
PRO CD  HD3  sing N N 309 
PRO OXT HXT  sing N N 310 
SER N   CA   sing N N 311 
SER N   H    sing N N 312 
SER N   H2   sing N N 313 
SER CA  C    sing N N 314 
SER CA  CB   sing N N 315 
SER CA  HA   sing N N 316 
SER C   O    doub N N 317 
SER C   OXT  sing N N 318 
SER CB  OG   sing N N 319 
SER CB  HB2  sing N N 320 
SER CB  HB3  sing N N 321 
SER OG  HG   sing N N 322 
SER OXT HXT  sing N N 323 
THR N   CA   sing N N 324 
THR N   H    sing N N 325 
THR N   H2   sing N N 326 
THR CA  C    sing N N 327 
THR CA  CB   sing N N 328 
THR CA  HA   sing N N 329 
THR C   O    doub N N 330 
THR C   OXT  sing N N 331 
THR CB  OG1  sing N N 332 
THR CB  CG2  sing N N 333 
THR CB  HB   sing N N 334 
THR OG1 HG1  sing N N 335 
THR CG2 HG21 sing N N 336 
THR CG2 HG22 sing N N 337 
THR CG2 HG23 sing N N 338 
THR OXT HXT  sing N N 339 
TRP N   CA   sing N N 340 
TRP N   H    sing N N 341 
TRP N   H2   sing N N 342 
TRP CA  C    sing N N 343 
TRP CA  CB   sing N N 344 
TRP CA  HA   sing N N 345 
TRP C   O    doub N N 346 
TRP C   OXT  sing N N 347 
TRP CB  CG   sing N N 348 
TRP CB  HB2  sing N N 349 
TRP CB  HB3  sing N N 350 
TRP CG  CD1  doub Y N 351 
TRP CG  CD2  sing Y N 352 
TRP CD1 NE1  sing Y N 353 
TRP CD1 HD1  sing N N 354 
TRP CD2 CE2  doub Y N 355 
TRP CD2 CE3  sing Y N 356 
TRP NE1 CE2  sing Y N 357 
TRP NE1 HE1  sing N N 358 
TRP CE2 CZ2  sing Y N 359 
TRP CE3 CZ3  doub Y N 360 
TRP CE3 HE3  sing N N 361 
TRP CZ2 CH2  doub Y N 362 
TRP CZ2 HZ2  sing N N 363 
TRP CZ3 CH2  sing Y N 364 
TRP CZ3 HZ3  sing N N 365 
TRP CH2 HH2  sing N N 366 
TRP OXT HXT  sing N N 367 
TYR N   CA   sing N N 368 
TYR N   H    sing N N 369 
TYR N   H2   sing N N 370 
TYR CA  C    sing N N 371 
TYR CA  CB   sing N N 372 
TYR CA  HA   sing N N 373 
TYR C   O    doub N N 374 
TYR C   OXT  sing N N 375 
TYR CB  CG   sing N N 376 
TYR CB  HB2  sing N N 377 
TYR CB  HB3  sing N N 378 
TYR CG  CD1  doub Y N 379 
TYR CG  CD2  sing Y N 380 
TYR CD1 CE1  sing Y N 381 
TYR CD1 HD1  sing N N 382 
TYR CD2 CE2  doub Y N 383 
TYR CD2 HD2  sing N N 384 
TYR CE1 CZ   doub Y N 385 
TYR CE1 HE1  sing N N 386 
TYR CE2 CZ   sing Y N 387 
TYR CE2 HE2  sing N N 388 
TYR CZ  OH   sing N N 389 
TYR OH  HH   sing N N 390 
TYR OXT HXT  sing N N 391 
VAL N   CA   sing N N 392 
VAL N   H    sing N N 393 
VAL N   H2   sing N N 394 
VAL CA  C    sing N N 395 
VAL CA  CB   sing N N 396 
VAL CA  HA   sing N N 397 
VAL C   O    doub N N 398 
VAL C   OXT  sing N N 399 
VAL CB  CG1  sing N N 400 
VAL CB  CG2  sing N N 401 
VAL CB  HB   sing N N 402 
VAL CG1 HG11 sing N N 403 
VAL CG1 HG12 sing N N 404 
VAL CG1 HG13 sing N N 405 
VAL CG2 HG21 sing N N 406 
VAL CG2 HG22 sing N N 407 
VAL CG2 HG23 sing N N 408 
VAL OXT HXT  sing N N 409 
# 
_atom_sites.entry_id                    1OCS 
_atom_sites.fract_transf_matrix[1][1]   0.00012607 
_atom_sites.fract_transf_matrix[1][2]   -0.02069634 
_atom_sites.fract_transf_matrix[1][3]   0.00098097 
_atom_sites.fract_transf_matrix[2][1]   -0.00547795 
_atom_sites.fract_transf_matrix[2][2]   -0.01118939 
_atom_sites.fract_transf_matrix[2][3]   -0.01655496 
_atom_sites.fract_transf_matrix[3][1]   0.00507224 
_atom_sites.fract_transf_matrix[3][2]   -0.00004714 
_atom_sites.fract_transf_matrix[3][3]   -0.00164652 
_atom_sites.fract_transf_vector[1]      2.085459 
_atom_sites.fract_transf_vector[2]      0.689615 
_atom_sites.fract_transf_vector[3]      -0.291843 
# 
loop_
_atom_type.symbol 
C 
N 
O 
S 
# 
loop_
_atom_site.group_PDB 
_atom_site.id 
_atom_site.type_symbol 
_atom_site.label_atom_id 
_atom_site.label_alt_id 
_atom_site.label_comp_id 
_atom_site.label_asym_id 
_atom_site.label_entity_id 
_atom_site.label_seq_id 
_atom_site.pdbx_PDB_ins_code 
_atom_site.Cartn_x 
_atom_site.Cartn_y 
_atom_site.Cartn_z 
_atom_site.occupancy 
_atom_site.B_iso_or_equiv 
_atom_site.pdbx_formal_charge 
_atom_site.auth_seq_id 
_atom_site.auth_comp_id 
_atom_site.auth_asym_id 
_atom_site.auth_atom_id 
_atom_site.pdbx_PDB_model_num 
ATOM   1    N N   . ALA A 1 30  ? -11.268 22.909  9.755   1.00 39.33 ? 30   ALA A N   1 
ATOM   2    C CA  . ALA A 1 30  ? -11.369 21.435  9.553   1.00 38.06 ? 30   ALA A CA  1 
ATOM   3    C C   . ALA A 1 30  ? -12.619 21.051  8.764   1.00 37.52 ? 30   ALA A C   1 
ATOM   4    O O   . ALA A 1 30  ? -13.703 21.591  8.985   1.00 38.93 ? 30   ALA A O   1 
ATOM   5    C CB  . ALA A 1 30  ? -11.370 20.729  10.897  1.00 37.69 ? 30   ALA A CB  1 
ATOM   6    N N   . GLU A 1 31  ? -12.451 20.110  7.843   1.00 35.65 ? 31   GLU A N   1 
ATOM   7    C CA  . GLU A 1 31  ? -13.542 19.624  7.012   1.00 29.53 ? 31   GLU A CA  1 
ATOM   8    C C   . GLU A 1 31  ? -14.547 18.884  7.908   1.00 26.31 ? 31   GLU A C   1 
ATOM   9    O O   . GLU A 1 31  ? -14.160 18.040  8.708   1.00 24.97 ? 31   GLU A O   1 
ATOM   10   C CB  . GLU A 1 31  ? -12.956 18.703  5.942   1.00 31.15 ? 31   GLU A CB  1 
ATOM   11   C CG  . GLU A 1 31  ? -11.954 19.400  5.005   1.00 29.36 ? 31   GLU A CG  1 
ATOM   12   C CD  . GLU A 1 31  ? -10.485 19.306  5.439   1.00 29.23 ? 31   GLU A CD  1 
ATOM   13   O OE1 . GLU A 1 31  ? -9.624  19.790  4.678   1.00 28.58 ? 31   GLU A OE1 1 
ATOM   14   O OE2 . GLU A 1 31  ? -10.173 18.759  6.514   1.00 27.74 ? 31   GLU A OE2 1 
ATOM   15   N N   . PRO A 1 32  ? -15.855 19.188  7.782   1.00 24.37 ? 32   PRO A N   1 
ATOM   16   C CA  . PRO A 1 32  ? -16.873 18.537  8.613   1.00 21.60 ? 32   PRO A CA  1 
ATOM   17   C C   . PRO A 1 32  ? -17.082 17.045  8.412   1.00 21.80 ? 32   PRO A C   1 
ATOM   18   O O   . PRO A 1 32  ? -17.674 16.388  9.264   1.00 24.39 ? 32   PRO A O   1 
ATOM   19   C CB  . PRO A 1 32  ? -18.131 19.344  8.304   1.00 21.23 ? 32   PRO A CB  1 
ATOM   20   C CG  . PRO A 1 32  ? -17.947 19.697  6.881   1.00 20.71 ? 32   PRO A CG  1 
ATOM   21   C CD  . PRO A 1 32  ? -16.487 20.112  6.822   1.00 21.75 ? 32   PRO A CD  1 
ATOM   22   N N   . GLU A 1 33  ? -16.604 16.507  7.297   1.00 19.52 ? 33   GLU A N   1 
ATOM   23   C CA  . GLU A 1 33  ? -16.763 15.081  7.024   1.00 18.17 ? 33   GLU A CA  1 
ATOM   24   C C   . GLU A 1 33  ? -15.418 14.383  6.860   1.00 18.18 ? 33   GLU A C   1 
ATOM   25   O O   . GLU A 1 33  ? -14.445 14.990  6.414   1.00 18.15 ? 33   GLU A O   1 
ATOM   26   C CB  . GLU A 1 33  ? -17.591 14.877  5.753   1.00 18.25 ? 33   GLU A CB  1 
ATOM   27   C CG  . GLU A 1 33  ? -19.076 15.209  5.906   1.00 17.46 ? 33   GLU A CG  1 
ATOM   28   C CD  . GLU A 1 33  ? -19.802 15.227  4.574   1.00 17.47 ? 33   GLU A CD  1 
ATOM   29   O OE1 . GLU A 1 33  ? -20.834 14.537  4.440   1.00 16.59 ? 33   GLU A OE1 1 
ATOM   30   O OE2 . GLU A 1 33  ? -19.338 15.940  3.660   1.00 16.99 ? 33   GLU A OE2 1 
ATOM   31   N N   . ASN A 1 34  ? -15.370 13.109  7.234   1.00 17.34 ? 34   ASN A N   1 
ATOM   32   C CA  . ASN A 1 34  ? -14.156 12.315  7.102   1.00 17.22 ? 34   ASN A CA  1 
ATOM   33   C C   . ASN A 1 34  ? -13.839 12.154  5.623   1.00 16.82 ? 34   ASN A C   1 
ATOM   34   O O   . ASN A 1 34  ? -14.740 12.165  4.779   1.00 16.89 ? 34   ASN A O   1 
ATOM   35   C CB  . ASN A 1 34  ? -14.350 10.921  7.702   1.00 18.69 ? 34   ASN A CB  1 
ATOM   36   C CG  . ASN A 1 34  ? -14.370 10.927  9.217   1.00 20.20 ? 34   ASN A CG  1 
ATOM   37   O OD1 . ASN A 1 34  ? -14.883 9.998   9.838   1.00 24.81 ? 34   ASN A OD1 1 
ATOM   38   N ND2 . ASN A 1 34  ? -13.798 11.960  9.818   1.00 18.92 ? 34   ASN A ND2 1 
ATOM   39   N N   . PHE A 1 35  ? -12.558 12.006  5.313   1.00 15.22 ? 35   PHE A N   1 
ATOM   40   C CA  . PHE A 1 35  ? -12.135 11.804  3.940   1.00 15.59 ? 35   PHE A CA  1 
ATOM   41   C C   . PHE A 1 35  ? -10.759 11.166  3.944   1.00 15.33 ? 35   PHE A C   1 
ATOM   42   O O   . PHE A 1 35  ? -9.994  11.309  4.902   1.00 14.33 ? 35   PHE A O   1 
ATOM   43   C CB  . PHE A 1 35  ? -12.081 13.137  3.172   1.00 14.37 ? 35   PHE A CB  1 
ATOM   44   C CG  . PHE A 1 35  ? -10.859 13.972  3.475   1.00 14.93 ? 35   PHE A CG  1 
ATOM   45   C CD1 . PHE A 1 35  ? -9.668  13.770  2.780   1.00 15.82 ? 35   PHE A CD1 1 
ATOM   46   C CD2 . PHE A 1 35  ? -10.894 14.948  4.467   1.00 13.87 ? 35   PHE A CD2 1 
ATOM   47   C CE1 . PHE A 1 35  ? -8.526  14.531  3.071   1.00 15.20 ? 35   PHE A CE1 1 
ATOM   48   C CE2 . PHE A 1 35  ? -9.763  15.711  4.766   1.00 13.96 ? 35   PHE A CE2 1 
ATOM   49   C CZ  . PHE A 1 35  ? -8.578  15.501  4.067   1.00 14.22 ? 35   PHE A CZ  1 
ATOM   50   N N   . LEU A 1 36  ? -10.465 10.444  2.875   1.00 15.70 ? 36   LEU A N   1 
ATOM   51   C CA  . LEU A 1 36  ? -9.166  9.822   2.699   1.00 16.07 ? 36   LEU A CA  1 
ATOM   52   C C   . LEU A 1 36  ? -8.914  9.758   1.204   1.00 16.32 ? 36   LEU A C   1 
ATOM   53   O O   . LEU A 1 36  ? -9.709  9.192   0.449   1.00 18.97 ? 36   LEU A O   1 
ATOM   54   C CB  . LEU A 1 36  ? -9.112  8.413   3.310   1.00 13.93 ? 36   LEU A CB  1 
ATOM   55   C CG  . LEU A 1 36  ? -7.716  7.765   3.215   1.00 15.19 ? 36   LEU A CG  1 
ATOM   56   C CD1 . LEU A 1 36  ? -7.479  6.813   4.390   1.00 14.07 ? 36   LEU A CD1 1 
ATOM   57   C CD2 . LEU A 1 36  ? -7.582  7.030   1.880   1.00 13.37 ? 36   LEU A CD2 1 
ATOM   58   N N   . GLU A 1 37  ? -7.820  10.375  0.784   1.00 15.32 ? 37   GLU A N   1 
ATOM   59   C CA  . GLU A 1 37  ? -7.416  10.383  -0.611  1.00 15.72 ? 37   GLU A CA  1 
ATOM   60   C C   . GLU A 1 37  ? -6.138  9.558   -0.648  1.00 16.89 ? 37   GLU A C   1 
ATOM   61   O O   . GLU A 1 37  ? -5.286  9.691   0.228   1.00 16.23 ? 37   GLU A O   1 
ATOM   62   C CB  . GLU A 1 37  ? -7.099  11.812  -1.071  1.00 17.31 ? 37   GLU A CB  1 
ATOM   63   C CG  . GLU A 1 37  ? -8.237  12.800  -0.872  1.00 16.88 ? 37   GLU A CG  1 
ATOM   64   C CD  . GLU A 1 37  ? -7.752  14.237  -0.830  1.00 20.96 ? 37   GLU A CD  1 
ATOM   65   O OE1 . GLU A 1 37  ? -8.581  15.134  -0.579  1.00 19.20 ? 37   GLU A OE1 1 
ATOM   66   O OE2 . GLU A 1 37  ? -6.542  14.468  -1.045  1.00 20.19 ? 37   GLU A OE2 1 
ATOM   67   N N   . ILE A 1 38  ? -5.997  8.698   -1.644  1.00 15.78 ? 38   ILE A N   1 
ATOM   68   C CA  . ILE A 1 38  ? -4.781  7.913   -1.727  1.00 14.38 ? 38   ILE A CA  1 
ATOM   69   C C   . ILE A 1 38  ? -4.492  7.499   -3.150  1.00 15.15 ? 38   ILE A C   1 
ATOM   70   O O   . ILE A 1 38  ? -5.403  7.231   -3.944  1.00 12.91 ? 38   ILE A O   1 
ATOM   71   C CB  . ILE A 1 38  ? -4.844  6.660   -0.822  1.00 14.08 ? 38   ILE A CB  1 
ATOM   72   C CG1 . ILE A 1 38  ? -3.446  6.046   -0.700  1.00 14.22 ? 38   ILE A CG1 1 
ATOM   73   C CG2 . ILE A 1 38  ? -5.835  5.647   -1.384  1.00 13.56 ? 38   ILE A CG2 1 
ATOM   74   C CD1 . ILE A 1 38  ? -3.287  5.131   0.510   1.00 16.90 ? 38   ILE A CD1 1 
ATOM   75   N N   . GLU A 1 39  ? -3.206  7.464   -3.468  1.00 14.90 ? 39   GLU A N   1 
ATOM   76   C CA  . GLU A 1 39  ? -2.763  7.087   -4.792  1.00 18.12 ? 39   GLU A CA  1 
ATOM   77   C C   . GLU A 1 39  ? -1.411  6.392   -4.714  1.00 16.45 ? 39   GLU A C   1 
ATOM   78   O O   . GLU A 1 39  ? -0.586  6.703   -3.853  1.00 15.45 ? 39   GLU A O   1 
ATOM   79   C CB  . GLU A 1 39  ? -2.657  8.335   -5.676  1.00 22.86 ? 39   GLU A CB  1 
ATOM   80   C CG  . GLU A 1 39  ? -2.101  8.071   -7.067  1.00 32.70 ? 39   GLU A CG  1 
ATOM   81   C CD  . GLU A 1 39  ? -2.064  9.322   -7.936  1.00 38.23 ? 39   GLU A CD  1 
ATOM   82   O OE1 . GLU A 1 39  ? -1.604  9.229   -9.097  1.00 40.25 ? 39   GLU A OE1 1 
ATOM   83   O OE2 . GLU A 1 39  ? -2.497  10.394  -7.454  1.00 39.82 ? 39   GLU A OE2 1 
ATOM   84   N N   . VAL A 1 40  ? -1.209  5.429   -5.605  1.00 15.61 ? 40   VAL A N   1 
ATOM   85   C CA  . VAL A 1 40  ? 0.050   4.705   -5.693  1.00 16.30 ? 40   VAL A CA  1 
ATOM   86   C C   . VAL A 1 40  ? 0.585   5.089   -7.063  1.00 17.24 ? 40   VAL A C   1 
ATOM   87   O O   . VAL A 1 40  ? -0.092  4.903   -8.070  1.00 18.62 ? 40   VAL A O   1 
ATOM   88   C CB  . VAL A 1 40  ? -0.162  3.178   -5.623  1.00 15.44 ? 40   VAL A CB  1 
ATOM   89   C CG1 . VAL A 1 40  ? 1.186   2.455   -5.736  1.00 17.09 ? 40   VAL A CG1 1 
ATOM   90   C CG2 . VAL A 1 40  ? -0.850  2.811   -4.311  1.00 15.58 ? 40   VAL A CG2 1 
ATOM   91   N N   . HIS A 1 41  ? 1.785   5.648   -7.101  1.00 17.57 ? 41   HIS A N   1 
ATOM   92   C CA  . HIS A 1 41  ? 2.366   6.076   -8.361  1.00 20.67 ? 41   HIS A CA  1 
ATOM   93   C C   . HIS A 1 41  ? 3.875   6.232   -8.205  1.00 19.28 ? 41   HIS A C   1 
ATOM   94   O O   . HIS A 1 41  ? 4.470   5.699   -7.270  1.00 19.54 ? 41   HIS A O   1 
ATOM   95   C CB  . HIS A 1 41  ? 1.743   7.416   -8.767  1.00 23.05 ? 41   HIS A CB  1 
ATOM   96   C CG  . HIS A 1 41  ? 2.210   8.568   -7.934  1.00 25.57 ? 41   HIS A CG  1 
ATOM   97   N ND1 . HIS A 1 41  ? 2.244   8.522   -6.557  1.00 27.76 ? 41   HIS A ND1 1 
ATOM   98   C CD2 . HIS A 1 41  ? 2.702   9.780   -8.281  1.00 27.33 ? 41   HIS A CD2 1 
ATOM   99   C CE1 . HIS A 1 41  ? 2.741   9.654   -6.091  1.00 26.87 ? 41   HIS A CE1 1 
ATOM   100  N NE2 . HIS A 1 41  ? 3.027   10.434  -7.118  1.00 30.35 ? 41   HIS A NE2 1 
ATOM   101  N N   . ASN A 1 42  ? 4.491   6.959   -9.131  1.00 19.37 ? 42   ASN A N   1 
ATOM   102  C CA  . ASN A 1 42  ? 5.929   7.212   -9.082  1.00 18.14 ? 42   ASN A CA  1 
ATOM   103  C C   . ASN A 1 42  ? 6.773   5.950   -8.864  1.00 18.35 ? 42   ASN A C   1 
ATOM   104  O O   . ASN A 1 42  ? 7.602   5.895   -7.954  1.00 18.94 ? 42   ASN A O   1 
ATOM   105  C CB  . ASN A 1 42  ? 6.228   8.219   -7.968  1.00 20.58 ? 42   ASN A CB  1 
ATOM   106  C CG  . ASN A 1 42  ? 7.653   8.742   -8.013  1.00 25.07 ? 42   ASN A CG  1 
ATOM   107  O OD1 . ASN A 1 42  ? 8.193   9.181   -6.995  1.00 28.74 ? 42   ASN A OD1 1 
ATOM   108  N ND2 . ASN A 1 42  ? 8.264   8.718   -9.194  1.00 23.78 ? 42   ASN A ND2 1 
ATOM   109  N N   . PRO A 1 43  ? 6.572   4.916   -9.692  1.00 18.41 ? 43   PRO A N   1 
ATOM   110  C CA  . PRO A 1 43  ? 7.377   3.707   -9.503  1.00 19.55 ? 43   PRO A CA  1 
ATOM   111  C C   . PRO A 1 43  ? 8.840   4.007   -9.813  1.00 21.38 ? 43   PRO A C   1 
ATOM   112  O O   . PRO A 1 43  ? 9.140   4.810   -10.702 1.00 20.93 ? 43   PRO A O   1 
ATOM   113  C CB  . PRO A 1 43  ? 6.758   2.725   -10.494 1.00 20.26 ? 43   PRO A CB  1 
ATOM   114  C CG  . PRO A 1 43  ? 6.288   3.627   -11.602 1.00 21.66 ? 43   PRO A CG  1 
ATOM   115  C CD  . PRO A 1 43  ? 5.658   4.769   -10.839 1.00 19.00 ? 43   PRO A CD  1 
ATOM   116  N N   . LYS A 1 44  ? 9.746   3.377   -9.076  1.00 20.45 ? 44   LYS A N   1 
ATOM   117  C CA  . LYS A 1 44  ? 11.171  3.588   -9.291  1.00 23.26 ? 44   LYS A CA  1 
ATOM   118  C C   . LYS A 1 44  ? 11.983  2.308   -9.131  1.00 22.91 ? 44   LYS A C   1 
ATOM   119  O O   . LYS A 1 44  ? 11.865  1.605   -8.127  1.00 20.90 ? 44   LYS A O   1 
ATOM   120  C CB  . LYS A 1 44  ? 11.711  4.642   -8.316  1.00 24.94 ? 44   LYS A CB  1 
ATOM   121  C CG  . LYS A 1 44  ? 11.344  6.079   -8.673  1.00 31.85 ? 44   LYS A CG  1 
ATOM   122  C CD  . LYS A 1 44  ? 11.592  7.038   -7.505  1.00 34.79 ? 44   LYS A CD  1 
ATOM   123  C CE  . LYS A 1 44  ? 13.051  7.068   -7.068  1.00 38.36 ? 44   LYS A CE  1 
ATOM   124  N NZ  . LYS A 1 44  ? 13.235  7.900   -5.838  1.00 40.83 ? 44   LYS A NZ  1 
ATOM   125  N N   . THR A 1 45  ? 12.803  2.005   -10.130 1.00 22.09 ? 45   THR A N   1 
ATOM   126  C CA  . THR A 1 45  ? 13.664  0.839   -10.055 1.00 22.14 ? 45   THR A CA  1 
ATOM   127  C C   . THR A 1 45  ? 15.033  1.372   -9.681  1.00 24.57 ? 45   THR A C   1 
ATOM   128  O O   . THR A 1 45  ? 15.623  2.179   -10.404 1.00 25.39 ? 45   THR A O   1 
ATOM   129  C CB  . THR A 1 45  ? 13.728  0.095   -11.388 1.00 20.59 ? 45   THR A CB  1 
ATOM   130  O OG1 . THR A 1 45  ? 12.461  -0.523  -11.628 1.00 19.43 ? 45   THR A OG1 1 
ATOM   131  C CG2 . THR A 1 45  ? 14.814  -0.986  -11.355 1.00 22.00 ? 45   THR A CG2 1 
ATOM   132  N N   . HIS A 1 46  ? 15.525  0.928   -8.533  1.00 25.00 ? 46   HIS A N   1 
ATOM   133  C CA  . HIS A 1 46  ? 16.806  1.370   -8.018  1.00 28.54 ? 46   HIS A CA  1 
ATOM   134  C C   . HIS A 1 46  ? 17.975  0.576   -8.580  1.00 30.54 ? 46   HIS A C   1 
ATOM   135  O O   . HIS A 1 46  ? 18.196  -0.581  -8.221  1.00 29.67 ? 46   HIS A O   1 
ATOM   136  C CB  . HIS A 1 46  ? 16.761  1.302   -6.496  1.00 28.48 ? 46   HIS A CB  1 
ATOM   137  C CG  . HIS A 1 46  ? 15.625  2.083   -5.913  1.00 31.99 ? 46   HIS A CG  1 
ATOM   138  N ND1 . HIS A 1 46  ? 15.730  3.418   -5.589  1.00 33.54 ? 46   HIS A ND1 1 
ATOM   139  C CD2 . HIS A 1 46  ? 14.334  1.741   -5.685  1.00 31.54 ? 46   HIS A CD2 1 
ATOM   140  C CE1 . HIS A 1 46  ? 14.554  3.865   -5.186  1.00 34.25 ? 46   HIS A CE1 1 
ATOM   141  N NE2 . HIS A 1 46  ? 13.689  2.867   -5.236  1.00 31.76 ? 46   HIS A NE2 1 
ATOM   142  N N   . ILE A 1 47  ? 18.709  1.226   -9.475  1.00 33.30 ? 47   ILE A N   1 
ATOM   143  C CA  . ILE A 1 47  ? 19.861  0.637   -10.141 1.00 36.38 ? 47   ILE A CA  1 
ATOM   144  C C   . ILE A 1 47  ? 21.098  0.684   -9.247  1.00 37.90 ? 47   ILE A C   1 
ATOM   145  O O   . ILE A 1 47  ? 21.461  1.733   -8.719  1.00 37.71 ? 47   ILE A O   1 
ATOM   146  C CB  . ILE A 1 47  ? 20.135  1.381   -11.473 1.00 38.28 ? 47   ILE A CB  1 
ATOM   147  C CG1 . ILE A 1 47  ? 18.963  1.141   -12.433 1.00 38.30 ? 47   ILE A CG1 1 
ATOM   148  C CG2 . ILE A 1 47  ? 21.451  0.920   -12.084 1.00 39.76 ? 47   ILE A CG2 1 
ATOM   149  C CD1 . ILE A 1 47  ? 19.067  1.886   -13.749 1.00 40.79 ? 47   ILE A CD1 1 
ATOM   150  N N   . PRO A 1 48  ? 21.754  -0.469  -9.052  1.00 39.42 ? 48   PRO A N   1 
ATOM   151  C CA  . PRO A 1 48  ? 22.950  -0.518  -8.210  1.00 40.83 ? 48   PRO A CA  1 
ATOM   152  C C   . PRO A 1 48  ? 24.127  0.174   -8.887  1.00 41.92 ? 48   PRO A C   1 
ATOM   153  O O   . PRO A 1 48  ? 24.316  0.046   -10.095 1.00 41.38 ? 48   PRO A O   1 
ATOM   154  C CB  . PRO A 1 48  ? 23.174  -2.014  -8.030  1.00 40.48 ? 48   PRO A CB  1 
ATOM   155  C CG  . PRO A 1 48  ? 22.726  -2.560  -9.350  1.00 41.05 ? 48   PRO A CG  1 
ATOM   156  C CD  . PRO A 1 48  ? 21.442  -1.800  -9.602  1.00 39.44 ? 48   PRO A CD  1 
ATOM   157  N N   . ASN A 1 49  ? 24.907  0.913   -8.107  1.00 43.66 ? 49   ASN A N   1 
ATOM   158  C CA  . ASN A 1 49  ? 26.065  1.617   -8.645  1.00 46.47 ? 49   ASN A CA  1 
ATOM   159  C C   . ASN A 1 49  ? 27.363  0.959   -8.186  1.00 47.97 ? 49   ASN A C   1 
ATOM   160  O O   . ASN A 1 49  ? 28.421  1.176   -8.778  1.00 48.85 ? 49   ASN A O   1 
ATOM   161  C CB  . ASN A 1 49  ? 26.040  3.084   -8.209  1.00 46.15 ? 49   ASN A CB  1 
ATOM   162  C CG  . ASN A 1 49  ? 24.793  3.812   -8.684  1.00 47.14 ? 49   ASN A CG  1 
ATOM   163  O OD1 . ASN A 1 49  ? 24.469  3.801   -9.873  1.00 46.35 ? 49   ASN A OD1 1 
ATOM   164  N ND2 . ASN A 1 49  ? 24.088  4.449   -7.754  1.00 47.17 ? 49   ASN A ND2 1 
ATOM   165  N N   . GLY A 1 50  ? 27.269  0.151   -7.133  1.00 48.93 ? 50   GLY A N   1 
ATOM   166  C CA  . GLY A 1 50  ? 28.436  -0.538  -6.609  1.00 50.78 ? 50   GLY A CA  1 
ATOM   167  C C   . GLY A 1 50  ? 28.236  -2.042  -6.586  1.00 52.09 ? 50   GLY A C   1 
ATOM   168  O O   . GLY A 1 50  ? 27.105  -2.523  -6.621  1.00 52.57 ? 50   GLY A O   1 
ATOM   169  N N   . MET A 1 51  ? 29.331  -2.791  -6.521  1.00 53.30 ? 51   MET A N   1 
ATOM   170  C CA  . MET A 1 51  ? 29.252  -4.246  -6.506  1.00 54.68 ? 51   MET A CA  1 
ATOM   171  C C   . MET A 1 51  ? 28.733  -4.771  -5.172  1.00 54.92 ? 51   MET A C   1 
ATOM   172  O O   . MET A 1 51  ? 28.412  -5.953  -5.049  1.00 55.13 ? 51   MET A O   1 
ATOM   173  C CB  . MET A 1 51  ? 30.625  -4.861  -6.786  1.00 55.72 ? 51   MET A CB  1 
ATOM   174  C CG  . MET A 1 51  ? 30.570  -6.308  -7.251  1.00 57.65 ? 51   MET A CG  1 
ATOM   175  S SD  . MET A 1 51  ? 30.111  -6.454  -8.995  1.00 58.97 ? 51   MET A SD  1 
ATOM   176  C CE  . MET A 1 51  ? 28.342  -6.297  -8.908  1.00 59.53 ? 51   MET A CE  1 
ATOM   177  N N   . ASP A 1 52  ? 28.653  -3.890  -4.178  1.00 54.78 ? 52   ASP A N   1 
ATOM   178  C CA  . ASP A 1 52  ? 28.174  -4.280  -2.856  1.00 54.63 ? 52   ASP A CA  1 
ATOM   179  C C   . ASP A 1 52  ? 26.860  -3.613  -2.460  1.00 53.10 ? 52   ASP A C   1 
ATOM   180  O O   . ASP A 1 52  ? 26.312  -3.907  -1.396  1.00 54.27 ? 52   ASP A O   1 
ATOM   181  C CB  . ASP A 1 52  ? 29.239  -3.980  -1.796  1.00 57.17 ? 52   ASP A CB  1 
ATOM   182  C CG  . ASP A 1 52  ? 30.413  -4.943  -1.856  1.00 59.14 ? 52   ASP A CG  1 
ATOM   183  O OD1 . ASP A 1 52  ? 30.203  -6.156  -1.630  1.00 59.78 ? 52   ASP A OD1 1 
ATOM   184  O OD2 . ASP A 1 52  ? 31.545  -4.489  -2.129  1.00 60.50 ? 52   ASP A OD2 1 
ATOM   185  N N   . SER A 1 53  ? 26.355  -2.721  -3.310  1.00 49.97 ? 53   SER A N   1 
ATOM   186  C CA  . SER A 1 53  ? 25.099  -2.029  -3.026  1.00 46.38 ? 53   SER A CA  1 
ATOM   187  C C   . SER A 1 53  ? 23.919  -3.001  -3.031  1.00 42.83 ? 53   SER A C   1 
ATOM   188  O O   . SER A 1 53  ? 24.040  -4.136  -3.490  1.00 42.38 ? 53   SER A O   1 
ATOM   189  C CB  . SER A 1 53  ? 24.856  -0.925  -4.058  1.00 47.38 ? 53   SER A CB  1 
ATOM   190  O OG  . SER A 1 53  ? 24.742  -1.460  -5.364  1.00 51.11 ? 53   SER A OG  1 
ATOM   191  N N   . LYS A 1 54  ? 22.780  -2.549  -2.517  1.00 38.97 ? 54   LYS A N   1 
ATOM   192  C CA  . LYS A 1 54  ? 21.575  -3.370  -2.453  1.00 35.48 ? 54   LYS A CA  1 
ATOM   193  C C   . LYS A 1 54  ? 21.191  -3.911  -3.825  1.00 30.43 ? 54   LYS A C   1 
ATOM   194  O O   . LYS A 1 54  ? 21.423  -3.265  -4.844  1.00 28.45 ? 54   LYS A O   1 
ATOM   195  C CB  . LYS A 1 54  ? 20.407  -2.547  -1.905  1.00 38.07 ? 54   LYS A CB  1 
ATOM   196  C CG  . LYS A 1 54  ? 20.668  -1.919  -0.550  1.00 41.92 ? 54   LYS A CG  1 
ATOM   197  C CD  . LYS A 1 54  ? 19.547  -0.968  -0.149  1.00 45.09 ? 54   LYS A CD  1 
ATOM   198  C CE  . LYS A 1 54  ? 18.212  -1.682  -0.049  1.00 46.55 ? 54   LYS A CE  1 
ATOM   199  N NZ  . LYS A 1 54  ? 17.133  -0.746  0.371   1.00 49.59 ? 54   LYS A NZ  1 
ATOM   200  N N   . GLY A 1 55  ? 20.592  -5.095  -3.844  1.00 26.16 ? 55   GLY A N   1 
ATOM   201  C CA  . GLY A 1 55  ? 20.175  -5.674  -5.104  1.00 24.16 ? 55   GLY A CA  1 
ATOM   202  C C   . GLY A 1 55  ? 19.158  -4.789  -5.799  1.00 22.97 ? 55   GLY A C   1 
ATOM   203  O O   . GLY A 1 55  ? 18.351  -4.124  -5.146  1.00 22.23 ? 55   GLY A O   1 
ATOM   204  N N   . MET A 1 56  ? 19.195  -4.770  -7.126  1.00 20.88 ? 56   MET A N   1 
ATOM   205  C CA  . MET A 1 56  ? 18.257  -3.960  -7.897  1.00 21.04 ? 56   MET A CA  1 
ATOM   206  C C   . MET A 1 56  ? 16.835  -4.299  -7.457  1.00 20.83 ? 56   MET A C   1 
ATOM   207  O O   . MET A 1 56  ? 16.502  -5.470  -7.250  1.00 17.49 ? 56   MET A O   1 
ATOM   208  C CB  . MET A 1 56  ? 18.440  -4.242  -9.393  1.00 22.86 ? 56   MET A CB  1 
ATOM   209  C CG  . MET A 1 56  ? 17.540  -3.442  -10.319 1.00 24.80 ? 56   MET A CG  1 
ATOM   210  S SD  . MET A 1 56  ? 18.105  -3.548  -12.038 1.00 30.18 ? 56   MET A SD  1 
ATOM   211  C CE  . MET A 1 56  ? 17.880  -5.253  -12.348 1.00 27.07 ? 56   MET A CE  1 
ATOM   212  N N   . PHE A 1 57  ? 15.999  -3.275  -7.306  1.00 18.85 ? 57   PHE A N   1 
ATOM   213  C CA  . PHE A 1 57  ? 14.621  -3.490  -6.879  1.00 19.66 ? 57   PHE A CA  1 
ATOM   214  C C   . PHE A 1 57  ? 13.765  -2.285  -7.235  1.00 20.47 ? 57   PHE A C   1 
ATOM   215  O O   . PHE A 1 57  ? 14.287  -1.211  -7.547  1.00 20.05 ? 57   PHE A O   1 
ATOM   216  C CB  . PHE A 1 57  ? 14.575  -3.720  -5.360  1.00 18.76 ? 57   PHE A CB  1 
ATOM   217  C CG  . PHE A 1 57  ? 14.716  -2.454  -4.541  1.00 20.95 ? 57   PHE A CG  1 
ATOM   218  C CD1 . PHE A 1 57  ? 13.590  -1.801  -4.041  1.00 20.03 ? 57   PHE A CD1 1 
ATOM   219  C CD2 . PHE A 1 57  ? 15.972  -1.914  -4.273  1.00 20.26 ? 57   PHE A CD2 1 
ATOM   220  C CE1 . PHE A 1 57  ? 13.712  -0.630  -3.286  1.00 20.96 ? 57   PHE A CE1 1 
ATOM   221  C CE2 . PHE A 1 57  ? 16.107  -0.745  -3.522  1.00 20.95 ? 57   PHE A CE2 1 
ATOM   222  C CZ  . PHE A 1 57  ? 14.975  -0.101  -3.026  1.00 20.42 ? 57   PHE A CZ  1 
ATOM   223  N N   . THR A 1 58  ? 12.448  -2.457  -7.205  1.00 20.80 ? 58   THR A N   1 
ATOM   224  C CA  . THR A 1 58  ? 11.576  -1.330  -7.489  1.00 18.83 ? 58   THR A CA  1 
ATOM   225  C C   . THR A 1 58  ? 10.546  -1.147  -6.388  1.00 18.05 ? 58   THR A C   1 
ATOM   226  O O   . THR A 1 58  ? 10.090  -2.110  -5.762  1.00 15.94 ? 58   THR A O   1 
ATOM   227  C CB  . THR A 1 58  ? 10.858  -1.449  -8.875  1.00 21.21 ? 58   THR A CB  1 
ATOM   228  O OG1 . THR A 1 58  ? 9.449   -1.569  -8.686  1.00 25.45 ? 58   THR A OG1 1 
ATOM   229  C CG2 . THR A 1 58  ? 11.371  -2.626  -9.664  1.00 14.59 ? 58   THR A CG2 1 
ATOM   230  N N   . ASP A 1 59  ? 10.230  0.107   -6.098  1.00 16.75 ? 59   ASP A N   1 
ATOM   231  C CA  . ASP A 1 59  ? 9.221   0.382   -5.094  1.00 16.61 ? 59   ASP A CA  1 
ATOM   232  C C   . ASP A 1 59  ? 8.300   1.458   -5.636  1.00 17.22 ? 59   ASP A C   1 
ATOM   233  O O   . ASP A 1 59  ? 8.587   2.070   -6.672  1.00 17.23 ? 59   ASP A O   1 
ATOM   234  C CB  . ASP A 1 59  ? 9.852   0.769   -3.747  1.00 16.19 ? 59   ASP A CB  1 
ATOM   235  C CG  . ASP A 1 59  ? 10.744  1.991   -3.829  1.00 18.26 ? 59   ASP A CG  1 
ATOM   236  O OD1 . ASP A 1 59  ? 11.370  2.299   -2.795  1.00 18.77 ? 59   ASP A OD1 1 
ATOM   237  O OD2 . ASP A 1 59  ? 10.821  2.635   -4.899  1.00 17.92 ? 59   ASP A OD2 1 
ATOM   238  N N   . TYR A 1 60  ? 7.183   1.662   -4.955  1.00 16.31 ? 60   TYR A N   1 
ATOM   239  C CA  . TYR A 1 60  ? 6.184   2.618   -5.393  1.00 16.28 ? 60   TYR A CA  1 
ATOM   240  C C   . TYR A 1 60  ? 5.869   3.615   -4.298  1.00 17.09 ? 60   TYR A C   1 
ATOM   241  O O   . TYR A 1 60  ? 5.923   3.289   -3.114  1.00 16.49 ? 60   TYR A O   1 
ATOM   242  C CB  . TYR A 1 60  ? 4.903   1.872   -5.779  1.00 16.53 ? 60   TYR A CB  1 
ATOM   243  C CG  . TYR A 1 60  ? 5.148   0.719   -6.728  1.00 17.63 ? 60   TYR A CG  1 
ATOM   244  C CD1 . TYR A 1 60  ? 5.766   -0.453  -6.287  1.00 16.51 ? 60   TYR A CD1 1 
ATOM   245  C CD2 . TYR A 1 60  ? 4.817   0.823   -8.077  1.00 18.27 ? 60   TYR A CD2 1 
ATOM   246  C CE1 . TYR A 1 60  ? 6.056   -1.492  -7.168  1.00 16.75 ? 60   TYR A CE1 1 
ATOM   247  C CE2 . TYR A 1 60  ? 5.101   -0.211  -8.968  1.00 20.12 ? 60   TYR A CE2 1 
ATOM   248  C CZ  . TYR A 1 60  ? 5.723   -1.362  -8.507  1.00 18.65 ? 60   TYR A CZ  1 
ATOM   249  O OH  . TYR A 1 60  ? 6.038   -2.366  -9.390  1.00 18.86 ? 60   TYR A OH  1 
ATOM   250  N N   . GLU A 1 61  ? 5.536   4.831   -4.699  1.00 16.65 ? 61   GLU A N   1 
ATOM   251  C CA  . GLU A 1 61  ? 5.196   5.852   -3.728  1.00 17.71 ? 61   GLU A CA  1 
ATOM   252  C C   . GLU A 1 61  ? 3.699   5.847   -3.432  1.00 16.82 ? 61   GLU A C   1 
ATOM   253  O O   . GLU A 1 61  ? 2.867   5.731   -4.335  1.00 15.79 ? 61   GLU A O   1 
ATOM   254  C CB  . GLU A 1 61  ? 5.600   7.239   -4.235  1.00 19.28 ? 61   GLU A CB  1 
ATOM   255  C CG  . GLU A 1 61  ? 5.182   8.367   -3.306  1.00 24.69 ? 61   GLU A CG  1 
ATOM   256  C CD  . GLU A 1 61  ? 5.561   9.734   -3.840  1.00 26.02 ? 61   GLU A CD  1 
ATOM   257  O OE1 . GLU A 1 61  ? 6.768   9.996   -3.991  1.00 30.31 ? 61   GLU A OE1 1 
ATOM   258  O OE2 . GLU A 1 61  ? 4.654   10.543  -4.110  1.00 26.71 ? 61   GLU A OE2 1 
ATOM   259  N N   . ILE A 1 62  ? 3.368   5.939   -2.151  1.00 15.34 ? 62   ILE A N   1 
ATOM   260  C CA  . ILE A 1 62  ? 1.982   6.015   -1.737  1.00 15.75 ? 62   ILE A CA  1 
ATOM   261  C C   . ILE A 1 62  ? 1.822   7.416   -1.155  1.00 15.51 ? 62   ILE A C   1 
ATOM   262  O O   . ILE A 1 62  ? 2.568   7.813   -0.258  1.00 15.64 ? 62   ILE A O   1 
ATOM   263  C CB  . ILE A 1 62  ? 1.630   4.991   -0.636  1.00 16.78 ? 62   ILE A CB  1 
ATOM   264  C CG1 . ILE A 1 62  ? 1.854   3.561   -1.141  1.00 18.08 ? 62   ILE A CG1 1 
ATOM   265  C CG2 . ILE A 1 62  ? 0.164   5.164   -0.228  1.00 17.43 ? 62   ILE A CG2 1 
ATOM   266  C CD1 . ILE A 1 62  ? 1.478   2.494   -0.126  1.00 19.16 ? 62   ILE A CD1 1 
ATOM   267  N N   . ILE A 1 63  ? 0.885   8.182   -1.695  1.00 16.12 ? 63   ILE A N   1 
ATOM   268  C CA  . ILE A 1 63  ? 0.632   9.519   -1.182  1.00 17.07 ? 63   ILE A CA  1 
ATOM   269  C C   . ILE A 1 63  ? -0.799  9.503   -0.670  1.00 16.84 ? 63   ILE A C   1 
ATOM   270  O O   . ILE A 1 63  ? -1.723  9.105   -1.384  1.00 15.57 ? 63   ILE A O   1 
ATOM   271  C CB  . ILE A 1 63  ? 0.819   10.608  -2.269  1.00 20.07 ? 63   ILE A CB  1 
ATOM   272  C CG1 . ILE A 1 63  ? 0.427   11.972  -1.693  1.00 23.25 ? 63   ILE A CG1 1 
ATOM   273  C CG2 . ILE A 1 63  ? 0.023   10.265  -3.515  1.00 19.80 ? 63   ILE A CG2 1 
ATOM   274  C CD1 . ILE A 1 63  ? 0.464   13.108  -2.701  1.00 29.88 ? 63   ILE A CD1 1 
ATOM   275  N N   . CYS A 1 64  ? -0.972  9.924   0.578   1.00 15.69 ? 64   CYS A N   1 
ATOM   276  C CA  . CYS A 1 64  ? -2.278  9.921   1.218   1.00 14.97 ? 64   CYS A CA  1 
ATOM   277  C C   . CYS A 1 64  ? -2.554  11.208  1.990   1.00 15.69 ? 64   CYS A C   1 
ATOM   278  O O   . CYS A 1 64  ? -1.658  11.773  2.618   1.00 16.39 ? 64   CYS A O   1 
ATOM   279  C CB  . CYS A 1 64  ? -2.357  8.717   2.171   1.00 13.47 ? 64   CYS A CB  1 
ATOM   280  S SG  . CYS A 1 64  ? -3.886  8.546   3.144   1.00 16.19 ? 64   CYS A SG  1 
ATOM   281  N N   . ARG A 1 65  ? -3.798  11.673  1.918   1.00 14.01 ? 65   ARG A N   1 
ATOM   282  C CA  . ARG A 1 65  ? -4.246  12.860  2.648   1.00 15.97 ? 65   ARG A CA  1 
ATOM   283  C C   . ARG A 1 65  ? -5.504  12.425  3.364   1.00 14.69 ? 65   ARG A C   1 
ATOM   284  O O   . ARG A 1 65  ? -6.374  11.802  2.762   1.00 15.33 ? 65   ARG A O   1 
ATOM   285  C CB  . ARG A 1 65  ? -4.608  14.012  1.712   1.00 17.54 ? 65   ARG A CB  1 
ATOM   286  C CG  . ARG A 1 65  ? -3.463  14.913  1.323   1.00 23.88 ? 65   ARG A CG  1 
ATOM   287  C CD  . ARG A 1 65  ? -3.965  16.359  1.241   1.00 26.09 ? 65   ARG A CD  1 
ATOM   288  N NE  . ARG A 1 65  ? -5.240  16.444  0.529   1.00 22.84 ? 65   ARG A NE  1 
ATOM   289  C CZ  . ARG A 1 65  ? -5.913  17.572  0.330   1.00 23.07 ? 65   ARG A CZ  1 
ATOM   290  N NH1 . ARG A 1 65  ? -7.070  17.552  -0.327  1.00 20.10 ? 65   ARG A NH1 1 
ATOM   291  N NH2 . ARG A 1 65  ? -5.427  18.723  0.782   1.00 21.43 ? 65   ARG A NH2 1 
ATOM   292  N N   . THR A 1 66  ? -5.623  12.754  4.642   1.00 13.91 ? 66   THR A N   1 
ATOM   293  C CA  . THR A 1 66  ? -6.808  12.340  5.370   1.00 13.08 ? 66   THR A CA  1 
ATOM   294  C C   . THR A 1 66  ? -7.005  13.156  6.637   1.00 14.23 ? 66   THR A C   1 
ATOM   295  O O   . THR A 1 66  ? -6.093  13.859  7.077   1.00 13.98 ? 66   THR A O   1 
ATOM   296  C CB  . THR A 1 66  ? -6.699  10.838  5.756   1.00 12.28 ? 66   THR A CB  1 
ATOM   297  O OG1 . THR A 1 66  ? -7.932  10.390  6.327   1.00 14.11 ? 66   THR A OG1 1 
ATOM   298  C CG2 . THR A 1 66  ? -5.584  10.632  6.780   1.00 14.08 ? 66   THR A CG2 1 
ATOM   299  N N   . ASN A 1 67  ? -8.208  13.074  7.202   1.00 13.30 ? 67   ASN A N   1 
ATOM   300  C CA  . ASN A 1 67  ? -8.515  13.744  8.460   1.00 15.12 ? 67   ASN A CA  1 
ATOM   301  C C   . ASN A 1 67  ? -9.146  12.711  9.407   1.00 15.64 ? 67   ASN A C   1 
ATOM   302  O O   . ASN A 1 67  ? -9.728  13.068  10.433  1.00 16.11 ? 67   ASN A O   1 
ATOM   303  C CB  . ASN A 1 67  ? -9.467  14.929  8.240   1.00 14.69 ? 67   ASN A CB  1 
ATOM   304  C CG  . ASN A 1 67  ? -10.862 14.494  7.842   1.00 15.63 ? 67   ASN A CG  1 
ATOM   305  O OD1 . ASN A 1 67  ? -11.083 13.345  7.453   1.00 13.76 ? 67   ASN A OD1 1 
ATOM   306  N ND2 . ASN A 1 67  ? -11.815 15.422  7.925   1.00 15.40 ? 67   ASN A ND2 1 
ATOM   307  N N   . LEU A 1 68  ? -9.028  11.427  9.054   1.00 16.39 ? 68   LEU A N   1 
ATOM   308  C CA  . LEU A 1 68  ? -9.573  10.340  9.880   1.00 16.12 ? 68   LEU A CA  1 
ATOM   309  C C   . LEU A 1 68  ? -8.919  10.320  11.262  1.00 16.62 ? 68   LEU A C   1 
ATOM   310  O O   . LEU A 1 68  ? -7.696  10.420  11.385  1.00 16.03 ? 68   LEU A O   1 
ATOM   311  C CB  . LEU A 1 68  ? -9.367  8.988   9.190   1.00 15.33 ? 68   LEU A CB  1 
ATOM   312  C CG  . LEU A 1 68  ? -10.254 8.704   7.972   1.00 16.79 ? 68   LEU A CG  1 
ATOM   313  C CD1 . LEU A 1 68  ? -9.752  7.466   7.228   1.00 17.17 ? 68   LEU A CD1 1 
ATOM   314  C CD2 . LEU A 1 68  ? -11.695 8.510   8.433   1.00 15.63 ? 68   LEU A CD2 1 
ATOM   315  N N   . PRO A 1 69  ? -9.727  10.184  12.325  1.00 16.00 ? 69   PRO A N   1 
ATOM   316  C CA  . PRO A 1 69  ? -9.195  10.160  13.691  1.00 16.71 ? 69   PRO A CA  1 
ATOM   317  C C   . PRO A 1 69  ? -8.193  9.051   14.004  1.00 17.08 ? 69   PRO A C   1 
ATOM   318  O O   . PRO A 1 69  ? -7.441  9.157   14.971  1.00 17.58 ? 69   PRO A O   1 
ATOM   319  C CB  . PRO A 1 69  ? -10.457 10.073  14.554  1.00 17.48 ? 69   PRO A CB  1 
ATOM   320  C CG  . PRO A 1 69  ? -11.423 9.355   13.675  1.00 17.70 ? 69   PRO A CG  1 
ATOM   321  C CD  . PRO A 1 69  ? -11.189 10.012  12.332  1.00 16.87 ? 69   PRO A CD  1 
ATOM   322  N N   . SER A 1 70  ? -8.173  7.990   13.200  1.00 16.05 ? 70   SER A N   1 
ATOM   323  C CA  . SER A 1 70  ? -7.233  6.898   13.448  1.00 16.29 ? 70   SER A CA  1 
ATOM   324  C C   . SER A 1 70  ? -5.827  7.236   12.961  1.00 15.95 ? 70   SER A C   1 
ATOM   325  O O   . SER A 1 70  ? -4.860  6.578   13.342  1.00 15.33 ? 70   SER A O   1 
ATOM   326  C CB  . SER A 1 70  ? -7.710  5.601   12.778  1.00 16.64 ? 70   SER A CB  1 
ATOM   327  O OG  . SER A 1 70  ? -7.896  5.785   11.387  1.00 21.01 ? 70   SER A OG  1 
ATOM   328  N N   . PHE A 1 71  ? -5.717  8.259   12.116  1.00 15.65 ? 71   PHE A N   1 
ATOM   329  C CA  . PHE A 1 71  ? -4.418  8.668   11.590  1.00 17.07 ? 71   PHE A CA  1 
ATOM   330  C C   . PHE A 1 71  ? -3.796  9.748   12.472  1.00 18.97 ? 71   PHE A C   1 
ATOM   331  O O   . PHE A 1 71  ? -4.501  10.429  13.212  1.00 17.67 ? 71   PHE A O   1 
ATOM   332  C CB  . PHE A 1 71  ? -4.553  9.158   10.147  1.00 15.34 ? 71   PHE A CB  1 
ATOM   333  C CG  . PHE A 1 71  ? -4.794  8.051   9.156   1.00 14.22 ? 71   PHE A CG  1 
ATOM   334  C CD1 . PHE A 1 71  ? -6.017  7.389   9.113   1.00 14.76 ? 71   PHE A CD1 1 
ATOM   335  C CD2 . PHE A 1 71  ? -3.789  7.656   8.277   1.00 12.98 ? 71   PHE A CD2 1 
ATOM   336  C CE1 . PHE A 1 71  ? -6.237  6.350   8.210   1.00 15.14 ? 71   PHE A CE1 1 
ATOM   337  C CE2 . PHE A 1 71  ? -4.000  6.619   7.369   1.00 12.47 ? 71   PHE A CE2 1 
ATOM   338  C CZ  . PHE A 1 71  ? -5.225  5.965   7.335   1.00 13.43 ? 71   PHE A CZ  1 
ATOM   339  N N   . HIS A 1 72  ? -2.477  9.905   12.376  1.00 18.69 ? 72   HIS A N   1 
ATOM   340  C CA  . HIS A 1 72  ? -1.751  10.863  13.208  1.00 18.62 ? 72   HIS A CA  1 
ATOM   341  C C   . HIS A 1 72  ? -1.310  12.150  12.511  1.00 19.18 ? 72   HIS A C   1 
ATOM   342  O O   . HIS A 1 72  ? -0.848  13.083  13.165  1.00 18.34 ? 72   HIS A O   1 
ATOM   343  C CB  . HIS A 1 72  ? -0.533  10.168  13.821  1.00 18.88 ? 72   HIS A CB  1 
ATOM   344  C CG  . HIS A 1 72  ? -0.860  8.861   14.475  1.00 19.15 ? 72   HIS A CG  1 
ATOM   345  N ND1 . HIS A 1 72  ? -1.390  8.775   15.744  1.00 21.55 ? 72   HIS A ND1 1 
ATOM   346  C CD2 . HIS A 1 72  ? -0.791  7.592   14.009  1.00 18.49 ? 72   HIS A CD2 1 
ATOM   347  C CE1 . HIS A 1 72  ? -1.635  7.509   16.032  1.00 20.68 ? 72   HIS A CE1 1 
ATOM   348  N NE2 . HIS A 1 72  ? -1.282  6.771   14.995  1.00 20.72 ? 72   HIS A NE2 1 
ATOM   349  N N   . LYS A 1 73  ? -1.431  12.194  11.190  1.00 18.38 ? 73   LYS A N   1 
ATOM   350  C CA  . LYS A 1 73  ? -1.065  13.385  10.439  1.00 18.72 ? 73   LYS A CA  1 
ATOM   351  C C   . LYS A 1 73  ? -1.901  13.458  9.166   1.00 18.65 ? 73   LYS A C   1 
ATOM   352  O O   . LYS A 1 73  ? -2.460  12.454  8.729   1.00 17.77 ? 73   LYS A O   1 
ATOM   353  C CB  . LYS A 1 73  ? 0.443   13.398  10.138  1.00 20.33 ? 73   LYS A CB  1 
ATOM   354  C CG  . LYS A 1 73  ? 1.004   12.172  9.442   1.00 23.80 ? 73   LYS A CG  1 
ATOM   355  C CD  . LYS A 1 73  ? 2.500   12.055  9.741   1.00 26.18 ? 73   LYS A CD  1 
ATOM   356  C CE  . LYS A 1 73  ? 3.202   11.080  8.821   1.00 27.98 ? 73   LYS A CE  1 
ATOM   357  N NZ  . LYS A 1 73  ? 3.375   11.650  7.454   1.00 30.11 ? 73   LYS A NZ  1 
ATOM   358  N N   . ARG A 1 74  ? -2.001  14.652  8.590   1.00 17.38 ? 74   ARG A N   1 
ATOM   359  C CA  . ARG A 1 74  ? -2.815  14.866  7.401   1.00 16.41 ? 74   ARG A CA  1 
ATOM   360  C C   . ARG A 1 74  ? -2.236  14.262  6.139   1.00 16.74 ? 74   ARG A C   1 
ATOM   361  O O   . ARG A 1 74  ? -2.941  13.593  5.386   1.00 17.68 ? 74   ARG A O   1 
ATOM   362  C CB  . ARG A 1 74  ? -3.035  16.369  7.194   1.00 17.40 ? 74   ARG A CB  1 
ATOM   363  C CG  . ARG A 1 74  ? -3.927  16.758  6.007   1.00 17.60 ? 74   ARG A CG  1 
ATOM   364  C CD  . ARG A 1 74  ? -4.100  18.280  5.981   1.00 18.24 ? 74   ARG A CD  1 
ATOM   365  N NE  . ARG A 1 74  ? -4.987  18.777  4.932   1.00 18.12 ? 74   ARG A NE  1 
ATOM   366  C CZ  . ARG A 1 74  ? -6.317  18.750  4.974   1.00 18.44 ? 74   ARG A CZ  1 
ATOM   367  N NH1 . ARG A 1 74  ? -6.954  18.239  6.020   1.00 15.52 ? 74   ARG A NH1 1 
ATOM   368  N NH2 . ARG A 1 74  ? -7.013  19.264  3.970   1.00 19.88 ? 74   ARG A NH2 1 
ATOM   369  N N   . VAL A 1 75  ? -0.947  14.488  5.918   1.00 16.32 ? 75   VAL A N   1 
ATOM   370  C CA  . VAL A 1 75  ? -0.283  13.998  4.720   1.00 16.46 ? 75   VAL A CA  1 
ATOM   371  C C   . VAL A 1 75  ? 0.805   12.961  4.993   1.00 16.95 ? 75   VAL A C   1 
ATOM   372  O O   . VAL A 1 75  ? 1.643   13.137  5.874   1.00 13.93 ? 75   VAL A O   1 
ATOM   373  C CB  . VAL A 1 75  ? 0.348   15.181  3.936   1.00 16.85 ? 75   VAL A CB  1 
ATOM   374  C CG1 . VAL A 1 75  ? 1.027   14.678  2.673   1.00 17.21 ? 75   VAL A CG1 1 
ATOM   375  C CG2 . VAL A 1 75  ? -0.729  16.206  3.593   1.00 15.87 ? 75   VAL A CG2 1 
ATOM   376  N N   . SER A 1 76  ? 0.774   11.873  4.234   1.00 17.48 ? 76   SER A N   1 
ATOM   377  C CA  . SER A 1 76  ? 1.781   10.828  4.361   1.00 18.25 ? 76   SER A CA  1 
ATOM   378  C C   . SER A 1 76  ? 2.307   10.468  2.980   1.00 18.43 ? 76   SER A C   1 
ATOM   379  O O   . SER A 1 76  ? 1.539   10.267  2.038   1.00 17.77 ? 76   SER A O   1 
ATOM   380  C CB  . SER A 1 76  ? 1.202   9.586   5.042   1.00 19.05 ? 76   SER A CB  1 
ATOM   381  O OG  . SER A 1 76  ? 1.025   9.808   6.431   1.00 20.20 ? 76   SER A OG  1 
ATOM   382  N N   . LYS A 1 77  ? 3.626   10.414  2.862   1.00 18.78 ? 77   LYS A N   1 
ATOM   383  C CA  . LYS A 1 77  ? 4.264   10.069  1.604   1.00 19.72 ? 77   LYS A CA  1 
ATOM   384  C C   . LYS A 1 77  ? 5.318   9.032   1.952   1.00 20.46 ? 77   LYS A C   1 
ATOM   385  O O   . LYS A 1 77  ? 6.291   9.331   2.644   1.00 20.28 ? 77   LYS A O   1 
ATOM   386  C CB  . LYS A 1 77  ? 4.912   11.307  0.975   1.00 22.46 ? 77   LYS A CB  1 
ATOM   387  C CG  . LYS A 1 77  ? 4.856   11.320  -0.546  1.00 28.23 ? 77   LYS A CG  1 
ATOM   388  C CD  . LYS A 1 77  ? 5.429   12.606  -1.137  1.00 32.88 ? 77   LYS A CD  1 
ATOM   389  C CE  . LYS A 1 77  ? 6.940   12.671  -0.972  1.00 36.91 ? 77   LYS A CE  1 
ATOM   390  N NZ  . LYS A 1 77  ? 7.522   13.864  -1.659  1.00 40.77 ? 77   LYS A NZ  1 
ATOM   391  N N   . VAL A 1 78  ? 5.106   7.804   1.494   1.00 18.45 ? 78   VAL A N   1 
ATOM   392  C CA  . VAL A 1 78  ? 6.030   6.719   1.773   1.00 18.34 ? 78   VAL A CA  1 
ATOM   393  C C   . VAL A 1 78  ? 6.258   5.878   0.523   1.00 17.65 ? 78   VAL A C   1 
ATOM   394  O O   . VAL A 1 78  ? 5.503   5.973   -0.444  1.00 18.26 ? 78   VAL A O   1 
ATOM   395  C CB  . VAL A 1 78  ? 5.476   5.794   2.879   1.00 18.35 ? 78   VAL A CB  1 
ATOM   396  C CG1 . VAL A 1 78  ? 5.250   6.581   4.163   1.00 18.16 ? 78   VAL A CG1 1 
ATOM   397  C CG2 . VAL A 1 78  ? 4.163   5.151   2.408   1.00 17.23 ? 78   VAL A CG2 1 
ATOM   398  N N   . ARG A 1 79  ? 7.305   5.060   0.541   1.00 16.49 ? 79   ARG A N   1 
ATOM   399  C CA  . ARG A 1 79  ? 7.585   4.183   -0.586  1.00 17.01 ? 79   ARG A CA  1 
ATOM   400  C C   . ARG A 1 79  ? 7.405   2.747   -0.117  1.00 16.53 ? 79   ARG A C   1 
ATOM   401  O O   . ARG A 1 79  ? 7.720   2.425   1.023   1.00 18.34 ? 79   ARG A O   1 
ATOM   402  C CB  . ARG A 1 79  ? 9.000   4.408   -1.116  1.00 18.41 ? 79   ARG A CB  1 
ATOM   403  C CG  . ARG A 1 79  ? 9.141   5.742   -1.813  1.00 20.56 ? 79   ARG A CG  1 
ATOM   404  C CD  . ARG A 1 79  ? 10.255  5.746   -2.852  1.00 22.08 ? 79   ARG A CD  1 
ATOM   405  N NE  . ARG A 1 79  ? 9.875   6.626   -3.950  1.00 26.93 ? 79   ARG A NE  1 
ATOM   406  C CZ  . ARG A 1 79  ? 9.403   6.213   -5.120  1.00 25.65 ? 79   ARG A CZ  1 
ATOM   407  N NH1 . ARG A 1 79  ? 9.260   4.920   -5.375  1.00 23.35 ? 79   ARG A NH1 1 
ATOM   408  N NH2 . ARG A 1 79  ? 9.036   7.103   -6.029  1.00 29.15 ? 79   ARG A NH2 1 
ATOM   409  N N   . ARG A 1 80  ? 6.882   1.899   -0.995  1.00 15.47 ? 80   ARG A N   1 
ATOM   410  C CA  . ARG A 1 80  ? 6.632   0.503   -0.664  1.00 16.42 ? 80   ARG A CA  1 
ATOM   411  C C   . ARG A 1 80  ? 6.953   -0.424  -1.831  1.00 16.71 ? 80   ARG A C   1 
ATOM   412  O O   . ARG A 1 80  ? 6.599   -0.134  -2.980  1.00 15.58 ? 80   ARG A O   1 
ATOM   413  C CB  . ARG A 1 80  ? 5.154   0.308   -0.293  1.00 17.14 ? 80   ARG A CB  1 
ATOM   414  C CG  . ARG A 1 80  ? 4.693   1.074   0.934   1.00 16.89 ? 80   ARG A CG  1 
ATOM   415  C CD  . ARG A 1 80  ? 5.278   0.485   2.206   1.00 17.15 ? 80   ARG A CD  1 
ATOM   416  N NE  . ARG A 1 80  ? 4.748   1.140   3.404   1.00 17.82 ? 80   ARG A NE  1 
ATOM   417  C CZ  . ARG A 1 80  ? 5.427   1.997   4.162   1.00 19.38 ? 80   ARG A CZ  1 
ATOM   418  N NH1 . ARG A 1 80  ? 6.682   2.327   3.857   1.00 17.83 ? 80   ARG A NH1 1 
ATOM   419  N NH2 . ARG A 1 80  ? 4.854   2.516   5.242   1.00 17.83 ? 80   ARG A NH2 1 
ATOM   420  N N   . ARG A 1 81  ? 7.621   -1.534  -1.524  1.00 15.80 ? 81   ARG A N   1 
ATOM   421  C CA  . ARG A 1 81  ? 7.955   -2.541  -2.528  1.00 16.05 ? 81   ARG A CA  1 
ATOM   422  C C   . ARG A 1 81  ? 6.694   -3.372  -2.695  1.00 15.54 ? 81   ARG A C   1 
ATOM   423  O O   . ARG A 1 81  ? 5.824   -3.370  -1.824  1.00 13.69 ? 81   ARG A O   1 
ATOM   424  C CB  . ARG A 1 81  ? 9.051   -3.485  -2.029  1.00 14.16 ? 81   ARG A CB  1 
ATOM   425  C CG  . ARG A 1 81  ? 10.420  -2.874  -1.759  1.00 16.12 ? 81   ARG A CG  1 
ATOM   426  C CD  . ARG A 1 81  ? 11.251  -3.896  -0.982  1.00 16.48 ? 81   ARG A CD  1 
ATOM   427  N NE  . ARG A 1 81  ? 12.672  -3.570  -0.876  1.00 19.18 ? 81   ARG A NE  1 
ATOM   428  C CZ  . ARG A 1 81  ? 13.638  -4.177  -1.563  1.00 21.07 ? 81   ARG A CZ  1 
ATOM   429  N NH1 . ARG A 1 81  ? 14.905  -3.812  -1.390  1.00 20.43 ? 81   ARG A NH1 1 
ATOM   430  N NH2 . ARG A 1 81  ? 13.347  -5.147  -2.426  1.00 19.72 ? 81   ARG A NH2 1 
ATOM   431  N N   . TYR A 1 82  ? 6.596   -4.096  -3.802  1.00 15.22 ? 82   TYR A N   1 
ATOM   432  C CA  . TYR A 1 82  ? 5.441   -4.949  -4.013  1.00 15.09 ? 82   TYR A CA  1 
ATOM   433  C C   . TYR A 1 82  ? 5.367   -5.941  -2.854  1.00 14.64 ? 82   TYR A C   1 
ATOM   434  O O   . TYR A 1 82  ? 4.284   -6.296  -2.395  1.00 15.36 ? 82   TYR A O   1 
ATOM   435  C CB  . TYR A 1 82  ? 5.573   -5.701  -5.336  1.00 15.72 ? 82   TYR A CB  1 
ATOM   436  C CG  . TYR A 1 82  ? 4.377   -6.561  -5.646  1.00 18.84 ? 82   TYR A CG  1 
ATOM   437  C CD1 . TYR A 1 82  ? 4.355   -7.914  -5.305  1.00 17.44 ? 82   TYR A CD1 1 
ATOM   438  C CD2 . TYR A 1 82  ? 3.252   -6.014  -6.264  1.00 18.80 ? 82   TYR A CD2 1 
ATOM   439  C CE1 . TYR A 1 82  ? 3.238   -8.702  -5.575  1.00 19.20 ? 82   TYR A CE1 1 
ATOM   440  C CE2 . TYR A 1 82  ? 2.134   -6.791  -6.533  1.00 22.07 ? 82   TYR A CE2 1 
ATOM   441  C CZ  . TYR A 1 82  ? 2.134   -8.131  -6.187  1.00 21.30 ? 82   TYR A CZ  1 
ATOM   442  O OH  . TYR A 1 82  ? 1.019   -8.888  -6.455  1.00 24.16 ? 82   TYR A OH  1 
ATOM   443  N N   . SER A 1 83  ? 6.523   -6.385  -2.372  1.00 14.93 ? 83   SER A N   1 
ATOM   444  C CA  . SER A 1 83  ? 6.543   -7.330  -1.259  1.00 14.25 ? 83   SER A CA  1 
ATOM   445  C C   . SER A 1 83  ? 5.965   -6.711  0.015   1.00 15.58 ? 83   SER A C   1 
ATOM   446  O O   . SER A 1 83  ? 5.430   -7.425  0.861   1.00 14.99 ? 83   SER A O   1 
ATOM   447  C CB  . SER A 1 83  ? 7.970   -7.835  -1.003  1.00 13.89 ? 83   SER A CB  1 
ATOM   448  O OG  . SER A 1 83  ? 8.866   -6.768  -0.787  1.00 10.88 ? 83   SER A OG  1 
ATOM   449  N N   . ASP A 1 84  ? 6.069   -5.388  0.158   1.00 13.98 ? 84   ASP A N   1 
ATOM   450  C CA  . ASP A 1 84  ? 5.511   -4.730  1.337   1.00 14.87 ? 84   ASP A CA  1 
ATOM   451  C C   . ASP A 1 84  ? 3.984   -4.810  1.273   1.00 14.92 ? 84   ASP A C   1 
ATOM   452  O O   . ASP A 1 84  ? 3.325   -4.984  2.297   1.00 14.88 ? 84   ASP A O   1 
ATOM   453  C CB  . ASP A 1 84  ? 5.952   -3.260  1.421   1.00 15.50 ? 84   ASP A CB  1 
ATOM   454  C CG  . ASP A 1 84  ? 7.431   -3.107  1.755   1.00 17.96 ? 84   ASP A CG  1 
ATOM   455  O OD1 . ASP A 1 84  ? 7.943   -3.868  2.607   1.00 18.30 ? 84   ASP A OD1 1 
ATOM   456  O OD2 . ASP A 1 84  ? 8.077   -2.217  1.175   1.00 16.76 ? 84   ASP A OD2 1 
ATOM   457  N N   . PHE A 1 85  ? 3.429   -4.669  0.070   1.00 12.54 ? 85   PHE A N   1 
ATOM   458  C CA  . PHE A 1 85  ? 1.984   -4.762  -0.120  1.00 14.27 ? 85   PHE A CA  1 
ATOM   459  C C   . PHE A 1 85  ? 1.532   -6.186  0.214   1.00 14.00 ? 85   PHE A C   1 
ATOM   460  O O   . PHE A 1 85  ? 0.473   -6.391  0.819   1.00 14.10 ? 85   PHE A O   1 
ATOM   461  C CB  . PHE A 1 85  ? 1.606   -4.439  -1.574  1.00 13.95 ? 85   PHE A CB  1 
ATOM   462  C CG  . PHE A 1 85  ? 1.572   -2.964  -1.890  1.00 15.34 ? 85   PHE A CG  1 
ATOM   463  C CD1 . PHE A 1 85  ? 0.386   -2.242  -1.772  1.00 14.79 ? 85   PHE A CD1 1 
ATOM   464  C CD2 . PHE A 1 85  ? 2.716   -2.304  -2.326  1.00 13.15 ? 85   PHE A CD2 1 
ATOM   465  C CE1 . PHE A 1 85  ? 0.337   -0.880  -2.087  1.00 15.33 ? 85   PHE A CE1 1 
ATOM   466  C CE2 . PHE A 1 85  ? 2.677   -0.938  -2.645  1.00 14.87 ? 85   PHE A CE2 1 
ATOM   467  C CZ  . PHE A 1 85  ? 1.485   -0.229  -2.524  1.00 13.85 ? 85   PHE A CZ  1 
ATOM   468  N N   . GLU A 1 86  ? 2.335   -7.170  -0.187  1.00 12.54 ? 86   GLU A N   1 
ATOM   469  C CA  . GLU A 1 86  ? 2.004   -8.565  0.086   1.00 14.16 ? 86   GLU A CA  1 
ATOM   470  C C   . GLU A 1 86  ? 1.986   -8.821  1.586   1.00 13.90 ? 86   GLU A C   1 
ATOM   471  O O   . GLU A 1 86  ? 1.104   -9.510  2.099   1.00 13.15 ? 86   GLU A O   1 
ATOM   472  C CB  . GLU A 1 86  ? 3.015   -9.507  -0.575  1.00 14.00 ? 86   GLU A CB  1 
ATOM   473  C CG  . GLU A 1 86  ? 2.863   -9.625  -2.082  1.00 16.11 ? 86   GLU A CG  1 
ATOM   474  C CD  . GLU A 1 86  ? 3.898   -10.560 -2.695  1.00 20.26 ? 86   GLU A CD  1 
ATOM   475  O OE1 . GLU A 1 86  ? 5.114   -10.305 -2.542  1.00 19.24 ? 86   GLU A OE1 1 
ATOM   476  O OE2 . GLU A 1 86  ? 3.490   -11.552 -3.329  1.00 21.27 ? 86   GLU A OE2 1 
ATOM   477  N N   . PHE A 1 87  ? 2.975   -8.280  2.284   1.00 14.66 ? 87   PHE A N   1 
ATOM   478  C CA  . PHE A 1 87  ? 3.049   -8.446  3.725   1.00 15.79 ? 87   PHE A CA  1 
ATOM   479  C C   . PHE A 1 87  ? 1.873   -7.716  4.369   1.00 14.23 ? 87   PHE A C   1 
ATOM   480  O O   . PHE A 1 87  ? 1.256   -8.222  5.302   1.00 14.51 ? 87   PHE A O   1 
ATOM   481  C CB  . PHE A 1 87  ? 4.365   -7.881  4.261   1.00 18.38 ? 87   PHE A CB  1 
ATOM   482  C CG  . PHE A 1 87  ? 4.567   -8.119  5.726   1.00 23.43 ? 87   PHE A CG  1 
ATOM   483  C CD1 . PHE A 1 87  ? 4.615   -9.415  6.231   1.00 25.31 ? 87   PHE A CD1 1 
ATOM   484  C CD2 . PHE A 1 87  ? 4.700   -7.052  6.607   1.00 25.37 ? 87   PHE A CD2 1 
ATOM   485  C CE1 . PHE A 1 87  ? 4.792   -9.642  7.595   1.00 28.31 ? 87   PHE A CE1 1 
ATOM   486  C CE2 . PHE A 1 87  ? 4.878   -7.270  7.974   1.00 27.65 ? 87   PHE A CE2 1 
ATOM   487  C CZ  . PHE A 1 87  ? 4.923   -8.567  8.467   1.00 26.39 ? 87   PHE A CZ  1 
ATOM   488  N N   . PHE A 1 88  ? 1.563   -6.528  3.859   1.00 14.67 ? 88   PHE A N   1 
ATOM   489  C CA  . PHE A 1 88  ? 0.453   -5.729  4.378   1.00 15.02 ? 88   PHE A CA  1 
ATOM   490  C C   . PHE A 1 88  ? -0.875  -6.478  4.253   1.00 14.07 ? 88   PHE A C   1 
ATOM   491  O O   . PHE A 1 88  ? -1.675  -6.485  5.189   1.00 15.61 ? 88   PHE A O   1 
ATOM   492  C CB  . PHE A 1 88  ? 0.377   -4.388  3.632   1.00 13.89 ? 88   PHE A CB  1 
ATOM   493  C CG  . PHE A 1 88  ? -0.881  -3.602  3.902   1.00 13.24 ? 88   PHE A CG  1 
ATOM   494  C CD1 . PHE A 1 88  ? -1.220  -3.213  5.194   1.00 13.97 ? 88   PHE A CD1 1 
ATOM   495  C CD2 . PHE A 1 88  ? -1.721  -3.236  2.853   1.00 14.17 ? 88   PHE A CD2 1 
ATOM   496  C CE1 . PHE A 1 88  ? -2.376  -2.467  5.440   1.00 13.23 ? 88   PHE A CE1 1 
ATOM   497  C CE2 . PHE A 1 88  ? -2.878  -2.492  3.087   1.00 15.83 ? 88   PHE A CE2 1 
ATOM   498  C CZ  . PHE A 1 88  ? -3.204  -2.107  4.388   1.00 14.59 ? 88   PHE A CZ  1 
ATOM   499  N N   . ARG A 1 89  ? -1.111  -7.108  3.102   1.00 14.36 ? 89   ARG A N   1 
ATOM   500  C CA  . ARG A 1 89  ? -2.359  -7.845  2.903   1.00 14.28 ? 89   ARG A CA  1 
ATOM   501  C C   . ARG A 1 89  ? -2.490  -8.956  3.943   1.00 14.78 ? 89   ARG A C   1 
ATOM   502  O O   . ARG A 1 89  ? -3.558  -9.146  4.517   1.00 14.52 ? 89   ARG A O   1 
ATOM   503  C CB  . ARG A 1 89  ? -2.432  -8.440  1.491   1.00 13.30 ? 89   ARG A CB  1 
ATOM   504  C CG  . ARG A 1 89  ? -3.784  -9.093  1.159   1.00 13.46 ? 89   ARG A CG  1 
ATOM   505  C CD  . ARG A 1 89  ? -3.860  -9.538  -0.309  1.00 14.41 ? 89   ARG A CD  1 
ATOM   506  N NE  . ARG A 1 89  ? -5.204  -9.968  -0.695  1.00 15.21 ? 89   ARG A NE  1 
ATOM   507  C CZ  . ARG A 1 89  ? -5.714  -11.174 -0.452  1.00 17.65 ? 89   ARG A CZ  1 
ATOM   508  N NH1 . ARG A 1 89  ? -4.993  -12.097 0.176   1.00 14.74 ? 89   ARG A NH1 1 
ATOM   509  N NH2 . ARG A 1 89  ? -6.956  -11.457 -0.829  1.00 13.80 ? 89   ARG A NH2 1 
ATOM   510  N N   . LYS A 1 90  ? -1.404  -9.690  4.182   1.00 15.35 ? 90   LYS A N   1 
ATOM   511  C CA  . LYS A 1 90  ? -1.428  -10.764 5.173   1.00 16.23 ? 90   LYS A CA  1 
ATOM   512  C C   . LYS A 1 90  ? -1.766  -10.200 6.554   1.00 16.31 ? 90   LYS A C   1 
ATOM   513  O O   . LYS A 1 90  ? -2.616  -10.736 7.270   1.00 14.99 ? 90   LYS A O   1 
ATOM   514  C CB  . LYS A 1 90  ? -0.071  -11.473 5.227   1.00 17.41 ? 90   LYS A CB  1 
ATOM   515  C CG  . LYS A 1 90  ? 0.237   -12.305 3.988   1.00 21.38 ? 90   LYS A CG  1 
ATOM   516  C CD  . LYS A 1 90  ? 1.557   -13.048 4.125   1.00 25.23 ? 90   LYS A CD  1 
ATOM   517  C CE  . LYS A 1 90  ? 1.519   -14.038 5.284   1.00 28.34 ? 90   LYS A CE  1 
ATOM   518  N NZ  . LYS A 1 90  ? 2.799   -14.800 5.397   1.00 30.65 ? 90   LYS A NZ  1 
HETATM 519  N N   . CME A 1 91  ? -1.097  -9.111  6.918   1.00 16.74 ? 91   CME A N   1 
HETATM 520  C CA  . CME A 1 91  ? -1.321  -8.465  8.206   1.00 16.97 ? 91   CME A CA  1 
HETATM 521  C CB  . CME A 1 91  ? -0.337  -7.325  8.388   1.00 21.57 ? 91   CME A CB  1 
HETATM 522  S SG  . CME A 1 91  ? 1.370   -7.855  8.564   1.00 27.15 ? 91   CME A SG  1 
HETATM 523  S SD  . CME A 1 91  ? 1.496   -8.296  10.544  1.00 40.87 ? 91   CME A SD  1 
HETATM 524  C CE  . CME A 1 91  ? 2.536   -6.973  11.196  1.00 40.85 ? 91   CME A CE  1 
HETATM 525  C CZ  . CME A 1 91  ? 1.828   -5.638  11.265  1.00 43.94 ? 91   CME A CZ  1 
HETATM 526  O OH  . CME A 1 91  ? 2.582   -4.567  10.722  1.00 46.40 ? 91   CME A OH  1 
HETATM 527  C C   . CME A 1 91  ? -2.750  -7.935  8.313   1.00 15.51 ? 91   CME A C   1 
HETATM 528  O O   . CME A 1 91  ? -3.395  -8.079  9.347   1.00 16.69 ? 91   CME A O   1 
ATOM   529  N N   . LEU A 1 92  ? -3.234  -7.308  7.247   1.00 14.52 ? 92   LEU A N   1 
ATOM   530  C CA  . LEU A 1 92  ? -4.580  -6.750  7.238   1.00 14.87 ? 92   LEU A CA  1 
ATOM   531  C C   . LEU A 1 92  ? -5.632  -7.840  7.420   1.00 15.23 ? 92   LEU A C   1 
ATOM   532  O O   . LEU A 1 92  ? -6.539  -7.717  8.238   1.00 13.91 ? 92   LEU A O   1 
ATOM   533  C CB  . LEU A 1 92  ? -4.834  -6.007  5.922   1.00 15.38 ? 92   LEU A CB  1 
ATOM   534  C CG  . LEU A 1 92  ? -6.188  -5.308  5.792   1.00 16.14 ? 92   LEU A CG  1 
ATOM   535  C CD1 . LEU A 1 92  ? -6.348  -4.281  6.918   1.00 17.69 ? 92   LEU A CD1 1 
ATOM   536  C CD2 . LEU A 1 92  ? -6.288  -4.634  4.428   1.00 14.36 ? 92   LEU A CD2 1 
ATOM   537  N N   . ILE A 1 93  ? -5.508  -8.911  6.649   1.00 15.31 ? 93   ILE A N   1 
ATOM   538  C CA  . ILE A 1 93  ? -6.463  -10.004 6.745   1.00 16.51 ? 93   ILE A CA  1 
ATOM   539  C C   . ILE A 1 93  ? -6.492  -10.579 8.163   1.00 17.72 ? 93   ILE A C   1 
ATOM   540  O O   . ILE A 1 93  ? -7.561  -10.889 8.695   1.00 17.83 ? 93   ILE A O   1 
ATOM   541  C CB  . ILE A 1 93  ? -6.135  -11.087 5.691   1.00 15.27 ? 93   ILE A CB  1 
ATOM   542  C CG1 . ILE A 1 93  ? -6.577  -10.572 4.312   1.00 14.13 ? 93   ILE A CG1 1 
ATOM   543  C CG2 . ILE A 1 93  ? -6.810  -12.419 6.041   1.00 13.75 ? 93   ILE A CG2 1 
ATOM   544  C CD1 . ILE A 1 93  ? -6.211  -11.473 3.150   1.00 16.22 ? 93   ILE A CD1 1 
ATOM   545  N N   . LYS A 1 94  ? -5.327  -10.693 8.790   1.00 18.00 ? 94   LYS A N   1 
ATOM   546  C CA  . LYS A 1 94  ? -5.274  -11.218 10.148  1.00 19.43 ? 94   LYS A CA  1 
ATOM   547  C C   . LYS A 1 94  ? -5.929  -10.258 11.140  1.00 20.40 ? 94   LYS A C   1 
ATOM   548  O O   . LYS A 1 94  ? -6.664  -10.687 12.032  1.00 20.36 ? 94   LYS A O   1 
ATOM   549  C CB  . LYS A 1 94  ? -3.827  -11.491 10.566  1.00 21.50 ? 94   LYS A CB  1 
ATOM   550  C CG  . LYS A 1 94  ? -3.703  -12.079 11.965  1.00 23.54 ? 94   LYS A CG  1 
ATOM   551  C CD  . LYS A 1 94  ? -2.356  -12.745 12.183  1.00 26.58 ? 94   LYS A CD  1 
ATOM   552  C CE  . LYS A 1 94  ? -2.334  -13.490 13.514  1.00 28.55 ? 94   LYS A CE  1 
ATOM   553  N NZ  . LYS A 1 94  ? -1.096  -14.303 13.698  1.00 32.15 ? 94   LYS A NZ  1 
ATOM   554  N N   . GLU A 1 95  ? -5.674  -8.961  10.983  1.00 18.22 ? 95   GLU A N   1 
ATOM   555  C CA  . GLU A 1 95  ? -6.259  -7.970  11.881  1.00 19.65 ? 95   GLU A CA  1 
ATOM   556  C C   . GLU A 1 95  ? -7.784  -7.935  11.758  1.00 19.77 ? 95   GLU A C   1 
ATOM   557  O O   . GLU A 1 95  ? -8.494  -7.826  12.760  1.00 18.76 ? 95   GLU A O   1 
ATOM   558  C CB  . GLU A 1 95  ? -5.689  -6.573  11.601  1.00 20.33 ? 95   GLU A CB  1 
ATOM   559  C CG  . GLU A 1 95  ? -6.344  -5.472  12.430  1.00 22.11 ? 95   GLU A CG  1 
ATOM   560  C CD  . GLU A 1 95  ? -5.791  -4.090  12.130  1.00 22.20 ? 95   GLU A CD  1 
ATOM   561  O OE1 . GLU A 1 95  ? -5.677  -3.734  10.941  1.00 25.27 ? 95   GLU A OE1 1 
ATOM   562  O OE2 . GLU A 1 95  ? -5.483  -3.351  13.088  1.00 26.48 ? 95   GLU A OE2 1 
ATOM   563  N N   . ILE A 1 96  ? -8.285  -8.025  10.531  1.00 19.30 ? 96   ILE A N   1 
ATOM   564  C CA  . ILE A 1 96  ? -9.730  -8.009  10.302  1.00 20.93 ? 96   ILE A CA  1 
ATOM   565  C C   . ILE A 1 96  ? -10.445 -9.128  11.069  1.00 23.20 ? 96   ILE A C   1 
ATOM   566  O O   . ILE A 1 96  ? -11.541 -8.921  11.593  1.00 23.30 ? 96   ILE A O   1 
ATOM   567  C CB  . ILE A 1 96  ? -10.055 -8.134  8.793   1.00 18.97 ? 96   ILE A CB  1 
ATOM   568  C CG1 . ILE A 1 96  ? -9.675  -6.837  8.077   1.00 17.44 ? 96   ILE A CG1 1 
ATOM   569  C CG2 . ILE A 1 96  ? -11.534 -8.454  8.587   1.00 18.56 ? 96   ILE A CG2 1 
ATOM   570  C CD1 . ILE A 1 96  ? -9.817  -6.911  6.564   1.00 17.94 ? 96   ILE A CD1 1 
ATOM   571  N N   . SER A 1 97  ? -9.833  -10.307 11.139  1.00 24.05 ? 97   SER A N   1 
ATOM   572  C CA  . SER A 1 97  ? -10.449 -11.418 11.854  1.00 27.83 ? 97   SER A CA  1 
ATOM   573  C C   . SER A 1 97  ? -10.424 -11.151 13.355  1.00 29.95 ? 97   SER A C   1 
ATOM   574  O O   . SER A 1 97  ? -11.300 -11.605 14.088  1.00 28.69 ? 97   SER A O   1 
ATOM   575  C CB  . SER A 1 97  ? -9.719  -12.731 11.563  1.00 25.69 ? 97   SER A CB  1 
ATOM   576  O OG  . SER A 1 97  ? -8.446  -12.746 12.178  1.00 32.24 ? 97   SER A OG  1 
ATOM   577  N N   . MET A 1 98  ? -9.411  -10.421 13.811  1.00 33.35 ? 98   MET A N   1 
ATOM   578  C CA  . MET A 1 98  ? -9.297  -10.095 15.226  1.00 38.59 ? 98   MET A CA  1 
ATOM   579  C C   . MET A 1 98  ? -10.321 -9.024  15.583  1.00 40.63 ? 98   MET A C   1 
ATOM   580  O O   . MET A 1 98  ? -10.863 -9.019  16.687  1.00 42.59 ? 98   MET A O   1 
ATOM   581  C CB  . MET A 1 98  ? -7.880  -9.605  15.545  1.00 41.14 ? 98   MET A CB  1 
ATOM   582  C CG  . MET A 1 98  ? -6.811  -10.675 15.371  1.00 45.07 ? 98   MET A CG  1 
ATOM   583  S SD  . MET A 1 98  ? -5.124  -10.042 15.502  1.00 50.81 ? 98   MET A SD  1 
ATOM   584  C CE  . MET A 1 98  ? -4.845  -10.180 17.269  1.00 50.15 ? 98   MET A CE  1 
ATOM   585  N N   . LEU A 1 99  ? -10.590 -8.123  14.643  1.00 42.35 ? 99   LEU A N   1 
ATOM   586  C CA  . LEU A 1 99  ? -11.562 -7.055  14.859  1.00 44.61 ? 99   LEU A CA  1 
ATOM   587  C C   . LEU A 1 99  ? -12.973 -7.625  14.831  1.00 46.09 ? 99   LEU A C   1 
ATOM   588  O O   . LEU A 1 99  ? -13.953 -6.891  14.942  1.00 46.18 ? 99   LEU A O   1 
ATOM   589  C CB  . LEU A 1 99  ? -11.436 -5.983  13.772  1.00 44.56 ? 99   LEU A CB  1 
ATOM   590  C CG  . LEU A 1 99  ? -10.125 -5.202  13.680  1.00 45.04 ? 99   LEU A CG  1 
ATOM   591  C CD1 . LEU A 1 99  ? -10.214 -4.213  12.528  1.00 45.56 ? 99   LEU A CD1 1 
ATOM   592  C CD2 . LEU A 1 99  ? -9.856  -4.476  14.990  1.00 45.15 ? 99   LEU A CD2 1 
ATOM   593  N N   . ASN A 1 100 ? -13.064 -8.941  14.675  1.00 48.49 ? 100  ASN A N   1 
ATOM   594  C CA  . ASN A 1 100 ? -14.346 -9.630  14.622  1.00 51.23 ? 100  ASN A CA  1 
ATOM   595  C C   . ASN A 1 100 ? -15.226 -9.197  13.452  1.00 51.92 ? 100  ASN A C   1 
ATOM   596  O O   . ASN A 1 100 ? -16.368 -8.776  13.636  1.00 51.59 ? 100  ASN A O   1 
ATOM   597  C CB  . ASN A 1 100 ? -15.104 -9.451  15.942  1.00 53.33 ? 100  ASN A CB  1 
ATOM   598  C CG  . ASN A 1 100 ? -14.534 -10.307 17.058  1.00 55.55 ? 100  ASN A CG  1 
ATOM   599  O OD1 . ASN A 1 100 ? -14.425 -11.528 16.923  1.00 56.54 ? 100  ASN A OD1 1 
ATOM   600  N ND2 . ASN A 1 100 ? -14.171 -9.673  18.169  1.00 55.78 ? 100  ASN A ND2 1 
ATOM   601  N N   . HIS A 1 101 ? -14.672 -9.303  12.248  1.00 52.57 ? 101  HIS A N   1 
ATOM   602  C CA  . HIS A 1 101 ? -15.386 -8.972  11.020  1.00 53.63 ? 101  HIS A CA  1 
ATOM   603  C C   . HIS A 1 101 ? -15.168 -10.150 10.074  1.00 53.64 ? 101  HIS A C   1 
ATOM   604  O O   . HIS A 1 101 ? -14.625 -9.994  8.981   1.00 54.47 ? 101  HIS A O   1 
ATOM   605  C CB  . HIS A 1 101 ? -14.836 -7.686  10.395  1.00 54.76 ? 101  HIS A CB  1 
ATOM   606  C CG  . HIS A 1 101 ? -15.187 -6.444  11.150  1.00 56.73 ? 101  HIS A CG  1 
ATOM   607  N ND1 . HIS A 1 101 ? -16.488 -6.092  11.444  1.00 57.36 ? 101  HIS A ND1 1 
ATOM   608  C CD2 . HIS A 1 101 ? -14.410 -5.451  11.648  1.00 57.50 ? 101  HIS A CD2 1 
ATOM   609  C CE1 . HIS A 1 101 ? -16.496 -4.939  12.087  1.00 57.35 ? 101  HIS A CE1 1 
ATOM   610  N NE2 . HIS A 1 101 ? -15.249 -4.528  12.224  1.00 57.82 ? 101  HIS A NE2 1 
ATOM   611  N N   . PRO A 1 102 ? -15.606 -11.351 10.487  1.00 53.47 ? 102  PRO A N   1 
ATOM   612  C CA  . PRO A 1 102 ? -15.477 -12.595 9.722   1.00 52.89 ? 102  PRO A CA  1 
ATOM   613  C C   . PRO A 1 102 ? -16.091 -12.596 8.323   1.00 52.07 ? 102  PRO A C   1 
ATOM   614  O O   . PRO A 1 102 ? -15.980 -13.587 7.599   1.00 52.58 ? 102  PRO A O   1 
ATOM   615  C CB  . PRO A 1 102 ? -16.131 -13.625 10.641  1.00 53.53 ? 102  PRO A CB  1 
ATOM   616  C CG  . PRO A 1 102 ? -17.207 -12.825 11.302  1.00 53.37 ? 102  PRO A CG  1 
ATOM   617  C CD  . PRO A 1 102 ? -16.468 -11.561 11.666  1.00 53.39 ? 102  PRO A CD  1 
ATOM   618  N N   . LYS A 1 103 ? -16.736 -11.498 7.939   1.00 50.13 ? 103  LYS A N   1 
ATOM   619  C CA  . LYS A 1 103 ? -17.347 -11.424 6.617   1.00 47.35 ? 103  LYS A CA  1 
ATOM   620  C C   . LYS A 1 103 ? -16.662 -10.427 5.680   1.00 44.77 ? 103  LYS A C   1 
ATOM   621  O O   . LYS A 1 103 ? -16.836 -10.503 4.464   1.00 44.75 ? 103  LYS A O   1 
ATOM   622  C CB  . LYS A 1 103 ? -18.838 -11.092 6.742   1.00 49.26 ? 103  LYS A CB  1 
ATOM   623  C CG  . LYS A 1 103 ? -19.622 -12.113 7.564   1.00 51.52 ? 103  LYS A CG  1 
ATOM   624  C CD  . LYS A 1 103 ? -21.127 -11.920 7.435   1.00 52.54 ? 103  LYS A CD  1 
ATOM   625  C CE  . LYS A 1 103 ? -21.596 -12.196 6.011   1.00 54.09 ? 103  LYS A CE  1 
ATOM   626  N NZ  . LYS A 1 103 ? -23.075 -12.100 5.873   1.00 53.98 ? 103  LYS A NZ  1 
ATOM   627  N N   . VAL A 1 104 ? -15.889 -9.497  6.236   1.00 40.18 ? 104  VAL A N   1 
ATOM   628  C CA  . VAL A 1 104 ? -15.189 -8.514  5.412   1.00 37.05 ? 104  VAL A CA  1 
ATOM   629  C C   . VAL A 1 104 ? -14.146 -9.234  4.562   1.00 34.78 ? 104  VAL A C   1 
ATOM   630  O O   . VAL A 1 104 ? -13.350 -10.019 5.076   1.00 35.16 ? 104  VAL A O   1 
ATOM   631  C CB  . VAL A 1 104 ? -14.474 -7.455  6.268   1.00 35.30 ? 104  VAL A CB  1 
ATOM   632  C CG1 . VAL A 1 104 ? -13.724 -6.485  5.369   1.00 35.11 ? 104  VAL A CG1 1 
ATOM   633  C CG2 . VAL A 1 104 ? -15.482 -6.713  7.122   1.00 36.36 ? 104  VAL A CG2 1 
ATOM   634  N N   . MET A 1 105 ? -14.143 -8.966  3.264   1.00 31.09 ? 105  MET A N   1 
ATOM   635  C CA  . MET A 1 105 ? -13.195 -9.624  2.383   1.00 28.45 ? 105  MET A CA  1 
ATOM   636  C C   . MET A 1 105 ? -12.233 -8.675  1.685   1.00 25.61 ? 105  MET A C   1 
ATOM   637  O O   . MET A 1 105 ? -12.627 -7.638  1.160   1.00 25.56 ? 105  MET A O   1 
ATOM   638  C CB  . MET A 1 105 ? -13.951 -10.464 1.360   1.00 29.77 ? 105  MET A CB  1 
ATOM   639  C CG  . MET A 1 105 ? -14.804 -11.544 2.009   1.00 33.12 ? 105  MET A CG  1 
ATOM   640  S SD  . MET A 1 105 ? -15.143 -12.891 0.887   1.00 41.56 ? 105  MET A SD  1 
ATOM   641  C CE  . MET A 1 105 ? -16.463 -12.172 -0.091  1.00 39.74 ? 105  MET A CE  1 
ATOM   642  N N   . VAL A 1 106 ? -10.958 -9.043  1.691   1.00 22.51 ? 106  VAL A N   1 
ATOM   643  C CA  . VAL A 1 106 ? -9.930  -8.229  1.065   1.00 18.54 ? 106  VAL A CA  1 
ATOM   644  C C   . VAL A 1 106 ? -9.616  -8.785  -0.313  1.00 18.39 ? 106  VAL A C   1 
ATOM   645  O O   . VAL A 1 106 ? -9.308  -9.971  -0.458  1.00 17.63 ? 106  VAL A O   1 
ATOM   646  C CB  . VAL A 1 106 ? -8.637  -8.223  1.905   1.00 19.76 ? 106  VAL A CB  1 
ATOM   647  C CG1 . VAL A 1 106 ? -7.571  -7.359  1.221   1.00 15.56 ? 106  VAL A CG1 1 
ATOM   648  C CG2 . VAL A 1 106 ? -8.934  -7.715  3.302   1.00 16.23 ? 106  VAL A CG2 1 
ATOM   649  N N   . PRO A 1 107 ? -9.686  -7.933  -1.345  1.00 17.53 ? 107  PRO A N   1 
ATOM   650  C CA  . PRO A 1 107 ? -9.410  -8.329  -2.729  1.00 17.90 ? 107  PRO A CA  1 
ATOM   651  C C   . PRO A 1 107 ? -8.002  -8.876  -2.916  1.00 17.75 ? 107  PRO A C   1 
ATOM   652  O O   . PRO A 1 107 ? -7.093  -8.548  -2.150  1.00 16.23 ? 107  PRO A O   1 
ATOM   653  C CB  . PRO A 1 107 ? -9.589  -7.026  -3.512  1.00 17.22 ? 107  PRO A CB  1 
ATOM   654  C CG  . PRO A 1 107 ? -10.534 -6.241  -2.677  1.00 21.82 ? 107  PRO A CG  1 
ATOM   655  C CD  . PRO A 1 107 ? -10.063 -6.513  -1.273  1.00 19.12 ? 107  PRO A CD  1 
ATOM   656  N N   . HIS A 1 108 ? -7.831  -9.699  -3.945  1.00 17.98 ? 108  HIS A N   1 
ATOM   657  C CA  . HIS A 1 108 ? -6.525  -10.255 -4.286  1.00 19.22 ? 108  HIS A CA  1 
ATOM   658  C C   . HIS A 1 108 ? -5.620  -9.085  -4.654  1.00 19.86 ? 108  HIS A C   1 
ATOM   659  O O   . HIS A 1 108 ? -6.093  -8.088  -5.201  1.00 18.37 ? 108  HIS A O   1 
ATOM   660  C CB  . HIS A 1 108 ? -6.624  -11.154 -5.526  1.00 21.78 ? 108  HIS A CB  1 
ATOM   661  C CG  . HIS A 1 108 ? -7.213  -12.506 -5.269  1.00 23.04 ? 108  HIS A CG  1 
ATOM   662  N ND1 . HIS A 1 108 ? -7.611  -13.344 -6.289  1.00 25.02 ? 108  HIS A ND1 1 
ATOM   663  C CD2 . HIS A 1 108 ? -7.430  -13.185 -4.120  1.00 24.39 ? 108  HIS A CD2 1 
ATOM   664  C CE1 . HIS A 1 108 ? -8.046  -14.481 -5.778  1.00 24.60 ? 108  HIS A CE1 1 
ATOM   665  N NE2 . HIS A 1 108 ? -7.947  -14.411 -4.464  1.00 24.26 ? 108  HIS A NE2 1 
ATOM   666  N N   . LEU A 1 109 ? -4.326  -9.203  -4.363  1.00 20.07 ? 109  LEU A N   1 
ATOM   667  C CA  . LEU A 1 109 ? -3.376  -8.161  -4.739  1.00 21.96 ? 109  LEU A CA  1 
ATOM   668  C C   . LEU A 1 109 ? -3.158  -8.389  -6.228  1.00 23.10 ? 109  LEU A C   1 
ATOM   669  O O   . LEU A 1 109 ? -2.931  -9.515  -6.648  1.00 22.48 ? 109  LEU A O   1 
ATOM   670  C CB  . LEU A 1 109 ? -2.034  -8.348  -4.034  1.00 19.32 ? 109  LEU A CB  1 
ATOM   671  C CG  . LEU A 1 109 ? -1.494  -7.318  -3.041  1.00 22.57 ? 109  LEU A CG  1 
ATOM   672  C CD1 . LEU A 1 109 ? 0.007   -7.568  -2.908  1.00 21.17 ? 109  LEU A CD1 1 
ATOM   673  C CD2 . LEU A 1 109 ? -1.749  -5.886  -3.502  1.00 15.81 ? 109  LEU A CD2 1 
ATOM   674  N N   . PRO A 1 110 ? -3.233  -7.332  -7.044  1.00 26.13 ? 110  PRO A N   1 
ATOM   675  C CA  . PRO A 1 110 ? -3.026  -7.510  -8.485  1.00 28.52 ? 110  PRO A CA  1 
ATOM   676  C C   . PRO A 1 110 ? -1.547  -7.703  -8.799  1.00 30.38 ? 110  PRO A C   1 
ATOM   677  O O   . PRO A 1 110 ? -0.695  -7.469  -7.948  1.00 30.84 ? 110  PRO A O   1 
ATOM   678  C CB  . PRO A 1 110 ? -3.556  -6.203  -9.083  1.00 29.11 ? 110  PRO A CB  1 
ATOM   679  C CG  . PRO A 1 110 ? -4.487  -5.667  -8.017  1.00 28.88 ? 110  PRO A CG  1 
ATOM   680  C CD  . PRO A 1 110 ? -3.743  -5.982  -6.755  1.00 26.58 ? 110  PRO A CD  1 
ATOM   681  N N   . GLY A 1 111 ? -1.258  -8.133  -10.024 1.00 32.87 ? 111  GLY A N   1 
ATOM   682  C CA  . GLY A 1 111 ? 0.116   -8.316  -10.462 1.00 35.21 ? 111  GLY A CA  1 
ATOM   683  C C   . GLY A 1 111 ? 1.005   -9.280  -9.700  1.00 37.08 ? 111  GLY A C   1 
ATOM   684  O O   . GLY A 1 111 ? 2.225   -9.133  -9.726  1.00 36.97 ? 111  GLY A O   1 
ATOM   685  N N   . LYS A 1 112 ? 0.414   -10.258 -9.022  1.00 39.95 ? 112  LYS A N   1 
ATOM   686  C CA  . LYS A 1 112 ? 1.198   -11.239 -8.278  1.00 43.44 ? 112  LYS A CA  1 
ATOM   687  C C   . LYS A 1 112 ? 1.932   -12.144 -9.257  1.00 44.94 ? 112  LYS A C   1 
ATOM   688  O O   . LYS A 1 112 ? 3.160   -12.257 -9.220  1.00 45.19 ? 112  LYS A O   1 
ATOM   689  C CB  . LYS A 1 112 ? 0.291   -12.087 -7.378  1.00 44.80 ? 112  LYS A CB  1 
ATOM   690  C CG  . LYS A 1 112 ? -0.145  -11.403 -6.088  1.00 46.37 ? 112  LYS A CG  1 
ATOM   691  C CD  . LYS A 1 112 ? -1.174  -12.232 -5.319  1.00 46.59 ? 112  LYS A CD  1 
ATOM   692  C CE  . LYS A 1 112 ? -2.503  -12.308 -6.060  1.00 43.45 ? 112  LYS A CE  1 
ATOM   693  N NZ  . LYS A 1 112 ? -3.477  -13.188 -5.368  1.00 45.48 ? 112  LYS A NZ  1 
ATOM   694  N N   . ILE A 1 113 ? 1.164   -12.787 -10.131 1.00 47.12 ? 113  ILE A N   1 
ATOM   695  C CA  . ILE A 1 113 ? 1.716   -13.688 -11.135 1.00 48.54 ? 113  ILE A CA  1 
ATOM   696  C C   . ILE A 1 113 ? 2.726   -12.940 -12.001 1.00 48.48 ? 113  ILE A C   1 
ATOM   697  O O   . ILE A 1 113 ? 2.548   -11.758 -12.294 1.00 48.40 ? 113  ILE A O   1 
ATOM   698  C CB  . ILE A 1 113 ? 0.601   -14.256 -12.047 1.00 49.89 ? 113  ILE A CB  1 
ATOM   699  C CG1 . ILE A 1 113 ? -0.461  -14.959 -11.197 1.00 49.90 ? 113  ILE A CG1 1 
ATOM   700  C CG2 . ILE A 1 113 ? 1.199   -15.216 -13.073 1.00 50.24 ? 113  ILE A CG2 1 
ATOM   701  C CD1 . ILE A 1 113 ? 0.073   -16.098 -10.351 1.00 50.75 ? 113  ILE A CD1 1 
ATOM   702  N N   . LEU A 1 114 ? 3.780   -13.638 -12.410 1.00 48.11 ? 114  LEU A N   1 
ATOM   703  C CA  . LEU A 1 114 ? 4.815   -13.034 -13.235 1.00 47.85 ? 114  LEU A CA  1 
ATOM   704  C C   . LEU A 1 114 ? 5.258   -13.975 -14.351 1.00 47.81 ? 114  LEU A C   1 
ATOM   705  O O   . LEU A 1 114 ? 5.723   -15.086 -14.092 1.00 48.80 ? 114  LEU A O   1 
ATOM   706  C CB  . LEU A 1 114 ? 6.017   -12.664 -12.361 1.00 47.57 ? 114  LEU A CB  1 
ATOM   707  C CG  . LEU A 1 114 ? 6.465   -11.198 -12.330 1.00 48.09 ? 114  LEU A CG  1 
ATOM   708  C CD1 . LEU A 1 114 ? 5.290   -10.290 -12.007 1.00 47.12 ? 114  LEU A CD1 1 
ATOM   709  C CD2 . LEU A 1 114 ? 7.566   -11.035 -11.294 1.00 48.15 ? 114  LEU A CD2 1 
ATOM   710  N N   . LEU A 1 115 ? 5.096   -13.533 -15.593 1.00 47.18 ? 115  LEU A N   1 
ATOM   711  C CA  . LEU A 1 115 ? 5.506   -14.326 -16.746 1.00 45.48 ? 115  LEU A CA  1 
ATOM   712  C C   . LEU A 1 115 ? 6.374   -13.438 -17.626 1.00 43.10 ? 115  LEU A C   1 
ATOM   713  O O   . LEU A 1 115 ? 6.842   -13.849 -18.687 1.00 44.41 ? 115  LEU A O   1 
ATOM   714  C CB  . LEU A 1 115 ? 4.289   -14.813 -17.536 1.00 48.38 ? 115  LEU A CB  1 
ATOM   715  C CG  . LEU A 1 115 ? 4.605   -15.788 -18.678 1.00 50.61 ? 115  LEU A CG  1 
ATOM   716  C CD1 . LEU A 1 115 ? 5.320   -17.015 -18.122 1.00 50.75 ? 115  LEU A CD1 1 
ATOM   717  C CD2 . LEU A 1 115 ? 3.318   -16.198 -19.385 1.00 52.03 ? 115  LEU A CD2 1 
ATOM   718  N N   . SER A 1 116 ? 6.577   -12.211 -17.161 1.00 38.88 ? 116  SER A N   1 
ATOM   719  C CA  . SER A 1 116 ? 7.390   -11.224 -17.856 1.00 35.95 ? 116  SER A CA  1 
ATOM   720  C C   . SER A 1 116 ? 8.453   -10.708 -16.881 1.00 32.32 ? 116  SER A C   1 
ATOM   721  O O   . SER A 1 116 ? 8.298   -10.839 -15.669 1.00 31.42 ? 116  SER A O   1 
ATOM   722  C CB  . SER A 1 116 ? 6.499   -10.073 -18.335 1.00 36.27 ? 116  SER A CB  1 
ATOM   723  O OG  . SER A 1 116 ? 7.255   -9.074  -18.990 1.00 41.00 ? 116  SER A OG  1 
ATOM   724  N N   . ASN A 1 117 ? 9.529   -10.137 -17.414 1.00 29.96 ? 117  ASN A N   1 
ATOM   725  C CA  . ASN A 1 117 ? 10.621  -9.601  -16.599 1.00 28.31 ? 117  ASN A CA  1 
ATOM   726  C C   . ASN A 1 117 ? 10.072  -8.609  -15.572 1.00 26.91 ? 117  ASN A C   1 
ATOM   727  O O   . ASN A 1 117 ? 9.464   -7.609  -15.941 1.00 26.38 ? 117  ASN A O   1 
ATOM   728  C CB  . ASN A 1 117 ? 11.640  -8.903  -17.506 1.00 27.85 ? 117  ASN A CB  1 
ATOM   729  C CG  . ASN A 1 117 ? 12.877  -8.431  -16.757 1.00 28.86 ? 117  ASN A CG  1 
ATOM   730  O OD1 . ASN A 1 117 ? 13.884  -8.083  -17.375 1.00 33.30 ? 117  ASN A OD1 1 
ATOM   731  N ND2 . ASN A 1 117 ? 12.811  -8.410  -15.433 1.00 27.94 ? 117  ASN A ND2 1 
ATOM   732  N N   . ARG A 1 118 ? 10.305  -8.882  -14.291 1.00 25.82 ? 118  ARG A N   1 
ATOM   733  C CA  . ARG A 1 118 ? 9.806   -8.014  -13.224 1.00 24.80 ? 118  ARG A CA  1 
ATOM   734  C C   . ARG A 1 118 ? 10.247  -6.557  -13.344 1.00 23.48 ? 118  ARG A C   1 
ATOM   735  O O   . ARG A 1 118 ? 9.604   -5.669  -12.785 1.00 21.57 ? 118  ARG A O   1 
ATOM   736  C CB  . ARG A 1 118 ? 10.227  -8.548  -11.852 1.00 25.62 ? 118  ARG A CB  1 
ATOM   737  C CG  . ARG A 1 118 ? 11.697  -8.342  -11.524 1.00 27.53 ? 118  ARG A CG  1 
ATOM   738  C CD  . ARG A 1 118 ? 11.988  -8.664  -10.063 1.00 29.97 ? 118  ARG A CD  1 
ATOM   739  N NE  . ARG A 1 118 ? 11.687  -10.055 -9.737  1.00 32.13 ? 118  ARG A NE  1 
ATOM   740  C CZ  . ARG A 1 118 ? 10.843  -10.433 -8.784  1.00 33.42 ? 118  ARG A CZ  1 
ATOM   741  N NH1 . ARG A 1 118 ? 10.632  -11.722 -8.557  1.00 32.89 ? 118  ARG A NH1 1 
ATOM   742  N NH2 . ARG A 1 118 ? 10.205  -9.524  -8.057  1.00 33.87 ? 118  ARG A NH2 1 
ATOM   743  N N   . PHE A 1 119 ? 11.341  -6.306  -14.058 1.00 22.27 ? 119  PHE A N   1 
ATOM   744  C CA  . PHE A 1 119 ? 11.831  -4.940  -14.215 1.00 22.94 ? 119  PHE A CA  1 
ATOM   745  C C   . PHE A 1 119 ? 11.417  -4.274  -15.521 1.00 23.79 ? 119  PHE A C   1 
ATOM   746  O O   . PHE A 1 119 ? 11.837  -3.157  -15.814 1.00 21.47 ? 119  PHE A O   1 
ATOM   747  C CB  . PHE A 1 119 ? 13.354  -4.902  -14.066 1.00 25.00 ? 119  PHE A CB  1 
ATOM   748  C CG  . PHE A 1 119 ? 13.829  -5.292  -12.695 1.00 26.94 ? 119  PHE A CG  1 
ATOM   749  C CD1 . PHE A 1 119 ? 14.631  -6.411  -12.513 1.00 28.13 ? 119  PHE A CD1 1 
ATOM   750  C CD2 . PHE A 1 119 ? 13.435  -4.559  -11.576 1.00 26.57 ? 119  PHE A CD2 1 
ATOM   751  C CE1 . PHE A 1 119 ? 15.036  -6.802  -11.233 1.00 28.01 ? 119  PHE A CE1 1 
ATOM   752  C CE2 . PHE A 1 119 ? 13.834  -4.940  -10.297 1.00 27.40 ? 119  PHE A CE2 1 
ATOM   753  C CZ  . PHE A 1 119 ? 14.636  -6.066  -10.126 1.00 27.32 ? 119  PHE A CZ  1 
ATOM   754  N N   . SER A 1 120 ? 10.588  -4.953  -16.305 1.00 24.98 ? 120  SER A N   1 
ATOM   755  C CA  . SER A 1 120 ? 10.120  -4.379  -17.563 1.00 30.39 ? 120  SER A CA  1 
ATOM   756  C C   . SER A 1 120 ? 9.086   -3.291  -17.262 1.00 32.11 ? 120  SER A C   1 
ATOM   757  O O   . SER A 1 120 ? 8.397   -3.345  -16.239 1.00 31.23 ? 120  SER A O   1 
ATOM   758  C CB  . SER A 1 120 ? 9.486   -5.461  -18.439 1.00 28.91 ? 120  SER A CB  1 
ATOM   759  O OG  . SER A 1 120 ? 8.347   -6.019  -17.811 1.00 33.24 ? 120  SER A OG  1 
ATOM   760  N N   . ASN A 1 121 ? 8.990   -2.300  -18.144 1.00 34.59 ? 121  ASN A N   1 
ATOM   761  C CA  . ASN A 1 121 ? 8.030   -1.212  -17.973 1.00 37.74 ? 121  ASN A CA  1 
ATOM   762  C C   . ASN A 1 121 ? 6.620   -1.787  -17.944 1.00 38.07 ? 121  ASN A C   1 
ATOM   763  O O   . ASN A 1 121 ? 5.744   -1.305  -17.222 1.00 38.86 ? 121  ASN A O   1 
ATOM   764  C CB  . ASN A 1 121 ? 8.158   -0.211  -19.125 1.00 40.55 ? 121  ASN A CB  1 
ATOM   765  C CG  . ASN A 1 121 ? 9.464   0.565   -19.084 1.00 43.94 ? 121  ASN A CG  1 
ATOM   766  O OD1 . ASN A 1 121 ? 9.866   1.187   -20.072 1.00 46.25 ? 121  ASN A OD1 1 
ATOM   767  N ND2 . ASN A 1 121 ? 10.128  0.543   -17.934 1.00 45.58 ? 121  ASN A ND2 1 
ATOM   768  N N   . GLU A 1 122 ? 6.418   -2.836  -18.733 1.00 39.01 ? 122  GLU A N   1 
ATOM   769  C CA  . GLU A 1 122 ? 5.131   -3.505  -18.832 1.00 38.61 ? 122  GLU A CA  1 
ATOM   770  C C   . GLU A 1 122 ? 4.644   -3.906  -17.447 1.00 37.26 ? 122  GLU A C   1 
ATOM   771  O O   . GLU A 1 122 ? 3.581   -3.475  -16.999 1.00 36.85 ? 122  GLU A O   1 
ATOM   772  C CB  . GLU A 1 122 ? 5.261   -4.769  -19.689 1.00 43.16 ? 122  GLU A CB  1 
ATOM   773  C CG  . GLU A 1 122 ? 6.178   -4.627  -20.898 1.00 48.56 ? 122  GLU A CG  1 
ATOM   774  C CD  . GLU A 1 122 ? 6.607   -5.976  -21.460 1.00 51.51 ? 122  GLU A CD  1 
ATOM   775  O OE1 . GLU A 1 122 ? 7.259   -6.752  -20.726 1.00 50.87 ? 122  GLU A OE1 1 
ATOM   776  O OE2 . GLU A 1 122 ? 6.289   -6.262  -22.634 1.00 53.74 ? 122  GLU A OE2 1 
ATOM   777  N N   . VAL A 1 123 ? 5.436   -4.740  -16.778 1.00 33.74 ? 123  VAL A N   1 
ATOM   778  C CA  . VAL A 1 123 ? 5.095   -5.232  -15.453 1.00 31.20 ? 123  VAL A CA  1 
ATOM   779  C C   . VAL A 1 123 ? 4.972   -4.137  -14.400 1.00 28.30 ? 123  VAL A C   1 
ATOM   780  O O   . VAL A 1 123 ? 4.005   -4.111  -13.641 1.00 26.92 ? 123  VAL A O   1 
ATOM   781  C CB  . VAL A 1 123 ? 6.133   -6.278  -14.969 1.00 30.97 ? 123  VAL A CB  1 
ATOM   782  C CG1 . VAL A 1 123 ? 5.872   -6.647  -13.516 1.00 31.94 ? 123  VAL A CG1 1 
ATOM   783  C CG2 . VAL A 1 123 ? 6.057   -7.523  -15.838 1.00 32.86 ? 123  VAL A CG2 1 
ATOM   784  N N   . ILE A 1 124 ? 5.945   -3.235  -14.352 1.00 27.40 ? 124  ILE A N   1 
ATOM   785  C CA  . ILE A 1 124 ? 5.925   -2.164  -13.362 1.00 25.63 ? 124  ILE A CA  1 
ATOM   786  C C   . ILE A 1 124 ? 4.708   -1.252  -13.513 1.00 25.33 ? 124  ILE A C   1 
ATOM   787  O O   . ILE A 1 124 ? 4.069   -0.902  -12.522 1.00 23.62 ? 124  ILE A O   1 
ATOM   788  C CB  . ILE A 1 124 ? 7.229   -1.332  -13.414 1.00 23.34 ? 124  ILE A CB  1 
ATOM   789  C CG1 . ILE A 1 124 ? 8.415   -2.219  -13.006 1.00 22.95 ? 124  ILE A CG1 1 
ATOM   790  C CG2 . ILE A 1 124 ? 7.133   -0.143  -12.464 1.00 20.97 ? 124  ILE A CG2 1 
ATOM   791  C CD1 . ILE A 1 124 ? 9.769   -1.526  -13.048 1.00 20.29 ? 124  ILE A CD1 1 
ATOM   792  N N   . GLU A 1 125 ? 4.377   -0.882  -14.745 1.00 25.38 ? 125  GLU A N   1 
ATOM   793  C CA  . GLU A 1 125 ? 3.218   -0.024  -14.974 1.00 28.09 ? 125  GLU A CA  1 
ATOM   794  C C   . GLU A 1 125 ? 1.930   -0.760  -14.618 1.00 28.23 ? 125  GLU A C   1 
ATOM   795  O O   . GLU A 1 125 ? 0.998   -0.170  -14.070 1.00 28.99 ? 125  GLU A O   1 
ATOM   796  C CB  . GLU A 1 125 ? 3.165   0.441   -16.434 1.00 31.08 ? 125  GLU A CB  1 
ATOM   797  C CG  . GLU A 1 125 ? 1.906   1.227   -16.776 1.00 34.44 ? 125  GLU A CG  1 
ATOM   798  C CD  . GLU A 1 125 ? 1.739   2.484   -15.938 1.00 36.56 ? 125  GLU A CD  1 
ATOM   799  O OE1 . GLU A 1 125 ? 0.633   3.069   -15.964 1.00 38.80 ? 125  GLU A OE1 1 
ATOM   800  O OE2 . GLU A 1 125 ? 2.709   2.892   -15.259 1.00 37.43 ? 125  GLU A OE2 1 
ATOM   801  N N   . GLU A 1 126 ? 1.879   -2.053  -14.930 1.00 27.96 ? 126  GLU A N   1 
ATOM   802  C CA  . GLU A 1 126 ? 0.704   -2.853  -14.618 1.00 28.02 ? 126  GLU A CA  1 
ATOM   803  C C   . GLU A 1 126 ? 0.549   -2.968  -13.107 1.00 25.87 ? 126  GLU A C   1 
ATOM   804  O O   . GLU A 1 126 ? -0.563  -2.927  -12.588 1.00 24.03 ? 126  GLU A O   1 
ATOM   805  C CB  . GLU A 1 126 ? 0.816   -4.244  -15.253 1.00 32.78 ? 126  GLU A CB  1 
ATOM   806  C CG  . GLU A 1 126 ? 0.767   -4.208  -16.782 1.00 40.77 ? 126  GLU A CG  1 
ATOM   807  C CD  . GLU A 1 126 ? 0.760   -5.591  -17.417 1.00 44.85 ? 126  GLU A CD  1 
ATOM   808  O OE1 . GLU A 1 126 ? 1.764   -6.327  -17.272 1.00 46.91 ? 126  GLU A OE1 1 
ATOM   809  O OE2 . GLU A 1 126 ? -0.254  -5.939  -18.062 1.00 47.71 ? 126  GLU A OE2 1 
ATOM   810  N N   . ARG A 1 127 ? 1.665   -3.104  -12.398 1.00 22.97 ? 127  ARG A N   1 
ATOM   811  C CA  . ARG A 1 127 ? 1.609   -3.190  -10.946 1.00 23.66 ? 127  ARG A CA  1 
ATOM   812  C C   . ARG A 1 127 ? 1.199   -1.848  -10.358 1.00 22.27 ? 127  ARG A C   1 
ATOM   813  O O   . ARG A 1 127 ? 0.402   -1.793  -9.425  1.00 20.61 ? 127  ARG A O   1 
ATOM   814  C CB  . ARG A 1 127 ? 2.960   -3.616  -10.368 1.00 21.76 ? 127  ARG A CB  1 
ATOM   815  C CG  . ARG A 1 127 ? 3.188   -5.107  -10.473 1.00 24.73 ? 127  ARG A CG  1 
ATOM   816  C CD  . ARG A 1 127 ? 4.401   -5.582  -9.690  1.00 22.72 ? 127  ARG A CD  1 
ATOM   817  N NE  . ARG A 1 127 ? 4.308   -7.025  -9.489  1.00 20.63 ? 127  ARG A NE  1 
ATOM   818  C CZ  . ARG A 1 127 ? 5.235   -7.772  -8.907  1.00 20.08 ? 127  ARG A CZ  1 
ATOM   819  N NH1 . ARG A 1 127 ? 6.357   -7.221  -8.457  1.00 14.89 ? 127  ARG A NH1 1 
ATOM   820  N NH2 . ARG A 1 127 ? 5.024   -9.076  -8.768  1.00 18.04 ? 127  ARG A NH2 1 
ATOM   821  N N   . ARG A 1 128 ? 1.747   -0.769  -10.907 1.00 21.91 ? 128  ARG A N   1 
ATOM   822  C CA  . ARG A 1 128 ? 1.422   0.567   -10.422 1.00 23.38 ? 128  ARG A CA  1 
ATOM   823  C C   . ARG A 1 128 ? -0.091  0.780   -10.494 1.00 22.53 ? 128  ARG A C   1 
ATOM   824  O O   . ARG A 1 128 ? -0.721  1.137   -9.502  1.00 21.45 ? 128  ARG A O   1 
ATOM   825  C CB  . ARG A 1 128 ? 2.122   1.628   -11.268 1.00 24.43 ? 128  ARG A CB  1 
ATOM   826  C CG  . ARG A 1 128 ? 2.056   3.025   -10.677 1.00 28.61 ? 128  ARG A CG  1 
ATOM   827  C CD  . ARG A 1 128 ? 1.840   4.058   -11.760 1.00 33.38 ? 128  ARG A CD  1 
ATOM   828  N NE  . ARG A 1 128 ? 0.531   3.885   -12.376 1.00 39.19 ? 128  ARG A NE  1 
ATOM   829  C CZ  . ARG A 1 128 ? 0.084   4.591   -13.408 1.00 42.39 ? 128  ARG A CZ  1 
ATOM   830  N NH1 . ARG A 1 128 ? -1.128  4.353   -13.892 1.00 43.05 ? 128  ARG A NH1 1 
ATOM   831  N NH2 . ARG A 1 128 ? 0.846   5.530   -13.960 1.00 43.82 ? 128  ARG A NH2 1 
ATOM   832  N N   . GLN A 1 129 ? -0.665  0.555   -11.676 1.00 22.67 ? 129  GLN A N   1 
ATOM   833  C CA  . GLN A 1 129 ? -2.103  0.719   -11.881 1.00 22.78 ? 129  GLN A CA  1 
ATOM   834  C C   . GLN A 1 129 ? -2.896  -0.205  -10.971 1.00 20.81 ? 129  GLN A C   1 
ATOM   835  O O   . GLN A 1 129 ? -3.846  0.223   -10.320 1.00 19.92 ? 129  GLN A O   1 
ATOM   836  C CB  . GLN A 1 129 ? -2.484  0.429   -13.338 1.00 24.24 ? 129  GLN A CB  1 
ATOM   837  C CG  . GLN A 1 129 ? -1.858  1.376   -14.341 1.00 33.51 ? 129  GLN A CG  1 
ATOM   838  C CD  . GLN A 1 129 ? -2.312  1.109   -15.765 1.00 37.57 ? 129  GLN A CD  1 
ATOM   839  O OE1 . GLN A 1 129 ? -1.767  1.674   -16.713 1.00 41.88 ? 129  GLN A OE1 1 
ATOM   840  N NE2 . GLN A 1 129 ? -3.315  0.250   -15.921 1.00 40.55 ? 129  GLN A NE2 1 
ATOM   841  N N   . GLY A 1 130 ? -2.506  -1.475  -10.935 1.00 19.22 ? 130  GLY A N   1 
ATOM   842  C CA  . GLY A 1 130 ? -3.202  -2.430  -10.094 1.00 18.51 ? 130  GLY A CA  1 
ATOM   843  C C   . GLY A 1 130 ? -3.128  -2.056  -8.626  1.00 18.51 ? 130  GLY A C   1 
ATOM   844  O O   . GLY A 1 130 ? -4.142  -2.055  -7.920  1.00 18.28 ? 130  GLY A O   1 
ATOM   845  N N   . LEU A 1 131 ? -1.928  -1.733  -8.159  1.00 16.62 ? 131  LEU A N   1 
ATOM   846  C CA  . LEU A 1 131 ? -1.748  -1.362  -6.760  1.00 17.72 ? 131  LEU A CA  1 
ATOM   847  C C   . LEU A 1 131 ? -2.530  -0.101  -6.399  1.00 16.50 ? 131  LEU A C   1 
ATOM   848  O O   . LEU A 1 131 ? -3.056  0.010   -5.291  1.00 17.07 ? 131  LEU A O   1 
ATOM   849  C CB  . LEU A 1 131 ? -0.263  -1.164  -6.451  1.00 15.43 ? 131  LEU A CB  1 
ATOM   850  C CG  . LEU A 1 131 ? 0.595   -2.437  -6.486  1.00 16.06 ? 131  LEU A CG  1 
ATOM   851  C CD1 . LEU A 1 131 ? 2.046   -2.070  -6.303  1.00 13.00 ? 131  LEU A CD1 1 
ATOM   852  C CD2 . LEU A 1 131 ? 0.149   -3.403  -5.401  1.00 15.15 ? 131  LEU A CD2 1 
ATOM   853  N N   . ASN A 1 132 ? -2.597  0.849   -7.329  1.00 16.60 ? 132  ASN A N   1 
ATOM   854  C CA  . ASN A 1 132 ? -3.329  2.089   -7.089  1.00 17.20 ? 132  ASN A CA  1 
ATOM   855  C C   . ASN A 1 132 ? -4.802  1.760   -6.845  1.00 16.92 ? 132  ASN A C   1 
ATOM   856  O O   . ASN A 1 132 ? -5.392  2.187   -5.859  1.00 16.96 ? 132  ASN A O   1 
ATOM   857  C CB  . ASN A 1 132 ? -3.199  3.033   -8.292  1.00 15.66 ? 132  ASN A CB  1 
ATOM   858  C CG  . ASN A 1 132 ? -3.923  4.355   -8.077  1.00 19.09 ? 132  ASN A CG  1 
ATOM   859  O OD1 . ASN A 1 132 ? -3.544  5.149   -7.214  1.00 15.63 ? 132  ASN A OD1 1 
ATOM   860  N ND2 . ASN A 1 132 ? -4.980  4.589   -8.855  1.00 16.51 ? 132  ASN A ND2 1 
ATOM   861  N N   . THR A 1 133 ? -5.385  0.980   -7.749  1.00 18.93 ? 133  THR A N   1 
ATOM   862  C CA  . THR A 1 133 ? -6.785  0.584   -7.632  1.00 18.91 ? 133  THR A CA  1 
ATOM   863  C C   . THR A 1 133 ? -7.031  -0.212  -6.350  1.00 18.26 ? 133  THR A C   1 
ATOM   864  O O   . THR A 1 133 ? -8.012  0.024   -5.640  1.00 17.66 ? 133  THR A O   1 
ATOM   865  C CB  . THR A 1 133 ? -7.215  -0.267  -8.848  1.00 19.80 ? 133  THR A CB  1 
ATOM   866  O OG1 . THR A 1 133 ? -7.137  0.533   -10.033 1.00 21.41 ? 133  THR A OG1 1 
ATOM   867  C CG2 . THR A 1 133 ? -8.641  -0.774  -8.681  1.00 21.29 ? 133  THR A CG2 1 
ATOM   868  N N   . TRP A 1 134 ? -6.132  -1.147  -6.056  1.00 17.82 ? 134  TRP A N   1 
ATOM   869  C CA  . TRP A 1 134 ? -6.243  -1.984  -4.864  1.00 16.58 ? 134  TRP A CA  1 
ATOM   870  C C   . TRP A 1 134 ? -6.206  -1.137  -3.591  1.00 16.75 ? 134  TRP A C   1 
ATOM   871  O O   . TRP A 1 134 ? -7.033  -1.306  -2.693  1.00 15.41 ? 134  TRP A O   1 
ATOM   872  C CB  . TRP A 1 134 ? -5.088  -2.992  -4.828  1.00 16.32 ? 134  TRP A CB  1 
ATOM   873  C CG  . TRP A 1 134 ? -5.219  -4.050  -3.763  1.00 15.14 ? 134  TRP A CG  1 
ATOM   874  C CD1 . TRP A 1 134 ? -5.953  -5.197  -3.836  1.00 15.24 ? 134  TRP A CD1 1 
ATOM   875  C CD2 . TRP A 1 134 ? -4.590  -4.058  -2.474  1.00 14.33 ? 134  TRP A CD2 1 
ATOM   876  N NE1 . TRP A 1 134 ? -5.818  -5.922  -2.676  1.00 13.26 ? 134  TRP A NE1 1 
ATOM   877  C CE2 . TRP A 1 134 ? -4.987  -5.247  -1.822  1.00 13.47 ? 134  TRP A CE2 1 
ATOM   878  C CE3 . TRP A 1 134 ? -3.727  -3.174  -1.805  1.00 13.05 ? 134  TRP A CE3 1 
ATOM   879  C CZ2 . TRP A 1 134 ? -4.551  -5.582  -0.532  1.00 13.33 ? 134  TRP A CZ2 1 
ATOM   880  C CZ3 . TRP A 1 134 ? -3.293  -3.505  -0.522  1.00 13.98 ? 134  TRP A CZ3 1 
ATOM   881  C CH2 . TRP A 1 134 ? -3.707  -4.703  0.100   1.00 12.88 ? 134  TRP A CH2 1 
ATOM   882  N N   . MET A 1 135 ? -5.242  -0.224  -3.520  1.00 15.90 ? 135  MET A N   1 
ATOM   883  C CA  . MET A 1 135 ? -5.084  0.628   -2.349  1.00 17.12 ? 135  MET A CA  1 
ATOM   884  C C   . MET A 1 135 ? -6.295  1.526   -2.107  1.00 16.62 ? 135  MET A C   1 
ATOM   885  O O   . MET A 1 135 ? -6.715  1.703   -0.965  1.00 16.05 ? 135  MET A O   1 
ATOM   886  C CB  . MET A 1 135 ? -3.818  1.476   -2.492  1.00 18.42 ? 135  MET A CB  1 
ATOM   887  C CG  . MET A 1 135 ? -3.194  1.902   -1.178  1.00 20.84 ? 135  MET A CG  1 
ATOM   888  S SD  . MET A 1 135 ? -2.818  0.501   -0.083  1.00 22.73 ? 135  MET A SD  1 
ATOM   889  C CE  . MET A 1 135 ? -3.352  1.170   1.467   1.00 20.22 ? 135  MET A CE  1 
ATOM   890  N N   . GLN A 1 136 ? -6.861  2.091   -3.174  1.00 16.57 ? 136  GLN A N   1 
ATOM   891  C CA  . GLN A 1 136 ? -8.025  2.962   -3.025  1.00 17.76 ? 136  GLN A CA  1 
ATOM   892  C C   . GLN A 1 136 ? -9.225  2.148   -2.554  1.00 19.93 ? 136  GLN A C   1 
ATOM   893  O O   . GLN A 1 136 ? -10.066 2.637   -1.798  1.00 19.37 ? 136  GLN A O   1 
ATOM   894  C CB  . GLN A 1 136 ? -8.349  3.664   -4.349  1.00 18.99 ? 136  GLN A CB  1 
ATOM   895  C CG  . GLN A 1 136 ? -7.195  4.517   -4.876  1.00 20.93 ? 136  GLN A CG  1 
ATOM   896  C CD  . GLN A 1 136 ? -7.563  5.332   -6.099  1.00 21.87 ? 136  GLN A CD  1 
ATOM   897  O OE1 . GLN A 1 136 ? -8.505  5.003   -6.822  1.00 24.32 ? 136  GLN A OE1 1 
ATOM   898  N NE2 . GLN A 1 136 ? -6.808  6.394   -6.349  1.00 22.15 ? 136  GLN A NE2 1 
ATOM   899  N N   . SER A 1 137 ? -9.288  0.896   -2.994  1.00 18.83 ? 137  SER A N   1 
ATOM   900  C CA  . SER A 1 137 ? -10.368 -0.001  -2.612  1.00 18.64 ? 137  SER A CA  1 
ATOM   901  C C   . SER A 1 137 ? -10.251 -0.382  -1.134  1.00 18.13 ? 137  SER A C   1 
ATOM   902  O O   . SER A 1 137 ? -11.230 -0.347  -0.383  1.00 15.93 ? 137  SER A O   1 
ATOM   903  C CB  . SER A 1 137 ? -10.320 -1.256  -3.486  1.00 20.87 ? 137  SER A CB  1 
ATOM   904  O OG  . SER A 1 137 ? -11.296 -2.191  -3.086  1.00 26.47 ? 137  SER A OG  1 
ATOM   905  N N   . VAL A 1 138 ? -9.044  -0.739  -0.714  1.00 15.77 ? 138  VAL A N   1 
ATOM   906  C CA  . VAL A 1 138 ? -8.813  -1.123  0.669   1.00 14.70 ? 138  VAL A CA  1 
ATOM   907  C C   . VAL A 1 138 ? -8.882  0.062   1.635   1.00 15.90 ? 138  VAL A C   1 
ATOM   908  O O   . VAL A 1 138 ? -9.605  0.009   2.628   1.00 15.56 ? 138  VAL A O   1 
ATOM   909  C CB  . VAL A 1 138 ? -7.449  -1.832  0.818   1.00 16.43 ? 138  VAL A CB  1 
ATOM   910  C CG1 . VAL A 1 138 ? -7.092  -1.994  2.295   1.00 16.33 ? 138  VAL A CG1 1 
ATOM   911  C CG2 . VAL A 1 138 ? -7.511  -3.201  0.126   1.00 15.66 ? 138  VAL A CG2 1 
ATOM   912  N N   . ALA A 1 139 ? -8.137  1.124   1.342   1.00 13.30 ? 139  ALA A N   1 
ATOM   913  C CA  . ALA A 1 139 ? -8.120  2.306   2.200   1.00 14.26 ? 139  ALA A CA  1 
ATOM   914  C C   . ALA A 1 139 ? -9.466  3.019   2.196   1.00 14.90 ? 139  ALA A C   1 
ATOM   915  O O   . ALA A 1 139 ? -9.751  3.825   3.082   1.00 15.24 ? 139  ALA A O   1 
ATOM   916  C CB  . ALA A 1 139 ? -7.018  3.275   1.748   1.00 13.25 ? 139  ALA A CB  1 
ATOM   917  N N   . GLY A 1 140 ? -10.291 2.723   1.196   1.00 16.16 ? 140  GLY A N   1 
ATOM   918  C CA  . GLY A 1 140 ? -11.591 3.361   1.095   1.00 17.57 ? 140  GLY A CA  1 
ATOM   919  C C   . GLY A 1 140 ? -12.708 2.696   1.878   1.00 18.85 ? 140  GLY A C   1 
ATOM   920  O O   . GLY A 1 140 ? -13.797 3.259   2.005   1.00 19.61 ? 140  GLY A O   1 
ATOM   921  N N   . HIS A 1 141 ? -12.450 1.507   2.415   1.00 19.39 ? 141  HIS A N   1 
ATOM   922  C CA  . HIS A 1 141 ? -13.468 0.786   3.171   1.00 20.81 ? 141  HIS A CA  1 
ATOM   923  C C   . HIS A 1 141 ? -13.702 1.425   4.537   1.00 21.37 ? 141  HIS A C   1 
ATOM   924  O O   . HIS A 1 141 ? -12.777 1.540   5.346   1.00 19.39 ? 141  HIS A O   1 
ATOM   925  C CB  . HIS A 1 141 ? -13.060 -0.679  3.339   1.00 23.37 ? 141  HIS A CB  1 
ATOM   926  C CG  . HIS A 1 141 ? -14.169 -1.556  3.830   1.00 23.56 ? 141  HIS A CG  1 
ATOM   927  N ND1 . HIS A 1 141 ? -14.755 -1.394  5.065   1.00 23.15 ? 141  HIS A ND1 1 
ATOM   928  C CD2 . HIS A 1 141 ? -14.816 -2.589  3.238   1.00 23.74 ? 141  HIS A CD2 1 
ATOM   929  C CE1 . HIS A 1 141 ? -15.716 -2.288  5.215   1.00 24.18 ? 141  HIS A CE1 1 
ATOM   930  N NE2 . HIS A 1 141 ? -15.773 -3.025  4.122   1.00 24.67 ? 141  HIS A NE2 1 
ATOM   931  N N   . PRO A 1 142 ? -14.954 1.832   4.820   1.00 21.59 ? 142  PRO A N   1 
ATOM   932  C CA  . PRO A 1 142 ? -15.330 2.472   6.084   1.00 21.24 ? 142  PRO A CA  1 
ATOM   933  C C   . PRO A 1 142 ? -14.879 1.756   7.350   1.00 21.06 ? 142  PRO A C   1 
ATOM   934  O O   . PRO A 1 142 ? -14.406 2.397   8.287   1.00 20.29 ? 142  PRO A O   1 
ATOM   935  C CB  . PRO A 1 142 ? -16.856 2.565   5.989   1.00 22.54 ? 142  PRO A CB  1 
ATOM   936  C CG  . PRO A 1 142 ? -17.098 2.693   4.533   1.00 22.02 ? 142  PRO A CG  1 
ATOM   937  C CD  . PRO A 1 142 ? -16.139 1.667   3.957   1.00 21.98 ? 142  PRO A CD  1 
ATOM   938  N N   . LEU A 1 143 ? -15.023 0.435   7.386   1.00 20.38 ? 143  LEU A N   1 
ATOM   939  C CA  . LEU A 1 143 ? -14.627 -0.321  8.567   1.00 20.39 ? 143  LEU A CA  1 
ATOM   940  C C   . LEU A 1 143 ? -13.113 -0.335  8.767   1.00 19.62 ? 143  LEU A C   1 
ATOM   941  O O   . LEU A 1 143 ? -12.635 -0.288  9.902   1.00 19.62 ? 143  LEU A O   1 
ATOM   942  C CB  . LEU A 1 143 ? -15.165 -1.759  8.495   1.00 23.72 ? 143  LEU A CB  1 
ATOM   943  C CG  . LEU A 1 143 ? -16.695 -1.899  8.405   1.00 28.14 ? 143  LEU A CG  1 
ATOM   944  C CD1 . LEU A 1 143 ? -17.085 -3.370  8.529   1.00 29.77 ? 143  LEU A CD1 1 
ATOM   945  C CD2 . LEU A 1 143 ? -17.366 -1.081  9.505   1.00 28.54 ? 143  LEU A CD2 1 
ATOM   946  N N   . LEU A 1 144 ? -12.353 -0.401  7.679   1.00 17.86 ? 144  LEU A N   1 
ATOM   947  C CA  . LEU A 1 144 ? -10.900 -0.401  7.808   1.00 18.35 ? 144  LEU A CA  1 
ATOM   948  C C   . LEU A 1 144 ? -10.439 0.993   8.232   1.00 18.77 ? 144  LEU A C   1 
ATOM   949  O O   . LEU A 1 144 ? -9.510  1.136   9.027   1.00 17.34 ? 144  LEU A O   1 
ATOM   950  C CB  . LEU A 1 144 ? -10.233 -0.818  6.487   1.00 15.61 ? 144  LEU A CB  1 
ATOM   951  C CG  . LEU A 1 144 ? -10.683 -2.176  5.916   1.00 18.45 ? 144  LEU A CG  1 
ATOM   952  C CD1 . LEU A 1 144 ? -9.789  -2.573  4.759   1.00 14.79 ? 144  LEU A CD1 1 
ATOM   953  C CD2 . LEU A 1 144 ? -10.639 -3.244  7.002   1.00 17.82 ? 144  LEU A CD2 1 
ATOM   954  N N   . GLN A 1 145 ? -11.106 2.019   7.716   1.00 19.29 ? 145  GLN A N   1 
ATOM   955  C CA  . GLN A 1 145 ? -10.767 3.399   8.058   1.00 21.55 ? 145  GLN A CA  1 
ATOM   956  C C   . GLN A 1 145 ? -10.975 3.678   9.541   1.00 22.83 ? 145  GLN A C   1 
ATOM   957  O O   . GLN A 1 145 ? -10.216 4.421   10.158  1.00 24.03 ? 145  GLN A O   1 
ATOM   958  C CB  . GLN A 1 145 ? -11.626 4.386   7.259   1.00 18.99 ? 145  GLN A CB  1 
ATOM   959  C CG  . GLN A 1 145 ? -11.367 4.410   5.776   1.00 18.38 ? 145  GLN A CG  1 
ATOM   960  C CD  . GLN A 1 145 ? -12.165 5.497   5.085   1.00 21.57 ? 145  GLN A CD  1 
ATOM   961  O OE1 . GLN A 1 145 ? -13.150 5.990   5.630   1.00 20.25 ? 145  GLN A OE1 1 
ATOM   962  N NE2 . GLN A 1 145 ? -11.753 5.867   3.880   1.00 19.06 ? 145  GLN A NE2 1 
ATOM   963  N N   . SER A 1 146 ? -12.007 3.080   10.122  1.00 24.11 ? 146  SER A N   1 
ATOM   964  C CA  . SER A 1 146 ? -12.293 3.323   11.527  1.00 24.53 ? 146  SER A CA  1 
ATOM   965  C C   . SER A 1 146 ? -11.564 2.414   12.506  1.00 23.81 ? 146  SER A C   1 
ATOM   966  O O   . SER A 1 146 ? -11.166 2.865   13.579  1.00 22.60 ? 146  SER A O   1 
ATOM   967  C CB  . SER A 1 146 ? -13.803 3.230   11.780  1.00 26.93 ? 146  SER A CB  1 
ATOM   968  O OG  . SER A 1 146 ? -14.272 1.910   11.582  1.00 31.02 ? 146  SER A OG  1 
ATOM   969  N N   . GLY A 1 147 ? -11.363 1.148   12.145  1.00 22.50 ? 147  GLY A N   1 
ATOM   970  C CA  . GLY A 1 147 ? -10.718 0.239   13.078  1.00 21.39 ? 147  GLY A CA  1 
ATOM   971  C C   . GLY A 1 147 ? -9.409  -0.458  12.749  1.00 21.68 ? 147  GLY A C   1 
ATOM   972  O O   . GLY A 1 147 ? -8.898  -1.191  13.594  1.00 23.22 ? 147  GLY A O   1 
ATOM   973  N N   . SER A 1 148 ? -8.847  -0.244  11.563  1.00 19.82 ? 148  SER A N   1 
ATOM   974  C CA  . SER A 1 148 ? -7.592  -0.914  11.216  1.00 17.90 ? 148  SER A CA  1 
ATOM   975  C C   . SER A 1 148 ? -6.323  -0.134  11.557  1.00 19.07 ? 148  SER A C   1 
ATOM   976  O O   . SER A 1 148 ? -6.067  0.930   10.994  1.00 18.89 ? 148  SER A O   1 
ATOM   977  C CB  . SER A 1 148 ? -7.562  -1.265  9.730   1.00 16.87 ? 148  SER A CB  1 
ATOM   978  O OG  . SER A 1 148 ? -6.295  -1.814  9.386   1.00 13.82 ? 148  SER A OG  1 
ATOM   979  N N   . LYS A 1 149 ? -5.527  -0.687  12.469  1.00 17.97 ? 149  LYS A N   1 
ATOM   980  C CA  . LYS A 1 149 ? -4.268  -0.081  12.890  1.00 18.83 ? 149  LYS A CA  1 
ATOM   981  C C   . LYS A 1 149 ? -3.192  -0.364  11.846  1.00 17.42 ? 149  LYS A C   1 
ATOM   982  O O   . LYS A 1 149 ? -2.304  0.457   11.610  1.00 16.55 ? 149  LYS A O   1 
ATOM   983  C CB  . LYS A 1 149 ? -3.837  -0.657  14.246  1.00 20.96 ? 149  LYS A CB  1 
ATOM   984  C CG  . LYS A 1 149 ? -4.805  -0.347  15.389  1.00 27.96 ? 149  LYS A CG  1 
ATOM   985  C CD  . LYS A 1 149 ? -4.631  1.090   15.882  1.00 33.73 ? 149  LYS A CD  1 
ATOM   986  C CE  . LYS A 1 149 ? -5.735  1.506   16.853  1.00 36.61 ? 149  LYS A CE  1 
ATOM   987  N NZ  . LYS A 1 149 ? -7.036  1.763   16.163  1.00 40.80 ? 149  LYS A NZ  1 
ATOM   988  N N   . VAL A 1 150 ? -3.270  -1.534  11.219  1.00 16.86 ? 150  VAL A N   1 
ATOM   989  C CA  . VAL A 1 150 ? -2.295  -1.905  10.196  1.00 17.74 ? 150  VAL A CA  1 
ATOM   990  C C   . VAL A 1 150 ? -2.388  -0.976  8.988   1.00 16.42 ? 150  VAL A C   1 
ATOM   991  O O   . VAL A 1 150 ? -1.366  -0.600  8.411   1.00 16.32 ? 150  VAL A O   1 
ATOM   992  C CB  . VAL A 1 150 ? -2.490  -3.371  9.725   1.00 18.86 ? 150  VAL A CB  1 
ATOM   993  C CG1 . VAL A 1 150 ? -1.510  -3.691  8.607   1.00 19.80 ? 150  VAL A CG1 1 
ATOM   994  C CG2 . VAL A 1 150 ? -2.269  -4.323  10.893  1.00 19.63 ? 150  VAL A CG2 1 
ATOM   995  N N   . LEU A 1 151 ? -3.612  -0.614  8.609   1.00 15.60 ? 151  LEU A N   1 
ATOM   996  C CA  . LEU A 1 151 ? -3.844  0.287   7.477   1.00 15.14 ? 151  LEU A CA  1 
ATOM   997  C C   . LEU A 1 151 ? -3.071  1.588   7.725   1.00 14.68 ? 151  LEU A C   1 
ATOM   998  O O   . LEU A 1 151 ? -2.344  2.079   6.857   1.00 12.44 ? 151  LEU A O   1 
ATOM   999  C CB  . LEU A 1 151 ? -5.334  0.624   7.371   1.00 15.70 ? 151  LEU A CB  1 
ATOM   1000 C CG  . LEU A 1 151 ? -6.033  0.989   6.054   1.00 20.58 ? 151  LEU A CG  1 
ATOM   1001 C CD1 . LEU A 1 151 ? -7.157  1.971   6.383   1.00 18.00 ? 151  LEU A CD1 1 
ATOM   1002 C CD2 . LEU A 1 151 ? -5.078  1.575   5.034   1.00 15.48 ? 151  LEU A CD2 1 
ATOM   1003 N N   . VAL A 1 152 ? -3.248  2.146   8.921   1.00 14.77 ? 152  VAL A N   1 
ATOM   1004 C CA  . VAL A 1 152 ? -2.580  3.395   9.288   1.00 16.03 ? 152  VAL A CA  1 
ATOM   1005 C C   . VAL A 1 152 ? -1.059  3.284   9.225   1.00 15.20 ? 152  VAL A C   1 
ATOM   1006 O O   . VAL A 1 152 ? -0.391  4.135   8.643   1.00 15.70 ? 152  VAL A O   1 
ATOM   1007 C CB  . VAL A 1 152 ? -2.976  3.851   10.720  1.00 16.06 ? 152  VAL A CB  1 
ATOM   1008 C CG1 . VAL A 1 152 ? -2.281  5.175   11.054  1.00 16.64 ? 152  VAL A CG1 1 
ATOM   1009 C CG2 . VAL A 1 152 ? -4.485  4.013   10.818  1.00 16.57 ? 152  VAL A CG2 1 
ATOM   1010 N N   . ARG A 1 153 ? -0.511  2.230   9.822   1.00 17.10 ? 153  ARG A N   1 
ATOM   1011 C CA  . ARG A 1 153 ? 0.935   2.043   9.828   1.00 17.65 ? 153  ARG A CA  1 
ATOM   1012 C C   . ARG A 1 153 ? 1.490   1.877   8.419   1.00 15.97 ? 153  ARG A C   1 
ATOM   1013 O O   . ARG A 1 153 ? 2.535   2.437   8.087   1.00 16.65 ? 153  ARG A O   1 
ATOM   1014 C CB  . ARG A 1 153 ? 1.316   0.825   10.678  1.00 22.14 ? 153  ARG A CB  1 
ATOM   1015 C CG  . ARG A 1 153 ? 2.817   0.716   10.948  1.00 30.00 ? 153  ARG A CG  1 
ATOM   1016 C CD  . ARG A 1 153 ? 3.113   -0.329  12.019  1.00 36.72 ? 153  ARG A CD  1 
ATOM   1017 N NE  . ARG A 1 153 ? 3.388   -1.650  11.459  1.00 42.79 ? 153  ARG A NE  1 
ATOM   1018 C CZ  . ARG A 1 153 ? 4.520   -1.975  10.843  1.00 45.36 ? 153  ARG A CZ  1 
ATOM   1019 N NH1 . ARG A 1 153 ? 5.487   -1.073  10.708  1.00 46.66 ? 153  ARG A NH1 1 
ATOM   1020 N NH2 . ARG A 1 153 ? 4.690   -3.201  10.364  1.00 47.14 ? 153  ARG A NH2 1 
ATOM   1021 N N   . PHE A 1 154 ? 0.791   1.109   7.587   1.00 15.37 ? 154  PHE A N   1 
ATOM   1022 C CA  . PHE A 1 154 ? 1.235   0.874   6.212   1.00 14.61 ? 154  PHE A CA  1 
ATOM   1023 C C   . PHE A 1 154 ? 1.326   2.171   5.422   1.00 14.99 ? 154  PHE A C   1 
ATOM   1024 O O   . PHE A 1 154 ? 2.185   2.330   4.551   1.00 14.88 ? 154  PHE A O   1 
ATOM   1025 C CB  . PHE A 1 154 ? 0.276   -0.068  5.492   1.00 13.77 ? 154  PHE A CB  1 
ATOM   1026 C CG  . PHE A 1 154 ? 0.722   -0.433  4.099   1.00 15.69 ? 154  PHE A CG  1 
ATOM   1027 C CD1 . PHE A 1 154 ? 1.859   -1.217  3.902   1.00 15.01 ? 154  PHE A CD1 1 
ATOM   1028 C CD2 . PHE A 1 154 ? 0.007   0.007   2.984   1.00 14.69 ? 154  PHE A CD2 1 
ATOM   1029 C CE1 . PHE A 1 154 ? 2.277   -1.559  2.615   1.00 14.90 ? 154  PHE A CE1 1 
ATOM   1030 C CE2 . PHE A 1 154 ? 0.418   -0.330  1.694   1.00 16.05 ? 154  PHE A CE2 1 
ATOM   1031 C CZ  . PHE A 1 154 ? 1.557   -1.116  1.510   1.00 13.65 ? 154  PHE A CZ  1 
ATOM   1032 N N   . ILE A 1 155 ? 0.423   3.094   5.725   1.00 15.84 ? 155  ILE A N   1 
ATOM   1033 C CA  . ILE A 1 155 ? 0.378   4.382   5.046   1.00 14.36 ? 155  ILE A CA  1 
ATOM   1034 C C   . ILE A 1 155 ? 1.334   5.424   5.638   1.00 15.00 ? 155  ILE A C   1 
ATOM   1035 O O   . ILE A 1 155 ? 1.941   6.196   4.902   1.00 14.42 ? 155  ILE A O   1 
ATOM   1036 C CB  . ILE A 1 155 ? -1.067  4.949   5.081   1.00 15.42 ? 155  ILE A CB  1 
ATOM   1037 C CG1 . ILE A 1 155 ? -1.962  4.130   4.146   1.00 12.75 ? 155  ILE A CG1 1 
ATOM   1038 C CG2 . ILE A 1 155 ? -1.071  6.441   4.714   1.00 13.38 ? 155  ILE A CG2 1 
ATOM   1039 C CD1 . ILE A 1 155 ? -3.443  4.435   4.286   1.00 13.13 ? 155  ILE A CD1 1 
ATOM   1040 N N   . GLU A 1 156 ? 1.475   5.426   6.962   1.00 14.16 ? 156  GLU A N   1 
ATOM   1041 C CA  . GLU A 1 156 ? 2.302   6.415   7.653   1.00 16.20 ? 156  GLU A CA  1 
ATOM   1042 C C   . GLU A 1 156 ? 3.779   6.138   7.927   1.00 18.43 ? 156  GLU A C   1 
ATOM   1043 O O   . GLU A 1 156 ? 4.608   7.037   7.795   1.00 16.59 ? 156  GLU A O   1 
ATOM   1044 C CB  . GLU A 1 156 ? 1.650   6.783   8.992   1.00 16.69 ? 156  GLU A CB  1 
ATOM   1045 C CG  . GLU A 1 156 ? 0.331   7.529   8.873   1.00 15.12 ? 156  GLU A CG  1 
ATOM   1046 C CD  . GLU A 1 156 ? -0.207  7.975   10.225  1.00 17.11 ? 156  GLU A CD  1 
ATOM   1047 O OE1 . GLU A 1 156 ? -1.106  8.838   10.249  1.00 15.09 ? 156  GLU A OE1 1 
ATOM   1048 O OE2 . GLU A 1 156 ? 0.267   7.464   11.263  1.00 18.08 ? 156  GLU A OE2 1 
ATOM   1049 N N   . ALA A 1 157 ? 4.110   4.917   8.330   1.00 18.76 ? 157  ALA A N   1 
ATOM   1050 C CA  . ALA A 1 157 ? 5.494   4.589   8.669   1.00 20.49 ? 157  ALA A CA  1 
ATOM   1051 C C   . ALA A 1 157 ? 6.484   4.783   7.532   1.00 22.66 ? 157  ALA A C   1 
ATOM   1052 O O   . ALA A 1 157 ? 6.198   4.459   6.378   1.00 22.51 ? 157  ALA A O   1 
ATOM   1053 C CB  . ALA A 1 157 ? 5.572   3.154   9.186   1.00 20.04 ? 157  ALA A CB  1 
ATOM   1054 N N   . GLU A 1 158 ? 7.655   5.320   7.853   1.00 24.31 ? 158  GLU A N   1 
ATOM   1055 C CA  . GLU A 1 158 ? 8.672   5.511   6.829   1.00 27.18 ? 158  GLU A CA  1 
ATOM   1056 C C   . GLU A 1 158 ? 9.049   4.124   6.321   1.00 27.07 ? 158  GLU A C   1 
ATOM   1057 O O   . GLU A 1 158 ? 9.204   3.906   5.122   1.00 25.42 ? 158  GLU A O   1 
ATOM   1058 C CB  . GLU A 1 158 ? 9.909   6.201   7.401   1.00 29.39 ? 158  GLU A CB  1 
ATOM   1059 C CG  . GLU A 1 158 ? 11.023  6.345   6.382   1.00 35.57 ? 158  GLU A CG  1 
ATOM   1060 C CD  . GLU A 1 158 ? 12.247  7.039   6.935   1.00 40.24 ? 158  GLU A CD  1 
ATOM   1061 O OE1 . GLU A 1 158 ? 13.250  7.135   6.197   1.00 43.21 ? 158  GLU A OE1 1 
ATOM   1062 O OE2 . GLU A 1 158 ? 12.209  7.487   8.102   1.00 42.27 ? 158  GLU A OE2 1 
ATOM   1063 N N   . LYS A 1 159 ? 9.188   3.187   7.253   1.00 28.66 ? 159  LYS A N   1 
ATOM   1064 C CA  . LYS A 1 159 ? 9.526   1.813   6.919   1.00 32.77 ? 159  LYS A CA  1 
ATOM   1065 C C   . LYS A 1 159 ? 8.466   0.890   7.513   1.00 33.53 ? 159  LYS A C   1 
ATOM   1066 O O   . LYS A 1 159 ? 8.252   0.875   8.725   1.00 32.73 ? 159  LYS A O   1 
ATOM   1067 C CB  . LYS A 1 159 ? 10.907  1.457   7.479   1.00 35.48 ? 159  LYS A CB  1 
ATOM   1068 C CG  . LYS A 1 159 ? 11.389  0.069   7.092   1.00 41.59 ? 159  LYS A CG  1 
ATOM   1069 C CD  . LYS A 1 159 ? 12.816  -0.186  7.561   1.00 44.01 ? 159  LYS A CD  1 
ATOM   1070 C CE  . LYS A 1 159 ? 13.308  -1.547  7.098   1.00 45.53 ? 159  LYS A CE  1 
ATOM   1071 N NZ  . LYS A 1 159 ? 13.187  -1.689  5.615   1.00 46.98 ? 159  LYS A NZ  1 
ATOM   1072 N N   . PHE A 1 160 ? 7.792   0.130   6.658   1.00 34.03 ? 160  PHE A N   1 
ATOM   1073 C CA  . PHE A 1 160 ? 6.759   -0.785  7.127   1.00 36.18 ? 160  PHE A CA  1 
ATOM   1074 C C   . PHE A 1 160 ? 7.394   -2.090  7.594   1.00 39.08 ? 160  PHE A C   1 
ATOM   1075 O O   . PHE A 1 160 ? 8.047   -2.782  6.817   1.00 40.22 ? 160  PHE A O   1 
ATOM   1076 C CB  . PHE A 1 160 ? 5.758   -1.068  6.007   1.00 33.19 ? 160  PHE A CB  1 
ATOM   1077 C CG  . PHE A 1 160 ? 4.623   -1.959  6.421   1.00 31.46 ? 160  PHE A CG  1 
ATOM   1078 C CD1 . PHE A 1 160 ? 3.763   -1.579  7.448   1.00 29.70 ? 160  PHE A CD1 1 
ATOM   1079 C CD2 . PHE A 1 160 ? 4.411   -3.180  5.784   1.00 30.78 ? 160  PHE A CD2 1 
ATOM   1080 C CE1 . PHE A 1 160 ? 2.707   -2.401  7.838   1.00 29.88 ? 160  PHE A CE1 1 
ATOM   1081 C CE2 . PHE A 1 160 ? 3.358   -4.010  6.165   1.00 30.03 ? 160  PHE A CE2 1 
ATOM   1082 C CZ  . PHE A 1 160 ? 2.504   -3.622  7.193   1.00 30.08 ? 160  PHE A CZ  1 
ATOM   1083 N N   . VAL A 1 161 ? 7.203   -2.423  8.867   1.00 42.09 ? 161  VAL A N   1 
ATOM   1084 C CA  . VAL A 1 161 ? 7.763   -3.653  9.429   1.00 45.32 ? 161  VAL A CA  1 
ATOM   1085 C C   . VAL A 1 161 ? 7.719   -3.641  10.955  1.00 47.00 ? 161  VAL A C   1 
ATOM   1086 O O   . VAL A 1 161 ? 8.500   -2.944  11.610  1.00 48.54 ? 161  VAL A O   1 
ATOM   1087 C CB  . VAL A 1 161 ? 9.237   -3.876  8.970   1.00 45.95 ? 161  VAL A CB  1 
ATOM   1088 C CG1 . VAL A 1 161 ? 10.077  -2.637  9.251   1.00 46.05 ? 161  VAL A CG1 1 
ATOM   1089 C CG2 . VAL A 1 161 ? 9.824   -5.085  9.678   1.00 46.79 ? 161  VAL A CG2 1 
HETATM 1090 C C1  . GOL B 2 .   ? 10.913  0.592   1.219   1.00 42.29 ? 1163 GOL A C1  1 
HETATM 1091 O O1  . GOL B 2 .   ? 11.169  0.624   -0.372  1.00 36.60 ? 1163 GOL A O1  1 
HETATM 1092 C C2  . GOL B 2 .   ? 10.539  -0.532  1.961   1.00 43.00 ? 1163 GOL A C2  1 
HETATM 1093 O O2  . GOL B 2 .   ? 10.988  -1.665  1.400   1.00 42.87 ? 1163 GOL A O2  1 
HETATM 1094 C C3  . GOL B 2 .   ? 9.896   -0.192  2.922   1.00 43.35 ? 1163 GOL A C3  1 
HETATM 1095 O O3  . GOL B 2 .   ? 9.158   0.708   3.953   1.00 45.14 ? 1163 GOL A O3  1 
HETATM 1096 O O   . HOH C 3 .   ? -9.942  18.088  9.006   1.00 21.65 ? 2001 HOH A O   1 
HETATM 1097 O O   . HOH C 3 .   ? -18.080 14.106  1.736   1.00 18.96 ? 2002 HOH A O   1 
HETATM 1098 O O   . HOH C 3 .   ? -20.845 12.023  5.241   1.00 31.70 ? 2003 HOH A O   1 
HETATM 1099 O O   . HOH C 3 .   ? -14.743 16.664  4.464   1.00 27.09 ? 2004 HOH A O   1 
HETATM 1100 O O   . HOH C 3 .   ? -15.097 9.735   12.875  1.00 35.78 ? 2005 HOH A O   1 
HETATM 1101 O O   . HOH C 3 .   ? -17.918 11.772  8.370   1.00 28.06 ? 2006 HOH A O   1 
HETATM 1102 O O   . HOH C 3 .   ? -8.147  8.868   -3.692  1.00 34.67 ? 2007 HOH A O   1 
HETATM 1103 O O   . HOH C 3 .   ? -13.568 6.866   11.507  1.00 42.78 ? 2008 HOH A O   1 
HETATM 1104 O O   . HOH C 3 .   ? 2.931   7.498   -11.924 1.00 36.66 ? 2009 HOH A O   1 
HETATM 1105 O O   . HOH C 3 .   ? 12.493  3.457   -12.726 1.00 31.10 ? 2010 HOH A O   1 
HETATM 1106 O O   . HOH C 3 .   ? 20.076  -0.821  -5.929  1.00 30.53 ? 2011 HOH A O   1 
HETATM 1107 O O   . HOH C 3 .   ? 27.104  -7.339  -3.415  1.00 44.28 ? 2012 HOH A O   1 
HETATM 1108 O O   . HOH C 3 .   ? 14.957  -2.165  0.676   1.00 37.44 ? 2013 HOH A O   1 
HETATM 1109 O O   . HOH C 3 .   ? 16.962  -5.194  -2.928  1.00 18.12 ? 2014 HOH A O   1 
HETATM 1110 O O   . HOH C 3 .   ? 14.203  -6.862  -6.480  1.00 18.17 ? 2015 HOH A O   1 
HETATM 1111 O O   . HOH C 3 .   ? 6.197   13.037  -6.783  0.50 41.70 ? 2016 HOH A O   1 
HETATM 1112 O O   . HOH C 3 .   ? 8.598   -4.278  -5.896  1.00 15.36 ? 2017 HOH A O   1 
HETATM 1113 O O   . HOH C 3 .   ? 13.095  3.749   -1.648  1.00 38.37 ? 2018 HOH A O   1 
HETATM 1114 O O   . HOH C 3 .   ? 1.730   -13.527 0.458   1.00 36.15 ? 2019 HOH A O   1 
HETATM 1115 O O   . HOH C 3 .   ? -0.902  -11.212 -1.949  1.00 14.38 ? 2020 HOH A O   1 
HETATM 1116 O O   . HOH C 3 .   ? 7.606   -4.434  -8.528  1.00 17.16 ? 2021 HOH A O   1 
HETATM 1117 O O   . HOH C 3 .   ? 8.937   9.055   -2.856  1.00 34.20 ? 2022 HOH A O   1 
HETATM 1118 O O   . HOH C 3 .   ? -3.626  11.059  -2.606  1.00 25.06 ? 2023 HOH A O   1 
HETATM 1119 O O   . HOH C 3 .   ? -12.109 13.439  11.270  1.00 32.17 ? 2024 HOH A O   1 
HETATM 1120 O O   . HOH C 3 .   ? -7.945  14.616  11.842  1.00 15.69 ? 2025 HOH A O   1 
HETATM 1121 O O   . HOH C 3 .   ? -6.118  12.588  11.295  1.00 21.88 ? 2026 HOH A O   1 
HETATM 1122 O O   . HOH C 3 .   ? -7.986  10.195  17.499  1.00 18.51 ? 2027 HOH A O   1 
HETATM 1123 O O   . HOH C 3 .   ? -10.571 6.785   11.894  1.00 17.87 ? 2028 HOH A O   1 
HETATM 1124 O O   . HOH C 3 .   ? -4.239  3.663   14.196  1.00 40.47 ? 2029 HOH A O   1 
HETATM 1125 O O   . HOH C 3 .   ? -6.175  16.524  8.150   1.00 19.02 ? 2030 HOH A O   1 
HETATM 1126 O O   . HOH C 3 .   ? 0.823   16.033  7.340   1.00 34.40 ? 2031 HOH A O   1 
HETATM 1127 O O   . HOH C 3 .   ? -1.472  10.393  7.080   1.00 30.51 ? 2032 HOH A O   1 
HETATM 1128 O O   . HOH C 3 .   ? 5.273   11.141  4.995   1.00 23.94 ? 2033 HOH A O   1 
HETATM 1129 O O   . HOH C 3 .   ? 7.400   12.723  -4.112  1.00 45.93 ? 2034 HOH A O   1 
HETATM 1130 O O   . HOH C 3 .   ? 8.977   -6.515  1.864   1.00 19.65 ? 2035 HOH A O   1 
HETATM 1131 O O   . HOH C 3 .   ? 7.100   -10.510 -4.127  1.00 30.94 ? 2036 HOH A O   1 
HETATM 1132 O O   . HOH C 3 .   ? -0.181  -11.522 0.653   1.00 16.44 ? 2037 HOH A O   1 
HETATM 1133 O O   . HOH C 3 .   ? -2.640  -12.122 1.647   1.00 14.77 ? 2038 HOH A O   1 
HETATM 1134 O O   . HOH C 3 .   ? -2.959  -13.453 6.878   1.00 13.51 ? 2039 HOH A O   1 
HETATM 1135 O O   . HOH C 3 .   ? 5.454   -13.292 5.547   1.00 42.38 ? 2040 HOH A O   1 
HETATM 1136 O O   . HOH C 3 .   ? -9.797  -11.808 7.765   1.00 16.46 ? 2041 HOH A O   1 
HETATM 1137 O O   . HOH C 3 .   ? -16.681 -8.024  2.294   1.00 39.09 ? 2042 HOH A O   1 
HETATM 1138 O O   . HOH C 3 .   ? -7.891  -7.475  -7.050  1.00 30.70 ? 2043 HOH A O   1 
HETATM 1139 O O   . HOH C 3 .   ? -10.185 -10.479 -5.559  1.00 34.18 ? 2044 HOH A O   1 
HETATM 1140 O O   . HOH C 3 .   ? 14.896  -9.296  -14.065 1.00 30.64 ? 2045 HOH A O   1 
HETATM 1141 O O   . HOH C 3 .   ? 9.721   -4.761  -10.280 1.00 15.74 ? 2046 HOH A O   1 
HETATM 1142 O O   . HOH C 3 .   ? 10.328  -6.582  -8.342  1.00 21.38 ? 2047 HOH A O   1 
HETATM 1143 O O   . HOH C 3 .   ? 10.847  -2.415  -20.523 1.00 40.36 ? 2048 HOH A O   1 
HETATM 1144 O O   . HOH C 3 .   ? -5.102  2.749   -11.238 1.00 25.04 ? 2049 HOH A O   1 
HETATM 1145 O O   . HOH C 3 .   ? -6.890  -0.930  -12.364 1.00 40.76 ? 2050 HOH A O   1 
HETATM 1146 O O   . HOH C 3 .   ? -10.944 0.928   -6.297  1.00 31.74 ? 2051 HOH A O   1 
HETATM 1147 O O   . HOH C 3 .   ? -8.998  2.445   -10.040 1.00 43.86 ? 2052 HOH A O   1 
HETATM 1148 O O   . HOH C 3 .   ? -6.431  7.802   -9.041  1.00 35.75 ? 2053 HOH A O   1 
HETATM 1149 O O   . HOH C 3 .   ? -13.472 0.711   -1.175  1.00 24.74 ? 2054 HOH A O   1 
HETATM 1150 O O   . HOH C 3 .   ? -15.455 5.323   2.684   1.00 31.21 ? 2055 HOH A O   1 
HETATM 1151 O O   . HOH C 3 .   ? -13.031 8.283   2.457   1.00 26.16 ? 2056 HOH A O   1 
HETATM 1152 O O   . HOH C 3 .   ? -11.096 5.577   14.189  1.00 34.53 ? 2057 HOH A O   1 
HETATM 1153 O O   . HOH C 3 .   ? -7.747  3.098   10.747  1.00 24.81 ? 2058 HOH A O   1 
HETATM 1154 O O   . HOH C 3 .   ? 1.627   5.216   12.190  1.00 28.74 ? 2059 HOH A O   1 
HETATM 1155 O O   . HOH C 3 .   ? 9.044   5.374   2.963   1.00 19.37 ? 2060 HOH A O   1 
HETATM 1156 O O   . HOH C 3 .   ? 7.961   6.498   10.755  1.00 39.34 ? 2061 HOH A O   1 
HETATM 1157 O O   . HOH C 3 .   ? 9.349   3.699   10.412  1.00 39.64 ? 2062 HOH A O   1 
HETATM 1158 O O   . HOH C 3 .   ? 9.218   -2.670  4.675   1.00 40.58 ? 2063 HOH A O   1 
# 
